data_2FCD
# 
_entry.id   2FCD 
# 
_audit_conform.dict_name       mmcif_pdbx.dic 
_audit_conform.dict_version    5.392 
_audit_conform.dict_location   http://mmcif.pdb.org/dictionaries/ascii/mmcif_pdbx.dic 
# 
loop_
_database_2.database_id 
_database_2.database_code 
_database_2.pdbx_database_accession 
_database_2.pdbx_DOI 
PDB   2FCD         pdb_00002fcd 10.2210/pdb2fcd/pdb 
RCSB  RCSB035710   ?            ?                   
WWPDB D_1000035710 ?            ?                   
# 
loop_
_pdbx_audit_revision_history.ordinal 
_pdbx_audit_revision_history.data_content_type 
_pdbx_audit_revision_history.major_revision 
_pdbx_audit_revision_history.minor_revision 
_pdbx_audit_revision_history.revision_date 
1 'Structure model' 1 0 2006-11-07 
2 'Structure model' 1 1 2008-05-01 
3 'Structure model' 1 2 2011-07-13 
4 'Structure model' 1 3 2022-03-09 
5 'Structure model' 1 4 2024-05-29 
# 
_pdbx_audit_revision_details.ordinal             1 
_pdbx_audit_revision_details.revision_ordinal    1 
_pdbx_audit_revision_details.data_content_type   'Structure model' 
_pdbx_audit_revision_details.provider            repository 
_pdbx_audit_revision_details.type                'Initial release' 
_pdbx_audit_revision_details.description         ? 
_pdbx_audit_revision_details.details             ? 
# 
loop_
_pdbx_audit_revision_group.ordinal 
_pdbx_audit_revision_group.revision_ordinal 
_pdbx_audit_revision_group.data_content_type 
_pdbx_audit_revision_group.group 
1 2 'Structure model' 'Version format compliance' 
2 3 'Structure model' 'Version format compliance' 
3 4 'Structure model' 'Data collection'           
4 4 'Structure model' 'Database references'       
5 4 'Structure model' 'Derived calculations'      
6 5 'Structure model' 'Data collection'           
# 
loop_
_pdbx_audit_revision_category.ordinal 
_pdbx_audit_revision_category.revision_ordinal 
_pdbx_audit_revision_category.data_content_type 
_pdbx_audit_revision_category.category 
1 4 'Structure model' database_2            
2 4 'Structure model' pdbx_nmr_software     
3 4 'Structure model' pdbx_nmr_spectrometer 
4 4 'Structure model' pdbx_struct_assembly  
5 4 'Structure model' pdbx_struct_oper_list 
6 5 'Structure model' chem_comp_atom        
7 5 'Structure model' chem_comp_bond        
# 
loop_
_pdbx_audit_revision_item.ordinal 
_pdbx_audit_revision_item.revision_ordinal 
_pdbx_audit_revision_item.data_content_type 
_pdbx_audit_revision_item.item 
1 4 'Structure model' '_database_2.pdbx_DOI'                
2 4 'Structure model' '_database_2.pdbx_database_accession' 
3 4 'Structure model' '_pdbx_nmr_software.name'             
4 4 'Structure model' '_pdbx_nmr_spectrometer.model'        
# 
_pdbx_database_status.status_code                     REL 
_pdbx_database_status.entry_id                        2FCD 
_pdbx_database_status.recvd_initial_deposition_date   2005-12-12 
_pdbx_database_status.deposit_site                    RCSB 
_pdbx_database_status.process_site                    RCSB 
_pdbx_database_status.status_code_sf                  ? 
_pdbx_database_status.status_code_mr                  REL 
_pdbx_database_status.SG_entry                        ? 
_pdbx_database_status.pdb_format_compatible           Y 
_pdbx_database_status.status_code_cs                  ? 
_pdbx_database_status.status_code_nmr_data            ? 
_pdbx_database_status.methods_development_category    ? 
# 
loop_
_audit_author.name 
_audit_author.pdbx_ordinal 
'Cicero, D.O.'       1 
'Pennestri, M.'      2 
'Contessa, G.M.'     3 
'Paci, M.'           4 
'Ragnini-Wilson, A.' 5 
'Melino, S.'         6 
# 
_citation.id                        primary 
_citation.title                     
'Structural basis for the interaction of the myosin light chain Mlc1p with the myosin V Myo2p IQ motifs.' 
_citation.journal_abbrev            J.Biol.Chem. 
_citation.journal_volume            282 
_citation.page_first                667 
_citation.page_last                 679 
_citation.year                      2007 
_citation.journal_id_ASTM           JBCHA3 
_citation.country                   US 
_citation.journal_id_ISSN           0021-9258 
_citation.journal_id_CSD            0071 
_citation.book_publisher            ? 
_citation.pdbx_database_id_PubMed   17074768 
_citation.pdbx_database_id_DOI      10.1074/jbc.M607016200 
# 
loop_
_citation_author.citation_id 
_citation_author.name 
_citation_author.ordinal 
_citation_author.identifier_ORCID 
primary 'Pennestri, M.'      1 ? 
primary 'Melino, S.'         2 ? 
primary 'Contessa, G.M.'     3 ? 
primary 'Casavola, E.C.'     4 ? 
primary 'Paci, M.'           5 ? 
primary 'Ragnini-Wilson, A.' 6 ? 
primary 'Cicero, D.O.'       7 ? 
# 
_entity.id                         1 
_entity.type                       polymer 
_entity.src_method                 man 
_entity.pdbx_description           'Myosin light chain 1' 
_entity.formula_weight             8452.326 
_entity.pdbx_number_of_molecules   1 
_entity.pdbx_ec                    ? 
_entity.pdbx_mutation              ? 
_entity.pdbx_fragment              'N-TERMINAL DOMAIN' 
_entity.details                    ? 
# 
_entity_name_com.entity_id   1 
_entity_name_com.name        'Myosin-2 light chain, Calmodulin-like myosin light chain MLC1' 
# 
_entity_poly.entity_id                      1 
_entity_poly.type                           'polypeptide(L)' 
_entity_poly.nstd_linkage                   no 
_entity_poly.nstd_monomer                   no 
_entity_poly.pdbx_seq_one_letter_code       SATRANKDIFTLFDKKGQGAIAKDSLGDYLRAIGYNPTNQLVQDIINADSSLRDASSLTLDQITGLIEVNEKELDATT 
_entity_poly.pdbx_seq_one_letter_code_can   SATRANKDIFTLFDKKGQGAIAKDSLGDYLRAIGYNPTNQLVQDIINADSSLRDASSLTLDQITGLIEVNEKELDATT 
_entity_poly.pdbx_strand_id                 A 
_entity_poly.pdbx_target_identifier         ? 
# 
loop_
_entity_poly_seq.entity_id 
_entity_poly_seq.num 
_entity_poly_seq.mon_id 
_entity_poly_seq.hetero 
1 1  SER n 
1 2  ALA n 
1 3  THR n 
1 4  ARG n 
1 5  ALA n 
1 6  ASN n 
1 7  LYS n 
1 8  ASP n 
1 9  ILE n 
1 10 PHE n 
1 11 THR n 
1 12 LEU n 
1 13 PHE n 
1 14 ASP n 
1 15 LYS n 
1 16 LYS n 
1 17 GLY n 
1 18 GLN n 
1 19 GLY n 
1 20 ALA n 
1 21 ILE n 
1 22 ALA n 
1 23 LYS n 
1 24 ASP n 
1 25 SER n 
1 26 LEU n 
1 27 GLY n 
1 28 ASP n 
1 29 TYR n 
1 30 LEU n 
1 31 ARG n 
1 32 ALA n 
1 33 ILE n 
1 34 GLY n 
1 35 TYR n 
1 36 ASN n 
1 37 PRO n 
1 38 THR n 
1 39 ASN n 
1 40 GLN n 
1 41 LEU n 
1 42 VAL n 
1 43 GLN n 
1 44 ASP n 
1 45 ILE n 
1 46 ILE n 
1 47 ASN n 
1 48 ALA n 
1 49 ASP n 
1 50 SER n 
1 51 SER n 
1 52 LEU n 
1 53 ARG n 
1 54 ASP n 
1 55 ALA n 
1 56 SER n 
1 57 SER n 
1 58 LEU n 
1 59 THR n 
1 60 LEU n 
1 61 ASP n 
1 62 GLN n 
1 63 ILE n 
1 64 THR n 
1 65 GLY n 
1 66 LEU n 
1 67 ILE n 
1 68 GLU n 
1 69 VAL n 
1 70 ASN n 
1 71 GLU n 
1 72 LYS n 
1 73 GLU n 
1 74 LEU n 
1 75 ASP n 
1 76 ALA n 
1 77 THR n 
1 78 THR n 
# 
_entity_src_gen.entity_id                          1 
_entity_src_gen.pdbx_src_id                        1 
_entity_src_gen.pdbx_alt_source_flag               sample 
_entity_src_gen.pdbx_seq_type                      ? 
_entity_src_gen.pdbx_beg_seq_num                   ? 
_entity_src_gen.pdbx_end_seq_num                   ? 
_entity_src_gen.gene_src_common_name               
;baker's yeast
;
_entity_src_gen.gene_src_genus                     Saccharomyces 
_entity_src_gen.pdbx_gene_src_gene                 MLC1 
_entity_src_gen.gene_src_species                   ? 
_entity_src_gen.gene_src_strain                    ? 
_entity_src_gen.gene_src_tissue                    ? 
_entity_src_gen.gene_src_tissue_fraction           ? 
_entity_src_gen.gene_src_details                   ? 
_entity_src_gen.pdbx_gene_src_fragment             ? 
_entity_src_gen.pdbx_gene_src_scientific_name      'Saccharomyces cerevisiae' 
_entity_src_gen.pdbx_gene_src_ncbi_taxonomy_id     4932 
_entity_src_gen.pdbx_gene_src_variant              ? 
_entity_src_gen.pdbx_gene_src_cell_line            ? 
_entity_src_gen.pdbx_gene_src_atcc                 ? 
_entity_src_gen.pdbx_gene_src_organ                ? 
_entity_src_gen.pdbx_gene_src_organelle            ? 
_entity_src_gen.pdbx_gene_src_cell                 ? 
_entity_src_gen.pdbx_gene_src_cellular_location    ? 
_entity_src_gen.host_org_common_name               ? 
_entity_src_gen.pdbx_host_org_scientific_name      'Escherichia coli' 
_entity_src_gen.pdbx_host_org_ncbi_taxonomy_id     562 
_entity_src_gen.host_org_genus                     Escherichia 
_entity_src_gen.pdbx_host_org_gene                 ? 
_entity_src_gen.pdbx_host_org_organ                ? 
_entity_src_gen.host_org_species                   ? 
_entity_src_gen.pdbx_host_org_tissue               ? 
_entity_src_gen.pdbx_host_org_tissue_fraction      ? 
_entity_src_gen.pdbx_host_org_strain               ? 
_entity_src_gen.pdbx_host_org_variant              ? 
_entity_src_gen.pdbx_host_org_cell_line            ? 
_entity_src_gen.pdbx_host_org_atcc                 ? 
_entity_src_gen.pdbx_host_org_culture_collection   ? 
_entity_src_gen.pdbx_host_org_cell                 ? 
_entity_src_gen.pdbx_host_org_organelle            ? 
_entity_src_gen.pdbx_host_org_cellular_location    ? 
_entity_src_gen.pdbx_host_org_vector_type          ? 
_entity_src_gen.pdbx_host_org_vector               ? 
_entity_src_gen.host_org_details                   ? 
_entity_src_gen.expression_system_id               ? 
_entity_src_gen.plasmid_name                       ? 
_entity_src_gen.plasmid_details                    ? 
_entity_src_gen.pdbx_description                   ? 
# 
loop_
_chem_comp.id 
_chem_comp.type 
_chem_comp.mon_nstd_flag 
_chem_comp.name 
_chem_comp.pdbx_synonyms 
_chem_comp.formula 
_chem_comp.formula_weight 
ALA 'L-peptide linking' y ALANINE         ? 'C3 H7 N O2'     89.093  
ARG 'L-peptide linking' y ARGININE        ? 'C6 H15 N4 O2 1' 175.209 
ASN 'L-peptide linking' y ASPARAGINE      ? 'C4 H8 N2 O3'    132.118 
ASP 'L-peptide linking' y 'ASPARTIC ACID' ? 'C4 H7 N O4'     133.103 
GLN 'L-peptide linking' y GLUTAMINE       ? 'C5 H10 N2 O3'   146.144 
GLU 'L-peptide linking' y 'GLUTAMIC ACID' ? 'C5 H9 N O4'     147.129 
GLY 'peptide linking'   y GLYCINE         ? 'C2 H5 N O2'     75.067  
ILE 'L-peptide linking' y ISOLEUCINE      ? 'C6 H13 N O2'    131.173 
LEU 'L-peptide linking' y LEUCINE         ? 'C6 H13 N O2'    131.173 
LYS 'L-peptide linking' y LYSINE          ? 'C6 H15 N2 O2 1' 147.195 
PHE 'L-peptide linking' y PHENYLALANINE   ? 'C9 H11 N O2'    165.189 
PRO 'L-peptide linking' y PROLINE         ? 'C5 H9 N O2'     115.130 
SER 'L-peptide linking' y SERINE          ? 'C3 H7 N O3'     105.093 
THR 'L-peptide linking' y THREONINE       ? 'C4 H9 N O3'     119.119 
TYR 'L-peptide linking' y TYROSINE        ? 'C9 H11 N O3'    181.189 
VAL 'L-peptide linking' y VALINE          ? 'C5 H11 N O2'    117.146 
# 
loop_
_pdbx_poly_seq_scheme.asym_id 
_pdbx_poly_seq_scheme.entity_id 
_pdbx_poly_seq_scheme.seq_id 
_pdbx_poly_seq_scheme.mon_id 
_pdbx_poly_seq_scheme.ndb_seq_num 
_pdbx_poly_seq_scheme.pdb_seq_num 
_pdbx_poly_seq_scheme.auth_seq_num 
_pdbx_poly_seq_scheme.pdb_mon_id 
_pdbx_poly_seq_scheme.auth_mon_id 
_pdbx_poly_seq_scheme.pdb_strand_id 
_pdbx_poly_seq_scheme.pdb_ins_code 
_pdbx_poly_seq_scheme.hetero 
A 1 1  SER 1  2  2  SER SER A . n 
A 1 2  ALA 2  3  3  ALA ALA A . n 
A 1 3  THR 3  4  4  THR THR A . n 
A 1 4  ARG 4  5  5  ARG ARG A . n 
A 1 5  ALA 5  6  6  ALA ALA A . n 
A 1 6  ASN 6  7  7  ASN ASN A . n 
A 1 7  LYS 7  8  8  LYS LYS A . n 
A 1 8  ASP 8  9  9  ASP ASP A . n 
A 1 9  ILE 9  10 10 ILE ILE A . n 
A 1 10 PHE 10 11 11 PHE PHE A . n 
A 1 11 THR 11 12 12 THR THR A . n 
A 1 12 LEU 12 13 13 LEU LEU A . n 
A 1 13 PHE 13 14 14 PHE PHE A . n 
A 1 14 ASP 14 15 15 ASP ASP A . n 
A 1 15 LYS 15 16 16 LYS LYS A . n 
A 1 16 LYS 16 17 17 LYS LYS A . n 
A 1 17 GLY 17 18 18 GLY GLY A . n 
A 1 18 GLN 18 19 19 GLN GLN A . n 
A 1 19 GLY 19 20 20 GLY GLY A . n 
A 1 20 ALA 20 21 21 ALA ALA A . n 
A 1 21 ILE 21 22 22 ILE ILE A . n 
A 1 22 ALA 22 23 23 ALA ALA A . n 
A 1 23 LYS 23 24 24 LYS LYS A . n 
A 1 24 ASP 24 25 25 ASP ASP A . n 
A 1 25 SER 25 26 26 SER SER A . n 
A 1 26 LEU 26 27 27 LEU LEU A . n 
A 1 27 GLY 27 28 28 GLY GLY A . n 
A 1 28 ASP 28 29 29 ASP ASP A . n 
A 1 29 TYR 29 30 30 TYR TYR A . n 
A 1 30 LEU 30 31 31 LEU LEU A . n 
A 1 31 ARG 31 32 32 ARG ARG A . n 
A 1 32 ALA 32 33 33 ALA ALA A . n 
A 1 33 ILE 33 34 34 ILE ILE A . n 
A 1 34 GLY 34 35 35 GLY GLY A . n 
A 1 35 TYR 35 36 36 TYR TYR A . n 
A 1 36 ASN 36 37 37 ASN ASN A . n 
A 1 37 PRO 37 38 38 PRO PRO A . n 
A 1 38 THR 38 39 39 THR THR A . n 
A 1 39 ASN 39 40 40 ASN ASN A . n 
A 1 40 GLN 40 41 41 GLN GLN A . n 
A 1 41 LEU 41 42 42 LEU LEU A . n 
A 1 42 VAL 42 43 43 VAL VAL A . n 
A 1 43 GLN 43 44 44 GLN GLN A . n 
A 1 44 ASP 44 45 45 ASP ASP A . n 
A 1 45 ILE 45 46 46 ILE ILE A . n 
A 1 46 ILE 46 47 47 ILE ILE A . n 
A 1 47 ASN 47 48 48 ASN ASN A . n 
A 1 48 ALA 48 49 49 ALA ALA A . n 
A 1 49 ASP 49 50 50 ASP ASP A . n 
A 1 50 SER 50 51 51 SER SER A . n 
A 1 51 SER 51 52 52 SER SER A . n 
A 1 52 LEU 52 53 53 LEU LEU A . n 
A 1 53 ARG 53 54 54 ARG ARG A . n 
A 1 54 ASP 54 55 55 ASP ASP A . n 
A 1 55 ALA 55 56 56 ALA ALA A . n 
A 1 56 SER 56 57 57 SER SER A . n 
A 1 57 SER 57 58 58 SER SER A . n 
A 1 58 LEU 58 59 59 LEU LEU A . n 
A 1 59 THR 59 60 60 THR THR A . n 
A 1 60 LEU 60 61 61 LEU LEU A . n 
A 1 61 ASP 61 62 62 ASP ASP A . n 
A 1 62 GLN 62 63 63 GLN GLN A . n 
A 1 63 ILE 63 64 64 ILE ILE A . n 
A 1 64 THR 64 65 65 THR THR A . n 
A 1 65 GLY 65 66 66 GLY GLY A . n 
A 1 66 LEU 66 67 67 LEU LEU A . n 
A 1 67 ILE 67 68 68 ILE ILE A . n 
A 1 68 GLU 68 69 69 GLU GLU A . n 
A 1 69 VAL 69 70 70 VAL VAL A . n 
A 1 70 ASN 70 71 71 ASN ASN A . n 
A 1 71 GLU 71 72 72 GLU GLU A . n 
A 1 72 LYS 72 73 73 LYS LYS A . n 
A 1 73 GLU 73 74 74 GLU GLU A . n 
A 1 74 LEU 74 75 75 LEU LEU A . n 
A 1 75 ASP 75 76 76 ASP ASP A . n 
A 1 76 ALA 76 77 77 ALA ALA A . n 
A 1 77 THR 77 78 78 THR THR A . n 
A 1 78 THR 78 79 79 THR THR A . n 
# 
loop_
_pdbx_unobs_or_zero_occ_atoms.id 
_pdbx_unobs_or_zero_occ_atoms.PDB_model_num 
_pdbx_unobs_or_zero_occ_atoms.polymer_flag 
_pdbx_unobs_or_zero_occ_atoms.occupancy_flag 
_pdbx_unobs_or_zero_occ_atoms.auth_asym_id 
_pdbx_unobs_or_zero_occ_atoms.auth_comp_id 
_pdbx_unobs_or_zero_occ_atoms.auth_seq_id 
_pdbx_unobs_or_zero_occ_atoms.PDB_ins_code 
_pdbx_unobs_or_zero_occ_atoms.auth_atom_id 
_pdbx_unobs_or_zero_occ_atoms.label_alt_id 
_pdbx_unobs_or_zero_occ_atoms.label_asym_id 
_pdbx_unobs_or_zero_occ_atoms.label_comp_id 
_pdbx_unobs_or_zero_occ_atoms.label_seq_id 
_pdbx_unobs_or_zero_occ_atoms.label_atom_id 
1 1 Y 1 A THR 79 ? C ? A THR 78 C 
2 1 Y 1 A THR 79 ? O ? A THR 78 O 
# 
_exptl.entry_id          2FCD 
_exptl.method            'SOLUTION NMR' 
_exptl.crystals_number   ? 
# 
_exptl_crystal.id                    1 
_exptl_crystal.density_meas          ? 
_exptl_crystal.density_Matthews      ? 
_exptl_crystal.density_percent_sol   ? 
_exptl_crystal.description           ? 
# 
_diffrn.id                     1 
_diffrn.ambient_temp           ? 
_diffrn.ambient_temp_details   ? 
_diffrn.crystal_id             1 
# 
_diffrn_radiation.diffrn_id                        1 
_diffrn_radiation.wavelength_id                    1 
_diffrn_radiation.monochromator                    ? 
_diffrn_radiation.pdbx_monochromatic_or_laue_m_l   M 
_diffrn_radiation.pdbx_diffrn_protocol             'SINGLE WAVELENGTH' 
_diffrn_radiation.pdbx_scattering_type             ? 
# 
_diffrn_radiation_wavelength.id           1 
_diffrn_radiation_wavelength.wavelength   . 
_diffrn_radiation_wavelength.wt           1.0 
# 
_struct.entry_id                  2FCD 
_struct.title                     'Solution structure of N-lobe Myosin Light Chain from Saccharomices cerevisiae' 
_struct.pdbx_model_details        ? 
_struct.pdbx_CASP_flag            ? 
_struct.pdbx_model_type_details   ? 
# 
_struct_keywords.entry_id        2FCD 
_struct_keywords.pdbx_keywords   'CELL CYCLE' 
_struct_keywords.text            'EF-HAND PROTEIN, CELL CYCLE' 
# 
_struct_asym.id                            A 
_struct_asym.pdbx_blank_PDB_chainid_flag   N 
_struct_asym.pdbx_modified                 N 
_struct_asym.entity_id                     1 
_struct_asym.details                       ? 
# 
_struct_ref.id                         1 
_struct_ref.db_name                    UNP 
_struct_ref.db_code                    MLC1_YEAST 
_struct_ref.pdbx_db_accession          P53141 
_struct_ref.entity_id                  1 
_struct_ref.pdbx_seq_one_letter_code   SATRANKDIFTLFDKKGQGAIAKDSLGDYLRAIGYNPTNQLVQDIINADSSLRDASSLTLDQITGLIEVNEKELDATT 
_struct_ref.pdbx_align_begin           2 
_struct_ref.pdbx_db_isoform            ? 
# 
_struct_ref_seq.align_id                      1 
_struct_ref_seq.ref_id                        1 
_struct_ref_seq.pdbx_PDB_id_code              2FCD 
_struct_ref_seq.pdbx_strand_id                A 
_struct_ref_seq.seq_align_beg                 1 
_struct_ref_seq.pdbx_seq_align_beg_ins_code   ? 
_struct_ref_seq.seq_align_end                 78 
_struct_ref_seq.pdbx_seq_align_end_ins_code   ? 
_struct_ref_seq.pdbx_db_accession             P53141 
_struct_ref_seq.db_align_beg                  2 
_struct_ref_seq.pdbx_db_align_beg_ins_code    ? 
_struct_ref_seq.db_align_end                  79 
_struct_ref_seq.pdbx_db_align_end_ins_code    ? 
_struct_ref_seq.pdbx_auth_seq_align_beg       2 
_struct_ref_seq.pdbx_auth_seq_align_end       79 
# 
_pdbx_struct_assembly.id                   1 
_pdbx_struct_assembly.details              author_defined_assembly 
_pdbx_struct_assembly.method_details       ? 
_pdbx_struct_assembly.oligomeric_details   monomeric 
_pdbx_struct_assembly.oligomeric_count     1 
# 
_pdbx_struct_assembly_gen.assembly_id       1 
_pdbx_struct_assembly_gen.oper_expression   1 
_pdbx_struct_assembly_gen.asym_id_list      A 
# 
_pdbx_struct_oper_list.id                   1 
_pdbx_struct_oper_list.type                 'identity operation' 
_pdbx_struct_oper_list.name                 1_555 
_pdbx_struct_oper_list.symmetry_operation   x,y,z 
_pdbx_struct_oper_list.matrix[1][1]         1.0000000000 
_pdbx_struct_oper_list.matrix[1][2]         0.0000000000 
_pdbx_struct_oper_list.matrix[1][3]         0.0000000000 
_pdbx_struct_oper_list.vector[1]            0.0000000000 
_pdbx_struct_oper_list.matrix[2][1]         0.0000000000 
_pdbx_struct_oper_list.matrix[2][2]         1.0000000000 
_pdbx_struct_oper_list.matrix[2][3]         0.0000000000 
_pdbx_struct_oper_list.vector[2]            0.0000000000 
_pdbx_struct_oper_list.matrix[3][1]         0.0000000000 
_pdbx_struct_oper_list.matrix[3][2]         0.0000000000 
_pdbx_struct_oper_list.matrix[3][3]         1.0000000000 
_pdbx_struct_oper_list.vector[3]            0.0000000000 
# 
_struct_biol.id   1 
# 
loop_
_struct_conf.conf_type_id 
_struct_conf.id 
_struct_conf.pdbx_PDB_helix_id 
_struct_conf.beg_label_comp_id 
_struct_conf.beg_label_asym_id 
_struct_conf.beg_label_seq_id 
_struct_conf.pdbx_beg_PDB_ins_code 
_struct_conf.end_label_comp_id 
_struct_conf.end_label_asym_id 
_struct_conf.end_label_seq_id 
_struct_conf.pdbx_end_PDB_ins_code 
_struct_conf.beg_auth_comp_id 
_struct_conf.beg_auth_asym_id 
_struct_conf.beg_auth_seq_id 
_struct_conf.end_auth_comp_id 
_struct_conf.end_auth_asym_id 
_struct_conf.end_auth_seq_id 
_struct_conf.pdbx_PDB_helix_class 
_struct_conf.details 
_struct_conf.pdbx_PDB_helix_length 
HELX_P HELX_P1 1 ALA A 2  ? ASP A 14 ? ALA A 3  ASP A 15 1 ? 13 
HELX_P HELX_P2 2 SER A 25 ? GLY A 34 ? SER A 26 GLY A 35 1 ? 10 
HELX_P HELX_P3 3 THR A 38 ? ALA A 48 ? THR A 39 ALA A 49 1 ? 11 
HELX_P HELX_P4 4 LEU A 60 ? GLU A 68 ? LEU A 61 GLU A 69 1 ? 9  
HELX_P HELX_P5 5 ASN A 70 ? THR A 77 ? ASN A 71 THR A 78 1 ? 8  
# 
_struct_conf_type.id          HELX_P 
_struct_conf_type.criteria    ? 
_struct_conf_type.reference   ? 
# 
_struct_sheet.id               A 
_struct_sheet.type             ? 
_struct_sheet.number_strands   2 
_struct_sheet.details          ? 
# 
_struct_sheet_order.sheet_id     A 
_struct_sheet_order.range_id_1   1 
_struct_sheet_order.range_id_2   2 
_struct_sheet_order.offset       ? 
_struct_sheet_order.sense        anti-parallel 
# 
loop_
_struct_sheet_range.sheet_id 
_struct_sheet_range.id 
_struct_sheet_range.beg_label_comp_id 
_struct_sheet_range.beg_label_asym_id 
_struct_sheet_range.beg_label_seq_id 
_struct_sheet_range.pdbx_beg_PDB_ins_code 
_struct_sheet_range.end_label_comp_id 
_struct_sheet_range.end_label_asym_id 
_struct_sheet_range.end_label_seq_id 
_struct_sheet_range.pdbx_end_PDB_ins_code 
_struct_sheet_range.beg_auth_comp_id 
_struct_sheet_range.beg_auth_asym_id 
_struct_sheet_range.beg_auth_seq_id 
_struct_sheet_range.end_auth_comp_id 
_struct_sheet_range.end_auth_asym_id 
_struct_sheet_range.end_auth_seq_id 
A 1 ALA A 20 ? ALA A 22 ? ALA A 21 ALA A 23 
A 2 SER A 57 ? THR A 59 ? SER A 58 THR A 60 
# 
_pdbx_struct_sheet_hbond.sheet_id                A 
_pdbx_struct_sheet_hbond.range_id_1              1 
_pdbx_struct_sheet_hbond.range_id_2              2 
_pdbx_struct_sheet_hbond.range_1_label_atom_id   N 
_pdbx_struct_sheet_hbond.range_1_label_comp_id   ILE 
_pdbx_struct_sheet_hbond.range_1_label_asym_id   A 
_pdbx_struct_sheet_hbond.range_1_label_seq_id    21 
_pdbx_struct_sheet_hbond.range_1_PDB_ins_code    ? 
_pdbx_struct_sheet_hbond.range_1_auth_atom_id    N 
_pdbx_struct_sheet_hbond.range_1_auth_comp_id    ILE 
_pdbx_struct_sheet_hbond.range_1_auth_asym_id    A 
_pdbx_struct_sheet_hbond.range_1_auth_seq_id     22 
_pdbx_struct_sheet_hbond.range_2_label_atom_id   O 
_pdbx_struct_sheet_hbond.range_2_label_comp_id   LEU 
_pdbx_struct_sheet_hbond.range_2_label_asym_id   A 
_pdbx_struct_sheet_hbond.range_2_label_seq_id    58 
_pdbx_struct_sheet_hbond.range_2_PDB_ins_code    ? 
_pdbx_struct_sheet_hbond.range_2_auth_atom_id    O 
_pdbx_struct_sheet_hbond.range_2_auth_comp_id    LEU 
_pdbx_struct_sheet_hbond.range_2_auth_asym_id    A 
_pdbx_struct_sheet_hbond.range_2_auth_seq_id     59 
# 
loop_
_pdbx_validate_torsion.id 
_pdbx_validate_torsion.PDB_model_num 
_pdbx_validate_torsion.auth_comp_id 
_pdbx_validate_torsion.auth_asym_id 
_pdbx_validate_torsion.auth_seq_id 
_pdbx_validate_torsion.PDB_ins_code 
_pdbx_validate_torsion.label_alt_id 
_pdbx_validate_torsion.phi 
_pdbx_validate_torsion.psi 
1 1 ALA A 21 ? ? -167.38 118.01  
2 1 PRO A 38 ? ? -73.87  -165.74 
# 
loop_
_pdbx_validate_planes.id 
_pdbx_validate_planes.PDB_model_num 
_pdbx_validate_planes.auth_comp_id 
_pdbx_validate_planes.auth_asym_id 
_pdbx_validate_planes.auth_seq_id 
_pdbx_validate_planes.PDB_ins_code 
_pdbx_validate_planes.label_alt_id 
_pdbx_validate_planes.rmsd 
_pdbx_validate_planes.type 
1 1 ARG A 5  ? ? 0.281 'SIDE CHAIN' 
2 1 ARG A 32 ? ? 0.251 'SIDE CHAIN' 
3 1 ARG A 54 ? ? 0.312 'SIDE CHAIN' 
# 
_pdbx_nmr_ensemble.entry_id                             2FCD 
_pdbx_nmr_ensemble.conformers_calculated_total_number   ? 
_pdbx_nmr_ensemble.conformers_submitted_total_number    1 
_pdbx_nmr_ensemble.conformer_selection_criteria         ? 
# 
_pdbx_nmr_sample_details.solution_id      1 
_pdbx_nmr_sample_details.contents         '1 mM Mlc1p 15N, 13C; 50 mM phosphate buffer, Sodium Chloride 0.1 M; 90% H2O, 10% D2O' 
_pdbx_nmr_sample_details.solvent_system   '50 mM phosphate buffer, Sodium Chloride 0.1 M; 90% H2O, 10% D2O' 
# 
_pdbx_nmr_exptl_sample_conditions.conditions_id       1 
_pdbx_nmr_exptl_sample_conditions.temperature         298 
_pdbx_nmr_exptl_sample_conditions.pressure            ambient 
_pdbx_nmr_exptl_sample_conditions.pH                  6.7 
_pdbx_nmr_exptl_sample_conditions.ionic_strength      ? 
_pdbx_nmr_exptl_sample_conditions.pressure_units      . 
_pdbx_nmr_exptl_sample_conditions.temperature_units   K 
# 
_pdbx_nmr_refine.entry_id           2FCD 
_pdbx_nmr_refine.method             'simulated annealing' 
_pdbx_nmr_refine.details            ? 
_pdbx_nmr_refine.software_ordinal   1 
# 
loop_
_pdbx_nmr_software.classification 
_pdbx_nmr_software.name 
_pdbx_nmr_software.version 
_pdbx_nmr_software.authors 
_pdbx_nmr_software.ordinal 
'data analysis' NMRView   5.2.2 'Bruce A. Johnson' 1 
collection      XwinNMR   ?     ?                  2 
refinement      Xplor-NIH 2.12  'G.M. Clore'       3 
# 
loop_
_chem_comp_atom.comp_id 
_chem_comp_atom.atom_id 
_chem_comp_atom.type_symbol 
_chem_comp_atom.pdbx_aromatic_flag 
_chem_comp_atom.pdbx_stereo_config 
_chem_comp_atom.pdbx_ordinal 
ALA N    N N N 1   
ALA CA   C N S 2   
ALA C    C N N 3   
ALA O    O N N 4   
ALA CB   C N N 5   
ALA OXT  O N N 6   
ALA H    H N N 7   
ALA H2   H N N 8   
ALA HA   H N N 9   
ALA HB1  H N N 10  
ALA HB2  H N N 11  
ALA HB3  H N N 12  
ALA HXT  H N N 13  
ARG N    N N N 14  
ARG CA   C N S 15  
ARG C    C N N 16  
ARG O    O N N 17  
ARG CB   C N N 18  
ARG CG   C N N 19  
ARG CD   C N N 20  
ARG NE   N N N 21  
ARG CZ   C N N 22  
ARG NH1  N N N 23  
ARG NH2  N N N 24  
ARG OXT  O N N 25  
ARG H    H N N 26  
ARG H2   H N N 27  
ARG HA   H N N 28  
ARG HB2  H N N 29  
ARG HB3  H N N 30  
ARG HG2  H N N 31  
ARG HG3  H N N 32  
ARG HD2  H N N 33  
ARG HD3  H N N 34  
ARG HE   H N N 35  
ARG HH11 H N N 36  
ARG HH12 H N N 37  
ARG HH21 H N N 38  
ARG HH22 H N N 39  
ARG HXT  H N N 40  
ASN N    N N N 41  
ASN CA   C N S 42  
ASN C    C N N 43  
ASN O    O N N 44  
ASN CB   C N N 45  
ASN CG   C N N 46  
ASN OD1  O N N 47  
ASN ND2  N N N 48  
ASN OXT  O N N 49  
ASN H    H N N 50  
ASN H2   H N N 51  
ASN HA   H N N 52  
ASN HB2  H N N 53  
ASN HB3  H N N 54  
ASN HD21 H N N 55  
ASN HD22 H N N 56  
ASN HXT  H N N 57  
ASP N    N N N 58  
ASP CA   C N S 59  
ASP C    C N N 60  
ASP O    O N N 61  
ASP CB   C N N 62  
ASP CG   C N N 63  
ASP OD1  O N N 64  
ASP OD2  O N N 65  
ASP OXT  O N N 66  
ASP H    H N N 67  
ASP H2   H N N 68  
ASP HA   H N N 69  
ASP HB2  H N N 70  
ASP HB3  H N N 71  
ASP HD2  H N N 72  
ASP HXT  H N N 73  
GLN N    N N N 74  
GLN CA   C N S 75  
GLN C    C N N 76  
GLN O    O N N 77  
GLN CB   C N N 78  
GLN CG   C N N 79  
GLN CD   C N N 80  
GLN OE1  O N N 81  
GLN NE2  N N N 82  
GLN OXT  O N N 83  
GLN H    H N N 84  
GLN H2   H N N 85  
GLN HA   H N N 86  
GLN HB2  H N N 87  
GLN HB3  H N N 88  
GLN HG2  H N N 89  
GLN HG3  H N N 90  
GLN HE21 H N N 91  
GLN HE22 H N N 92  
GLN HXT  H N N 93  
GLU N    N N N 94  
GLU CA   C N S 95  
GLU C    C N N 96  
GLU O    O N N 97  
GLU CB   C N N 98  
GLU CG   C N N 99  
GLU CD   C N N 100 
GLU OE1  O N N 101 
GLU OE2  O N N 102 
GLU OXT  O N N 103 
GLU H    H N N 104 
GLU H2   H N N 105 
GLU HA   H N N 106 
GLU HB2  H N N 107 
GLU HB3  H N N 108 
GLU HG2  H N N 109 
GLU HG3  H N N 110 
GLU HE2  H N N 111 
GLU HXT  H N N 112 
GLY N    N N N 113 
GLY CA   C N N 114 
GLY C    C N N 115 
GLY O    O N N 116 
GLY OXT  O N N 117 
GLY H    H N N 118 
GLY H2   H N N 119 
GLY HA2  H N N 120 
GLY HA3  H N N 121 
GLY HXT  H N N 122 
ILE N    N N N 123 
ILE CA   C N S 124 
ILE C    C N N 125 
ILE O    O N N 126 
ILE CB   C N S 127 
ILE CG1  C N N 128 
ILE CG2  C N N 129 
ILE CD1  C N N 130 
ILE OXT  O N N 131 
ILE H    H N N 132 
ILE H2   H N N 133 
ILE HA   H N N 134 
ILE HB   H N N 135 
ILE HG12 H N N 136 
ILE HG13 H N N 137 
ILE HG21 H N N 138 
ILE HG22 H N N 139 
ILE HG23 H N N 140 
ILE HD11 H N N 141 
ILE HD12 H N N 142 
ILE HD13 H N N 143 
ILE HXT  H N N 144 
LEU N    N N N 145 
LEU CA   C N S 146 
LEU C    C N N 147 
LEU O    O N N 148 
LEU CB   C N N 149 
LEU CG   C N N 150 
LEU CD1  C N N 151 
LEU CD2  C N N 152 
LEU OXT  O N N 153 
LEU H    H N N 154 
LEU H2   H N N 155 
LEU HA   H N N 156 
LEU HB2  H N N 157 
LEU HB3  H N N 158 
LEU HG   H N N 159 
LEU HD11 H N N 160 
LEU HD12 H N N 161 
LEU HD13 H N N 162 
LEU HD21 H N N 163 
LEU HD22 H N N 164 
LEU HD23 H N N 165 
LEU HXT  H N N 166 
LYS N    N N N 167 
LYS CA   C N S 168 
LYS C    C N N 169 
LYS O    O N N 170 
LYS CB   C N N 171 
LYS CG   C N N 172 
LYS CD   C N N 173 
LYS CE   C N N 174 
LYS NZ   N N N 175 
LYS OXT  O N N 176 
LYS H    H N N 177 
LYS H2   H N N 178 
LYS HA   H N N 179 
LYS HB2  H N N 180 
LYS HB3  H N N 181 
LYS HG2  H N N 182 
LYS HG3  H N N 183 
LYS HD2  H N N 184 
LYS HD3  H N N 185 
LYS HE2  H N N 186 
LYS HE3  H N N 187 
LYS HZ1  H N N 188 
LYS HZ2  H N N 189 
LYS HZ3  H N N 190 
LYS HXT  H N N 191 
PHE N    N N N 192 
PHE CA   C N S 193 
PHE C    C N N 194 
PHE O    O N N 195 
PHE CB   C N N 196 
PHE CG   C Y N 197 
PHE CD1  C Y N 198 
PHE CD2  C Y N 199 
PHE CE1  C Y N 200 
PHE CE2  C Y N 201 
PHE CZ   C Y N 202 
PHE OXT  O N N 203 
PHE H    H N N 204 
PHE H2   H N N 205 
PHE HA   H N N 206 
PHE HB2  H N N 207 
PHE HB3  H N N 208 
PHE HD1  H N N 209 
PHE HD2  H N N 210 
PHE HE1  H N N 211 
PHE HE2  H N N 212 
PHE HZ   H N N 213 
PHE HXT  H N N 214 
PRO N    N N N 215 
PRO CA   C N S 216 
PRO C    C N N 217 
PRO O    O N N 218 
PRO CB   C N N 219 
PRO CG   C N N 220 
PRO CD   C N N 221 
PRO OXT  O N N 222 
PRO H    H N N 223 
PRO HA   H N N 224 
PRO HB2  H N N 225 
PRO HB3  H N N 226 
PRO HG2  H N N 227 
PRO HG3  H N N 228 
PRO HD2  H N N 229 
PRO HD3  H N N 230 
PRO HXT  H N N 231 
SER N    N N N 232 
SER CA   C N S 233 
SER C    C N N 234 
SER O    O N N 235 
SER CB   C N N 236 
SER OG   O N N 237 
SER OXT  O N N 238 
SER H    H N N 239 
SER H2   H N N 240 
SER HA   H N N 241 
SER HB2  H N N 242 
SER HB3  H N N 243 
SER HG   H N N 244 
SER HXT  H N N 245 
THR N    N N N 246 
THR CA   C N S 247 
THR C    C N N 248 
THR O    O N N 249 
THR CB   C N R 250 
THR OG1  O N N 251 
THR CG2  C N N 252 
THR OXT  O N N 253 
THR H    H N N 254 
THR H2   H N N 255 
THR HA   H N N 256 
THR HB   H N N 257 
THR HG1  H N N 258 
THR HG21 H N N 259 
THR HG22 H N N 260 
THR HG23 H N N 261 
THR HXT  H N N 262 
TYR N    N N N 263 
TYR CA   C N S 264 
TYR C    C N N 265 
TYR O    O N N 266 
TYR CB   C N N 267 
TYR CG   C Y N 268 
TYR CD1  C Y N 269 
TYR CD2  C Y N 270 
TYR CE1  C Y N 271 
TYR CE2  C Y N 272 
TYR CZ   C Y N 273 
TYR OH   O N N 274 
TYR OXT  O N N 275 
TYR H    H N N 276 
TYR H2   H N N 277 
TYR HA   H N N 278 
TYR HB2  H N N 279 
TYR HB3  H N N 280 
TYR HD1  H N N 281 
TYR HD2  H N N 282 
TYR HE1  H N N 283 
TYR HE2  H N N 284 
TYR HH   H N N 285 
TYR HXT  H N N 286 
VAL N    N N N 287 
VAL CA   C N S 288 
VAL C    C N N 289 
VAL O    O N N 290 
VAL CB   C N N 291 
VAL CG1  C N N 292 
VAL CG2  C N N 293 
VAL OXT  O N N 294 
VAL H    H N N 295 
VAL H2   H N N 296 
VAL HA   H N N 297 
VAL HB   H N N 298 
VAL HG11 H N N 299 
VAL HG12 H N N 300 
VAL HG13 H N N 301 
VAL HG21 H N N 302 
VAL HG22 H N N 303 
VAL HG23 H N N 304 
VAL HXT  H N N 305 
# 
loop_
_chem_comp_bond.comp_id 
_chem_comp_bond.atom_id_1 
_chem_comp_bond.atom_id_2 
_chem_comp_bond.value_order 
_chem_comp_bond.pdbx_aromatic_flag 
_chem_comp_bond.pdbx_stereo_config 
_chem_comp_bond.pdbx_ordinal 
ALA N   CA   sing N N 1   
ALA N   H    sing N N 2   
ALA N   H2   sing N N 3   
ALA CA  C    sing N N 4   
ALA CA  CB   sing N N 5   
ALA CA  HA   sing N N 6   
ALA C   O    doub N N 7   
ALA C   OXT  sing N N 8   
ALA CB  HB1  sing N N 9   
ALA CB  HB2  sing N N 10  
ALA CB  HB3  sing N N 11  
ALA OXT HXT  sing N N 12  
ARG N   CA   sing N N 13  
ARG N   H    sing N N 14  
ARG N   H2   sing N N 15  
ARG CA  C    sing N N 16  
ARG CA  CB   sing N N 17  
ARG CA  HA   sing N N 18  
ARG C   O    doub N N 19  
ARG C   OXT  sing N N 20  
ARG CB  CG   sing N N 21  
ARG CB  HB2  sing N N 22  
ARG CB  HB3  sing N N 23  
ARG CG  CD   sing N N 24  
ARG CG  HG2  sing N N 25  
ARG CG  HG3  sing N N 26  
ARG CD  NE   sing N N 27  
ARG CD  HD2  sing N N 28  
ARG CD  HD3  sing N N 29  
ARG NE  CZ   sing N N 30  
ARG NE  HE   sing N N 31  
ARG CZ  NH1  sing N N 32  
ARG CZ  NH2  doub N N 33  
ARG NH1 HH11 sing N N 34  
ARG NH1 HH12 sing N N 35  
ARG NH2 HH21 sing N N 36  
ARG NH2 HH22 sing N N 37  
ARG OXT HXT  sing N N 38  
ASN N   CA   sing N N 39  
ASN N   H    sing N N 40  
ASN N   H2   sing N N 41  
ASN CA  C    sing N N 42  
ASN CA  CB   sing N N 43  
ASN CA  HA   sing N N 44  
ASN C   O    doub N N 45  
ASN C   OXT  sing N N 46  
ASN CB  CG   sing N N 47  
ASN CB  HB2  sing N N 48  
ASN CB  HB3  sing N N 49  
ASN CG  OD1  doub N N 50  
ASN CG  ND2  sing N N 51  
ASN ND2 HD21 sing N N 52  
ASN ND2 HD22 sing N N 53  
ASN OXT HXT  sing N N 54  
ASP N   CA   sing N N 55  
ASP N   H    sing N N 56  
ASP N   H2   sing N N 57  
ASP CA  C    sing N N 58  
ASP CA  CB   sing N N 59  
ASP CA  HA   sing N N 60  
ASP C   O    doub N N 61  
ASP C   OXT  sing N N 62  
ASP CB  CG   sing N N 63  
ASP CB  HB2  sing N N 64  
ASP CB  HB3  sing N N 65  
ASP CG  OD1  doub N N 66  
ASP CG  OD2  sing N N 67  
ASP OD2 HD2  sing N N 68  
ASP OXT HXT  sing N N 69  
GLN N   CA   sing N N 70  
GLN N   H    sing N N 71  
GLN N   H2   sing N N 72  
GLN CA  C    sing N N 73  
GLN CA  CB   sing N N 74  
GLN CA  HA   sing N N 75  
GLN C   O    doub N N 76  
GLN C   OXT  sing N N 77  
GLN CB  CG   sing N N 78  
GLN CB  HB2  sing N N 79  
GLN CB  HB3  sing N N 80  
GLN CG  CD   sing N N 81  
GLN CG  HG2  sing N N 82  
GLN CG  HG3  sing N N 83  
GLN CD  OE1  doub N N 84  
GLN CD  NE2  sing N N 85  
GLN NE2 HE21 sing N N 86  
GLN NE2 HE22 sing N N 87  
GLN OXT HXT  sing N N 88  
GLU N   CA   sing N N 89  
GLU N   H    sing N N 90  
GLU N   H2   sing N N 91  
GLU CA  C    sing N N 92  
GLU CA  CB   sing N N 93  
GLU CA  HA   sing N N 94  
GLU C   O    doub N N 95  
GLU C   OXT  sing N N 96  
GLU CB  CG   sing N N 97  
GLU CB  HB2  sing N N 98  
GLU CB  HB3  sing N N 99  
GLU CG  CD   sing N N 100 
GLU CG  HG2  sing N N 101 
GLU CG  HG3  sing N N 102 
GLU CD  OE1  doub N N 103 
GLU CD  OE2  sing N N 104 
GLU OE2 HE2  sing N N 105 
GLU OXT HXT  sing N N 106 
GLY N   CA   sing N N 107 
GLY N   H    sing N N 108 
GLY N   H2   sing N N 109 
GLY CA  C    sing N N 110 
GLY CA  HA2  sing N N 111 
GLY CA  HA3  sing N N 112 
GLY C   O    doub N N 113 
GLY C   OXT  sing N N 114 
GLY OXT HXT  sing N N 115 
ILE N   CA   sing N N 116 
ILE N   H    sing N N 117 
ILE N   H2   sing N N 118 
ILE CA  C    sing N N 119 
ILE CA  CB   sing N N 120 
ILE CA  HA   sing N N 121 
ILE C   O    doub N N 122 
ILE C   OXT  sing N N 123 
ILE CB  CG1  sing N N 124 
ILE CB  CG2  sing N N 125 
ILE CB  HB   sing N N 126 
ILE CG1 CD1  sing N N 127 
ILE CG1 HG12 sing N N 128 
ILE CG1 HG13 sing N N 129 
ILE CG2 HG21 sing N N 130 
ILE CG2 HG22 sing N N 131 
ILE CG2 HG23 sing N N 132 
ILE CD1 HD11 sing N N 133 
ILE CD1 HD12 sing N N 134 
ILE CD1 HD13 sing N N 135 
ILE OXT HXT  sing N N 136 
LEU N   CA   sing N N 137 
LEU N   H    sing N N 138 
LEU N   H2   sing N N 139 
LEU CA  C    sing N N 140 
LEU CA  CB   sing N N 141 
LEU CA  HA   sing N N 142 
LEU C   O    doub N N 143 
LEU C   OXT  sing N N 144 
LEU CB  CG   sing N N 145 
LEU CB  HB2  sing N N 146 
LEU CB  HB3  sing N N 147 
LEU CG  CD1  sing N N 148 
LEU CG  CD2  sing N N 149 
LEU CG  HG   sing N N 150 
LEU CD1 HD11 sing N N 151 
LEU CD1 HD12 sing N N 152 
LEU CD1 HD13 sing N N 153 
LEU CD2 HD21 sing N N 154 
LEU CD2 HD22 sing N N 155 
LEU CD2 HD23 sing N N 156 
LEU OXT HXT  sing N N 157 
LYS N   CA   sing N N 158 
LYS N   H    sing N N 159 
LYS N   H2   sing N N 160 
LYS CA  C    sing N N 161 
LYS CA  CB   sing N N 162 
LYS CA  HA   sing N N 163 
LYS C   O    doub N N 164 
LYS C   OXT  sing N N 165 
LYS CB  CG   sing N N 166 
LYS CB  HB2  sing N N 167 
LYS CB  HB3  sing N N 168 
LYS CG  CD   sing N N 169 
LYS CG  HG2  sing N N 170 
LYS CG  HG3  sing N N 171 
LYS CD  CE   sing N N 172 
LYS CD  HD2  sing N N 173 
LYS CD  HD3  sing N N 174 
LYS CE  NZ   sing N N 175 
LYS CE  HE2  sing N N 176 
LYS CE  HE3  sing N N 177 
LYS NZ  HZ1  sing N N 178 
LYS NZ  HZ2  sing N N 179 
LYS NZ  HZ3  sing N N 180 
LYS OXT HXT  sing N N 181 
PHE N   CA   sing N N 182 
PHE N   H    sing N N 183 
PHE N   H2   sing N N 184 
PHE CA  C    sing N N 185 
PHE CA  CB   sing N N 186 
PHE CA  HA   sing N N 187 
PHE C   O    doub N N 188 
PHE C   OXT  sing N N 189 
PHE CB  CG   sing N N 190 
PHE CB  HB2  sing N N 191 
PHE CB  HB3  sing N N 192 
PHE CG  CD1  doub Y N 193 
PHE CG  CD2  sing Y N 194 
PHE CD1 CE1  sing Y N 195 
PHE CD1 HD1  sing N N 196 
PHE CD2 CE2  doub Y N 197 
PHE CD2 HD2  sing N N 198 
PHE CE1 CZ   doub Y N 199 
PHE CE1 HE1  sing N N 200 
PHE CE2 CZ   sing Y N 201 
PHE CE2 HE2  sing N N 202 
PHE CZ  HZ   sing N N 203 
PHE OXT HXT  sing N N 204 
PRO N   CA   sing N N 205 
PRO N   CD   sing N N 206 
PRO N   H    sing N N 207 
PRO CA  C    sing N N 208 
PRO CA  CB   sing N N 209 
PRO CA  HA   sing N N 210 
PRO C   O    doub N N 211 
PRO C   OXT  sing N N 212 
PRO CB  CG   sing N N 213 
PRO CB  HB2  sing N N 214 
PRO CB  HB3  sing N N 215 
PRO CG  CD   sing N N 216 
PRO CG  HG2  sing N N 217 
PRO CG  HG3  sing N N 218 
PRO CD  HD2  sing N N 219 
PRO CD  HD3  sing N N 220 
PRO OXT HXT  sing N N 221 
SER N   CA   sing N N 222 
SER N   H    sing N N 223 
SER N   H2   sing N N 224 
SER CA  C    sing N N 225 
SER CA  CB   sing N N 226 
SER CA  HA   sing N N 227 
SER C   O    doub N N 228 
SER C   OXT  sing N N 229 
SER CB  OG   sing N N 230 
SER CB  HB2  sing N N 231 
SER CB  HB3  sing N N 232 
SER OG  HG   sing N N 233 
SER OXT HXT  sing N N 234 
THR N   CA   sing N N 235 
THR N   H    sing N N 236 
THR N   H2   sing N N 237 
THR CA  C    sing N N 238 
THR CA  CB   sing N N 239 
THR CA  HA   sing N N 240 
THR C   O    doub N N 241 
THR C   OXT  sing N N 242 
THR CB  OG1  sing N N 243 
THR CB  CG2  sing N N 244 
THR CB  HB   sing N N 245 
THR OG1 HG1  sing N N 246 
THR CG2 HG21 sing N N 247 
THR CG2 HG22 sing N N 248 
THR CG2 HG23 sing N N 249 
THR OXT HXT  sing N N 250 
TYR N   CA   sing N N 251 
TYR N   H    sing N N 252 
TYR N   H2   sing N N 253 
TYR CA  C    sing N N 254 
TYR CA  CB   sing N N 255 
TYR CA  HA   sing N N 256 
TYR C   O    doub N N 257 
TYR C   OXT  sing N N 258 
TYR CB  CG   sing N N 259 
TYR CB  HB2  sing N N 260 
TYR CB  HB3  sing N N 261 
TYR CG  CD1  doub Y N 262 
TYR CG  CD2  sing Y N 263 
TYR CD1 CE1  sing Y N 264 
TYR CD1 HD1  sing N N 265 
TYR CD2 CE2  doub Y N 266 
TYR CD2 HD2  sing N N 267 
TYR CE1 CZ   doub Y N 268 
TYR CE1 HE1  sing N N 269 
TYR CE2 CZ   sing Y N 270 
TYR CE2 HE2  sing N N 271 
TYR CZ  OH   sing N N 272 
TYR OH  HH   sing N N 273 
TYR OXT HXT  sing N N 274 
VAL N   CA   sing N N 275 
VAL N   H    sing N N 276 
VAL N   H2   sing N N 277 
VAL CA  C    sing N N 278 
VAL CA  CB   sing N N 279 
VAL CA  HA   sing N N 280 
VAL C   O    doub N N 281 
VAL C   OXT  sing N N 282 
VAL CB  CG1  sing N N 283 
VAL CB  CG2  sing N N 284 
VAL CB  HB   sing N N 285 
VAL CG1 HG11 sing N N 286 
VAL CG1 HG12 sing N N 287 
VAL CG1 HG13 sing N N 288 
VAL CG2 HG21 sing N N 289 
VAL CG2 HG22 sing N N 290 
VAL CG2 HG23 sing N N 291 
VAL OXT HXT  sing N N 292 
# 
_pdbx_nmr_spectrometer.spectrometer_id   1 
_pdbx_nmr_spectrometer.model             AVANCE 
_pdbx_nmr_spectrometer.manufacturer      Bruker 
_pdbx_nmr_spectrometer.field_strength    700 
_pdbx_nmr_spectrometer.type              ? 
# 
_atom_sites.entry_id                    2FCD 
_atom_sites.fract_transf_matrix[1][1]   1.000000 
_atom_sites.fract_transf_matrix[1][2]   0.000000 
_atom_sites.fract_transf_matrix[1][3]   0.000000 
_atom_sites.fract_transf_matrix[2][1]   0.000000 
_atom_sites.fract_transf_matrix[2][2]   1.000000 
_atom_sites.fract_transf_matrix[2][3]   0.000000 
_atom_sites.fract_transf_matrix[3][1]   0.000000 
_atom_sites.fract_transf_matrix[3][2]   0.000000 
_atom_sites.fract_transf_matrix[3][3]   1.000000 
_atom_sites.fract_transf_vector[1]      0.00000 
_atom_sites.fract_transf_vector[2]      0.00000 
_atom_sites.fract_transf_vector[3]      0.00000 
# 
loop_
_atom_type.symbol 
C 
H 
N 
O 
# 
loop_
_atom_site.group_PDB 
_atom_site.id 
_atom_site.type_symbol 
_atom_site.label_atom_id 
_atom_site.label_alt_id 
_atom_site.label_comp_id 
_atom_site.label_asym_id 
_atom_site.label_entity_id 
_atom_site.label_seq_id 
_atom_site.pdbx_PDB_ins_code 
_atom_site.Cartn_x 
_atom_site.Cartn_y 
_atom_site.Cartn_z 
_atom_site.occupancy 
_atom_site.B_iso_or_equiv 
_atom_site.pdbx_formal_charge 
_atom_site.auth_seq_id 
_atom_site.auth_comp_id 
_atom_site.auth_asym_id 
_atom_site.auth_atom_id 
_atom_site.pdbx_PDB_model_num 
ATOM 1    N N    . SER A 1 1  ? -6.151  -6.691  -10.823 1.00 81.22 ? 2  SER A N    1 
ATOM 2    C CA   . SER A 1 1  ? -5.350  -7.265  -9.703  1.00 80.96 ? 2  SER A CA   1 
ATOM 3    C C    . SER A 1 1  ? -6.230  -8.164  -8.832  1.00 80.78 ? 2  SER A C    1 
ATOM 4    O O    . SER A 1 1  ? -7.396  -8.365  -9.113  1.00 80.75 ? 2  SER A O    1 
ATOM 5    C CB   . SER A 1 1  ? -4.862  -6.056  -8.906  1.00 81.17 ? 2  SER A CB   1 
ATOM 6    O OG   . SER A 1 1  ? -3.690  -5.533  -9.517  1.00 81.15 ? 2  SER A OG   1 
ATOM 7    H H1   . SER A 1 1  ? -5.732  -6.536  -11.696 1.00 0.00  ? 2  SER A H1   1 
ATOM 8    H HA   . SER A 1 1  ? -4.507  -7.818  -10.088 1.00 0.00  ? 2  SER A HA   1 
ATOM 9    H HB2  . SER A 1 1  ? -5.626  -5.297  -8.895  1.00 0.00  ? 2  SER A HB2  1 
ATOM 10   H HB3  . SER A 1 1  ? -4.646  -6.361  -7.890  1.00 0.00  ? 2  SER A HB3  1 
ATOM 11   H HG   . SER A 1 1  ? -3.939  -4.750  -10.015 1.00 0.00  ? 2  SER A HG   1 
ATOM 12   N N    . ALA A 1 2  ? -5.676  -8.706  -7.776  1.00 79.83 ? 3  ALA A N    1 
ATOM 13   C CA   . ALA A 1 2  ? -6.472  -9.596  -6.880  1.00 78.51 ? 3  ALA A CA   1 
ATOM 14   C C    . ALA A 1 2  ? -6.352  -9.128  -5.426  1.00 76.78 ? 3  ALA A C    1 
ATOM 15   O O    . ALA A 1 2  ? -5.279  -8.794  -4.961  1.00 76.45 ? 3  ALA A O    1 
ATOM 16   C CB   . ALA A 1 2  ? -5.855  -10.984 -7.048  1.00 79.05 ? 3  ALA A CB   1 
ATOM 17   H H    . ALA A 1 2  ? -4.734  -8.528  -7.575  1.00 0.00  ? 3  ALA A H    1 
ATOM 18   H HA   . ALA A 1 2  ? -7.506  -9.613  -7.187  1.00 0.00  ? 3  ALA A HA   1 
ATOM 19   H HB1  . ALA A 1 2  ? -6.379  -11.690 -6.421  1.00 0.00  ? 3  ALA A HB1  1 
ATOM 20   H HB2  . ALA A 1 2  ? -4.814  -10.953 -6.761  1.00 0.00  ? 3  ALA A HB2  1 
ATOM 21   H HB3  . ALA A 1 2  ? -5.935  -11.291 -8.080  1.00 0.00  ? 3  ALA A HB3  1 
ATOM 22   N N    . THR A 1 3  ? -7.448  -9.103  -4.711  1.00 74.65 ? 4  THR A N    1 
ATOM 23   C CA   . THR A 1 3  ? -7.405  -8.659  -3.284  1.00 72.64 ? 4  THR A CA   1 
ATOM 24   C C    . THR A 1 3  ? -6.676  -9.699  -2.430  1.00 70.28 ? 4  THR A C    1 
ATOM 25   O O    . THR A 1 3  ? -6.066  -9.375  -1.429  1.00 70.39 ? 4  THR A O    1 
ATOM 26   C CB   . THR A 1 3  ? -8.871  -8.543  -2.854  1.00 73.06 ? 4  THR A CB   1 
ATOM 27   O OG1  . THR A 1 3  ? -9.554  -7.667  -3.740  1.00 74.13 ? 4  THR A OG1  1 
ATOM 28   C CG2  . THR A 1 3  ? -8.945  -7.993  -1.430  1.00 72.77 ? 4  THR A CG2  1 
ATOM 29   H H    . THR A 1 3  ? -8.299  -9.379  -5.114  1.00 0.00  ? 4  THR A H    1 
ATOM 30   H HA   . THR A 1 3  ? -6.922  -7.698  -3.203  1.00 0.00  ? 4  THR A HA   1 
ATOM 31   H HB   . THR A 1 3  ? -9.333  -9.519  -2.883  1.00 0.00  ? 4  THR A HB   1 
ATOM 32   H HG1  . THR A 1 3  ? -9.101  -6.822  -3.730  1.00 0.00  ? 4  THR A HG1  1 
ATOM 33   H HG21 . THR A 1 3  ? -9.977  -7.802  -1.170  1.00 0.00  ? 4  THR A HG21 1 
ATOM 34   H HG22 . THR A 1 3  ? -8.384  -7.073  -1.370  1.00 0.00  ? 4  THR A HG22 1 
ATOM 35   H HG23 . THR A 1 3  ? -8.529  -8.715  -0.742  1.00 0.00  ? 4  THR A HG23 1 
ATOM 36   N N    . ARG A 1 4  ? -6.738  -10.947 -2.821  1.00 67.07 ? 5  ARG A N    1 
ATOM 37   C CA   . ARG A 1 4  ? -6.049  -12.021 -2.035  1.00 63.56 ? 5  ARG A CA   1 
ATOM 38   C C    . ARG A 1 4  ? -4.544  -11.748 -1.967  1.00 59.59 ? 5  ARG A C    1 
ATOM 39   O O    . ARG A 1 4  ? -3.916  -11.939 -0.943  1.00 59.12 ? 5  ARG A O    1 
ATOM 40   C CB   . ARG A 1 4  ? -6.322  -13.318 -2.801  1.00 65.13 ? 5  ARG A CB   1 
ATOM 41   C CG   . ARG A 1 4  ? -5.742  -14.501 -2.024  1.00 67.20 ? 5  ARG A CG   1 
ATOM 42   C CD   . ARG A 1 4  ? -5.996  -15.795 -2.801  1.00 70.30 ? 5  ARG A CD   1 
ATOM 43   N NE   . ARG A 1 4  ? -5.107  -15.705 -3.993  1.00 72.70 ? 5  ARG A NE   1 
ATOM 44   C CZ   . ARG A 1 4  ? -5.459  -16.272 -5.114  1.00 74.15 ? 5  ARG A CZ   1 
ATOM 45   N NH1  . ARG A 1 4  ? -6.532  -15.873 -5.738  1.00 73.97 ? 5  ARG A NH1  1 
ATOM 46   N NH2  . ARG A 1 4  ? -4.737  -17.239 -5.611  1.00 75.40 ? 5  ARG A NH2  1 
ATOM 47   H H    . ARG A 1 4  ? -7.239  -11.178 -3.632  1.00 0.00  ? 5  ARG A H    1 
ATOM 48   H HA   . ARG A 1 4  ? -6.466  -12.085 -1.042  1.00 0.00  ? 5  ARG A HA   1 
ATOM 49   H HB2  . ARG A 1 4  ? -7.388  -13.450 -2.917  1.00 0.00  ? 5  ARG A HB2  1 
ATOM 50   H HB3  . ARG A 1 4  ? -5.857  -13.265 -3.773  1.00 0.00  ? 5  ARG A HB3  1 
ATOM 51   H HG2  . ARG A 1 4  ? -4.679  -14.361 -1.894  1.00 0.00  ? 5  ARG A HG2  1 
ATOM 52   H HG3  . ARG A 1 4  ? -6.217  -14.565 -1.057  1.00 0.00  ? 5  ARG A HG3  1 
ATOM 53   H HD2  . ARG A 1 4  ? -5.736  -16.652 -2.196  1.00 0.00  ? 5  ARG A HD2  1 
ATOM 54   H HD3  . ARG A 1 4  ? -7.027  -15.850 -3.113  1.00 0.00  ? 5  ARG A HD3  1 
ATOM 55   H HE   . ARG A 1 4  ? -4.258  -15.221 -3.934  1.00 0.00  ? 5  ARG A HE   1 
ATOM 56   H HH11 . ARG A 1 4  ? -7.086  -15.132 -5.358  1.00 0.00  ? 5  ARG A HH11 1 
ATOM 57   H HH12 . ARG A 1 4  ? -6.802  -16.307 -6.598  1.00 0.00  ? 5  ARG A HH12 1 
ATOM 58   H HH21 . ARG A 1 4  ? -3.914  -17.546 -5.132  1.00 0.00  ? 5  ARG A HH21 1 
ATOM 59   H HH22 . ARG A 1 4  ? -5.006  -17.674 -6.470  1.00 0.00  ? 5  ARG A HH22 1 
ATOM 60   N N    . ALA A 1 5  ? -3.963  -11.303 -3.054  1.00 54.71 ? 6  ALA A N    1 
ATOM 61   C CA   . ALA A 1 5  ? -2.494  -11.015 -3.060  1.00 49.98 ? 6  ALA A CA   1 
ATOM 62   C C    . ALA A 1 5  ? -2.164  -9.928  -2.033  1.00 46.75 ? 6  ALA A C    1 
ATOM 63   O O    . ALA A 1 5  ? -1.174  -10.007 -1.330  1.00 44.83 ? 6  ALA A O    1 
ATOM 64   C CB   . ALA A 1 5  ? -2.185  -10.524 -4.476  1.00 50.46 ? 6  ALA A CB   1 
ATOM 65   H H    . ALA A 1 5  ? -4.494  -11.158 -3.865  1.00 0.00  ? 6  ALA A H    1 
ATOM 66   H HA   . ALA A 1 5  ? -1.934  -11.913 -2.852  1.00 0.00  ? 6  ALA A HA   1 
ATOM 67   H HB1  . ALA A 1 5  ? -2.405  -11.308 -5.185  1.00 0.00  ? 6  ALA A HB1  1 
ATOM 68   H HB2  . ALA A 1 5  ? -1.140  -10.258 -4.545  1.00 0.00  ? 6  ALA A HB2  1 
ATOM 69   H HB3  . ALA A 1 5  ? -2.792  -9.658  -4.697  1.00 0.00  ? 6  ALA A HB3  1 
ATOM 70   N N    . ASN A 1 6  ? -2.990  -8.917  -1.945  1.00 43.34 ? 7  ASN A N    1 
ATOM 71   C CA   . ASN A 1 6  ? -2.735  -7.817  -0.963  1.00 40.29 ? 7  ASN A CA   1 
ATOM 72   C C    . ASN A 1 6  ? -2.781  -8.364  0.466   1.00 37.60 ? 7  ASN A C    1 
ATOM 73   O O    . ASN A 1 6  ? -1.991  -7.985  1.311   1.00 35.49 ? 7  ASN A O    1 
ATOM 74   C CB   . ASN A 1 6  ? -3.865  -6.810  -1.187  1.00 40.63 ? 7  ASN A CB   1 
ATOM 75   C CG   . ASN A 1 6  ? -3.664  -6.106  -2.531  1.00 43.49 ? 7  ASN A CG   1 
ATOM 76   O OD1  . ASN A 1 6  ? -2.552  -5.984  -3.004  1.00 48.42 ? 7  ASN A OD1  1 
ATOM 77   N ND2  . ASN A 1 6  ? -4.700  -5.636  -3.169  1.00 40.88 ? 7  ASN A ND2  1 
ATOM 78   H H    . ASN A 1 6  ? -3.780  -8.883  -2.525  1.00 0.00  ? 7  ASN A H    1 
ATOM 79   H HA   . ASN A 1 6  ? -1.782  -7.351  -1.159  1.00 0.00  ? 7  ASN A HA   1 
ATOM 80   H HB2  . ASN A 1 6  ? -4.814  -7.329  -1.192  1.00 0.00  ? 7  ASN A HB2  1 
ATOM 81   H HB3  . ASN A 1 6  ? -3.860  -6.077  -0.395  1.00 0.00  ? 7  ASN A HB3  1 
ATOM 82   H HD21 . ASN A 1 6  ? -5.596  -5.735  -2.788  1.00 0.00  ? 7  ASN A HD21 1 
ATOM 83   H HD22 . ASN A 1 6  ? -4.580  -5.184  -4.031  1.00 0.00  ? 7  ASN A HD22 1 
ATOM 84   N N    . LYS A 1 7  ? -3.704  -9.249  0.738   1.00 34.75 ? 8  LYS A N    1 
ATOM 85   C CA   . LYS A 1 7  ? -3.815  -9.829  2.113   1.00 34.28 ? 8  LYS A CA   1 
ATOM 86   C C    . LYS A 1 7  ? -2.556  -10.632 2.464   1.00 33.44 ? 8  LYS A C    1 
ATOM 87   O O    . LYS A 1 7  ? -2.023  -10.519 3.552   1.00 32.38 ? 8  LYS A O    1 
ATOM 88   C CB   . LYS A 1 7  ? -5.046  -10.744 2.061   1.00 35.22 ? 8  LYS A CB   1 
ATOM 89   C CG   . LYS A 1 7  ? -5.248  -11.425 3.418   1.00 37.70 ? 8  LYS A CG   1 
ATOM 90   C CD   . LYS A 1 7  ? -5.553  -10.370 4.485   1.00 46.94 ? 8  LYS A CD   1 
ATOM 91   C CE   . LYS A 1 7  ? -5.819  -11.060 5.825   1.00 50.96 ? 8  LYS A CE   1 
ATOM 92   N NZ   . LYS A 1 7  ? -7.234  -11.517 5.748   1.00 56.70 ? 8  LYS A NZ   1 
ATOM 93   H H    . LYS A 1 7  ? -4.326  -9.533  0.035   1.00 0.00  ? 8  LYS A H    1 
ATOM 94   H HA   . LYS A 1 7  ? -3.974  -9.046  2.838   1.00 0.00  ? 8  LYS A HA   1 
ATOM 95   H HB2  . LYS A 1 7  ? -5.919  -10.156 1.820   1.00 0.00  ? 8  LYS A HB2  1 
ATOM 96   H HB3  . LYS A 1 7  ? -4.899  -11.498 1.302   1.00 0.00  ? 8  LYS A HB3  1 
ATOM 97   H HG2  . LYS A 1 7  ? -6.072  -12.121 3.352   1.00 0.00  ? 8  LYS A HG2  1 
ATOM 98   H HG3  . LYS A 1 7  ? -4.347  -11.957 3.687   1.00 0.00  ? 8  LYS A HG3  1 
ATOM 99   H HD2  . LYS A 1 7  ? -4.708  -9.704  4.584   1.00 0.00  ? 8  LYS A HD2  1 
ATOM 100  H HD3  . LYS A 1 7  ? -6.425  -9.805  4.194   1.00 0.00  ? 8  LYS A HD3  1 
ATOM 101  H HE2  . LYS A 1 7  ? -5.154  -11.904 5.951   1.00 0.00  ? 8  LYS A HE2  1 
ATOM 102  H HE3  . LYS A 1 7  ? -5.700  -10.361 6.639   1.00 0.00  ? 8  LYS A HE3  1 
ATOM 103  H HZ1  . LYS A 1 7  ? -7.387  -12.025 4.855   1.00 0.00  ? 8  LYS A HZ1  1 
ATOM 104  H HZ2  . LYS A 1 7  ? -7.867  -10.692 5.792   1.00 0.00  ? 8  LYS A HZ2  1 
ATOM 105  H HZ3  . LYS A 1 7  ? -7.436  -12.154 6.545   1.00 0.00  ? 8  LYS A HZ3  1 
ATOM 106  N N    . ASP A 1 8  ? -2.085  -11.444 1.553   1.00 32.68 ? 9  ASP A N    1 
ATOM 107  C CA   . ASP A 1 8  ? -0.862  -12.264 1.832   1.00 32.90 ? 9  ASP A CA   1 
ATOM 108  C C    . ASP A 1 8  ? 0.354   -11.361 2.057   1.00 29.78 ? 9  ASP A C    1 
ATOM 109  O O    . ASP A 1 8  ? 1.087   -11.527 3.012   1.00 30.90 ? 9  ASP A O    1 
ATOM 110  C CB   . ASP A 1 8  ? -0.663  -13.126 0.582   1.00 34.98 ? 9  ASP A CB   1 
ATOM 111  C CG   . ASP A 1 8  ? 0.378   -14.208 0.869   1.00 40.62 ? 9  ASP A CG   1 
ATOM 112  O OD1  . ASP A 1 8  ? 1.515   -13.855 1.136   1.00 47.33 ? 9  ASP A OD1  1 
ATOM 113  O OD2  . ASP A 1 8  ? 0.020   -15.374 0.818   1.00 42.30 ? 9  ASP A OD2  1 
ATOM 114  H H    . ASP A 1 8  ? -2.535  -11.518 0.687   1.00 0.00  ? 9  ASP A H    1 
ATOM 115  H HA   . ASP A 1 8  ? -1.024  -12.897 2.690   1.00 0.00  ? 9  ASP A HA   1 
ATOM 116  H HB2  . ASP A 1 8  ? -1.602  -13.588 0.311   1.00 0.00  ? 9  ASP A HB2  1 
ATOM 117  H HB3  . ASP A 1 8  ? -0.319  -12.505 -0.232  1.00 0.00  ? 9  ASP A HB3  1 
ATOM 118  N N    . ILE A 1 9  ? 0.578   -10.418 1.180   1.00 25.68 ? 10 ILE A N    1 
ATOM 119  C CA   . ILE A 1 9  ? 1.755   -9.503  1.330   1.00 24.44 ? 10 ILE A CA   1 
ATOM 120  C C    . ILE A 1 9  ? 1.620   -8.627  2.584   1.00 24.40 ? 10 ILE A C    1 
ATOM 121  O O    . ILE A 1 9  ? 2.578   -8.440  3.305   1.00 22.99 ? 10 ILE A O    1 
ATOM 122  C CB   . ILE A 1 9  ? 1.764   -8.639  0.059   1.00 22.66 ? 10 ILE A CB   1 
ATOM 123  C CG1  . ILE A 1 9  ? 1.908   -9.536  -1.183  1.00 23.74 ? 10 ILE A CG1  1 
ATOM 124  C CG2  . ILE A 1 9  ? 2.931   -7.645  0.110   1.00 23.75 ? 10 ILE A CG2  1 
ATOM 125  C CD1  . ILE A 1 9  ? 3.216   -10.336 -1.115  1.00 24.62 ? 10 ILE A CD1  1 
ATOM 126  H H    . ILE A 1 9  ? -0.024  -10.315 0.413   1.00 0.00  ? 10 ILE A H    1 
ATOM 127  H HA   . ILE A 1 9  ? 2.676   -10.060 1.396   1.00 0.00  ? 10 ILE A HA   1 
ATOM 128  H HB   . ILE A 1 9  ? 0.835   -8.090  -0.002  1.00 0.00  ? 10 ILE A HB   1 
ATOM 129  H HG12 . ILE A 1 9  ? 1.073   -10.219 -1.231  1.00 0.00  ? 10 ILE A HG12 1 
ATOM 130  H HG13 . ILE A 1 9  ? 1.915   -8.920  -2.069  1.00 0.00  ? 10 ILE A HG13 1 
ATOM 131  H HG21 . ILE A 1 9  ? 2.837   -6.938  -0.701  1.00 0.00  ? 10 ILE A HG21 1 
ATOM 132  H HG22 . ILE A 1 9  ? 3.864   -8.181  0.013   1.00 0.00  ? 10 ILE A HG22 1 
ATOM 133  H HG23 . ILE A 1 9  ? 2.915   -7.118  1.052   1.00 0.00  ? 10 ILE A HG23 1 
ATOM 134  H HD11 . ILE A 1 9  ? 3.145   -11.075 -0.329  1.00 0.00  ? 10 ILE A HD11 1 
ATOM 135  H HD12 . ILE A 1 9  ? 4.037   -9.667  -0.906  1.00 0.00  ? 10 ILE A HD12 1 
ATOM 136  H HD13 . ILE A 1 9  ? 3.386   -10.831 -2.060  1.00 0.00  ? 10 ILE A HD13 1 
ATOM 137  N N    . PHE A 1 10 ? 0.461   -8.073  2.840   1.00 23.55 ? 11 PHE A N    1 
ATOM 138  C CA   . PHE A 1 10 ? 0.312   -7.196  4.049   1.00 23.48 ? 11 PHE A CA   1 
ATOM 139  C C    . PHE A 1 10 ? 0.625   -7.981  5.333   1.00 24.00 ? 11 PHE A C    1 
ATOM 140  O O    . PHE A 1 10 ? 1.449   -7.567  6.124   1.00 22.08 ? 11 PHE A O    1 
ATOM 141  C CB   . PHE A 1 10 ? -1.139  -6.714  4.038   1.00 23.88 ? 11 PHE A CB   1 
ATOM 142  C CG   . PHE A 1 10 ? -1.330  -5.684  5.124   1.00 22.89 ? 11 PHE A CG   1 
ATOM 143  C CD1  . PHE A 1 10 ? -1.684  -6.087  6.418   1.00 24.04 ? 11 PHE A CD1  1 
ATOM 144  C CD2  . PHE A 1 10 ? -1.153  -4.325  4.840   1.00 23.52 ? 11 PHE A CD2  1 
ATOM 145  C CE1  . PHE A 1 10 ? -1.860  -5.132  7.425   1.00 27.61 ? 11 PHE A CE1  1 
ATOM 146  C CE2  . PHE A 1 10 ? -1.329  -3.370  5.848   1.00 28.01 ? 11 PHE A CE2  1 
ATOM 147  C CZ   . PHE A 1 10 ? -1.683  -3.774  7.141   1.00 25.72 ? 11 PHE A CZ   1 
ATOM 148  H H    . PHE A 1 10 ? -0.293  -8.219  2.232   1.00 0.00  ? 11 PHE A H    1 
ATOM 149  H HA   . PHE A 1 10 ? 0.988   -6.359  3.977   1.00 0.00  ? 11 PHE A HA   1 
ATOM 150  H HB2  . PHE A 1 10 ? -1.366  -6.273  3.079   1.00 0.00  ? 11 PHE A HB2  1 
ATOM 151  H HB3  . PHE A 1 10 ? -1.797  -7.550  4.216   1.00 0.00  ? 11 PHE A HB3  1 
ATOM 152  H HD1  . PHE A 1 10 ? -1.821  -7.137  6.637   1.00 0.00  ? 11 PHE A HD1  1 
ATOM 153  H HD2  . PHE A 1 10 ? -0.880  -4.013  3.842   1.00 0.00  ? 11 PHE A HD2  1 
ATOM 154  H HE1  . PHE A 1 10 ? -2.133  -5.444  8.424   1.00 0.00  ? 11 PHE A HE1  1 
ATOM 155  H HE2  . PHE A 1 10 ? -1.193  -2.321  5.628   1.00 0.00  ? 11 PHE A HE2  1 
ATOM 156  H HZ   . PHE A 1 10 ? -1.819  -3.037  7.918   1.00 0.00  ? 11 PHE A HZ   1 
ATOM 157  N N    . THR A 1 11 ? -0.022  -9.096  5.548   1.00 23.86 ? 12 THR A N    1 
ATOM 158  C CA   . THR A 1 11 ? 0.242   -9.899  6.786   1.00 26.69 ? 12 THR A CA   1 
ATOM 159  C C    . THR A 1 11 ? 1.712   -10.333 6.844   1.00 24.52 ? 12 THR A C    1 
ATOM 160  O O    . THR A 1 11 ? 2.323   -10.327 7.895   1.00 24.21 ? 12 THR A O    1 
ATOM 161  C CB   . THR A 1 11 ? -0.677  -11.120 6.681   1.00 26.51 ? 12 THR A CB   1 
ATOM 162  O OG1  . THR A 1 11 ? -2.025  -10.687 6.559   1.00 38.45 ? 12 THR A OG1  1 
ATOM 163  C CG2  . THR A 1 11 ? -0.531  -11.984 7.936   1.00 29.87 ? 12 THR A CG2  1 
ATOM 164  H H    . THR A 1 11 ? -0.685  -9.401  4.907   1.00 0.00  ? 12 THR A H    1 
ATOM 165  H HA   . THR A 1 11 ? -0.012  -9.323  7.663   1.00 0.00  ? 12 THR A HA   1 
ATOM 166  H HB   . THR A 1 11 ? -0.405  -11.702 5.815   1.00 0.00  ? 12 THR A HB   1 
ATOM 167  H HG1  . THR A 1 11 ? -2.304  -10.838 5.654   1.00 0.00  ? 12 THR A HG1  1 
ATOM 168  H HG21 . THR A 1 11 ? 0.461   -12.411 7.966   1.00 0.00  ? 12 THR A HG21 1 
ATOM 169  H HG22 . THR A 1 11 ? -1.264  -12.777 7.914   1.00 0.00  ? 12 THR A HG22 1 
ATOM 170  H HG23 . THR A 1 11 ? -0.686  -11.374 8.813   1.00 0.00  ? 12 THR A HG23 1 
ATOM 171  N N    . LEU A 1 12 ? 2.285   -10.702 5.723   1.00 24.80 ? 13 LEU A N    1 
ATOM 172  C CA   . LEU A 1 12 ? 3.725   -11.130 5.714   1.00 25.61 ? 13 LEU A CA   1 
ATOM 173  C C    . LEU A 1 12 ? 4.605   -9.982  6.210   1.00 26.19 ? 13 LEU A C    1 
ATOM 174  O O    . LEU A 1 12 ? 5.483   -10.163 7.034   1.00 26.34 ? 13 LEU A O    1 
ATOM 175  C CB   . LEU A 1 12 ? 4.047   -11.445 4.249   1.00 25.01 ? 13 LEU A CB   1 
ATOM 176  C CG   . LEU A 1 12 ? 4.220   -12.954 4.068   1.00 23.42 ? 13 LEU A CG   1 
ATOM 177  C CD1  . LEU A 1 12 ? 4.016   -13.319 2.597   1.00 25.03 ? 13 LEU A CD1  1 
ATOM 178  C CD2  . LEU A 1 12 ? 5.630   -13.359 4.502   1.00 24.79 ? 13 LEU A CD2  1 
ATOM 179  H H    . LEU A 1 12 ? 1.780   -10.691 4.886   1.00 0.00  ? 13 LEU A H    1 
ATOM 180  H HA   . LEU A 1 12 ? 3.865   -12.006 6.326   1.00 0.00  ? 13 LEU A HA   1 
ATOM 181  H HB2  . LEU A 1 12 ? 3.239   -11.099 3.619   1.00 0.00  ? 13 LEU A HB2  1 
ATOM 182  H HB3  . LEU A 1 12 ? 4.958   -10.942 3.968   1.00 0.00  ? 13 LEU A HB3  1 
ATOM 183  H HG   . LEU A 1 12 ? 3.491   -13.475 4.672   1.00 0.00  ? 13 LEU A HG   1 
ATOM 184  H HD11 . LEU A 1 12 ? 3.169   -12.776 2.204   1.00 0.00  ? 13 LEU A HD11 1 
ATOM 185  H HD12 . LEU A 1 12 ? 3.834   -14.380 2.510   1.00 0.00  ? 13 LEU A HD12 1 
ATOM 186  H HD13 . LEU A 1 12 ? 4.901   -13.059 2.035   1.00 0.00  ? 13 LEU A HD13 1 
ATOM 187  H HD21 . LEU A 1 12 ? 6.356   -12.769 3.963   1.00 0.00  ? 13 LEU A HD21 1 
ATOM 188  H HD22 . LEU A 1 12 ? 5.786   -14.406 4.286   1.00 0.00  ? 13 LEU A HD22 1 
ATOM 189  H HD23 . LEU A 1 12 ? 5.743   -13.189 5.563   1.00 0.00  ? 13 LEU A HD23 1 
ATOM 190  N N    . PHE A 1 13 ? 4.340   -8.797  5.734   1.00 24.64 ? 14 PHE A N    1 
ATOM 191  C CA   . PHE A 1 13 ? 5.114   -7.608  6.188   1.00 26.80 ? 14 PHE A CA   1 
ATOM 192  C C    . PHE A 1 13 ? 4.713   -7.270  7.626   1.00 27.83 ? 14 PHE A C    1 
ATOM 193  O O    . PHE A 1 13 ? 5.432   -6.593  8.336   1.00 28.97 ? 14 PHE A O    1 
ATOM 194  C CB   . PHE A 1 13 ? 4.714   -6.476  5.243   1.00 25.75 ? 14 PHE A CB   1 
ATOM 195  C CG   . PHE A 1 13 ? 5.661   -6.439  4.068   1.00 23.75 ? 14 PHE A CG   1 
ATOM 196  C CD1  . PHE A 1 13 ? 5.555   -7.393  3.052   1.00 22.04 ? 14 PHE A CD1  1 
ATOM 197  C CD2  . PHE A 1 13 ? 6.647   -5.449  3.993   1.00 20.31 ? 14 PHE A CD2  1 
ATOM 198  C CE1  . PHE A 1 13 ? 6.437   -7.350  1.967   1.00 20.06 ? 14 PHE A CE1  1 
ATOM 199  C CE2  . PHE A 1 13 ? 7.520   -5.408  2.916   1.00 20.20 ? 14 PHE A CE2  1 
ATOM 200  C CZ   . PHE A 1 13 ? 7.418   -6.354  1.907   1.00 23.25 ? 14 PHE A CZ   1 
ATOM 201  H H    . PHE A 1 13 ? 3.601   -8.689  5.105   1.00 0.00  ? 14 PHE A H    1 
ATOM 202  H HA   . PHE A 1 13 ? 6.176   -7.787  6.131   1.00 0.00  ? 14 PHE A HA   1 
ATOM 203  H HB2  . PHE A 1 13 ? 3.705   -6.642  4.889   1.00 0.00  ? 14 PHE A HB2  1 
ATOM 204  H HB3  . PHE A 1 13 ? 4.759   -5.534  5.771   1.00 0.00  ? 14 PHE A HB3  1 
ATOM 205  H HD1  . PHE A 1 13 ? 4.796   -8.160  3.103   1.00 0.00  ? 14 PHE A HD1  1 
ATOM 206  H HD2  . PHE A 1 13 ? 6.735   -4.717  4.764   1.00 0.00  ? 14 PHE A HD2  1 
ATOM 207  H HE1  . PHE A 1 13 ? 6.361   -8.085  1.178   1.00 0.00  ? 14 PHE A HE1  1 
ATOM 208  H HE2  . PHE A 1 13 ? 8.279   -4.642  2.864   1.00 0.00  ? 14 PHE A HE2  1 
ATOM 209  H HZ   . PHE A 1 13 ? 8.094   -6.314  1.084   1.00 0.00  ? 14 PHE A HZ   1 
ATOM 210  N N    . ASP A 1 14 ? 3.570   -7.749  8.062   1.00 28.57 ? 15 ASP A N    1 
ATOM 211  C CA   . ASP A 1 14 ? 3.123   -7.471  9.451   1.00 32.75 ? 15 ASP A CA   1 
ATOM 212  C C    . ASP A 1 14 ? 3.679   -8.565  10.370  1.00 36.15 ? 15 ASP A C    1 
ATOM 213  O O    . ASP A 1 14 ? 3.005   -9.516  10.713  1.00 34.69 ? 15 ASP A O    1 
ATOM 214  C CB   . ASP A 1 14 ? 1.588   -7.493  9.381   1.00 31.70 ? 15 ASP A CB   1 
ATOM 215  C CG   . ASP A 1 14 ? 0.996   -7.355  10.786  1.00 34.41 ? 15 ASP A CG   1 
ATOM 216  O OD1  . ASP A 1 14 ? 1.443   -6.484  11.513  1.00 36.04 ? 15 ASP A OD1  1 
ATOM 217  O OD2  . ASP A 1 14 ? 0.106   -8.124  11.111  1.00 31.66 ? 15 ASP A OD2  1 
ATOM 218  H H    . ASP A 1 14 ? 3.012   -8.300  7.475   1.00 0.00  ? 15 ASP A H    1 
ATOM 219  H HA   . ASP A 1 14 ? 3.486   -6.505  9.758   1.00 0.00  ? 15 ASP A HA   1 
ATOM 220  H HB2  . ASP A 1 14 ? 1.248   -6.671  8.766   1.00 0.00  ? 15 ASP A HB2  1 
ATOM 221  H HB3  . ASP A 1 14 ? 1.258   -8.426  8.939   1.00 0.00  ? 15 ASP A HB3  1 
ATOM 222  N N    . LYS A 1 15 ? 4.923   -8.427  10.748  1.00 39.44 ? 16 LYS A N    1 
ATOM 223  C CA   . LYS A 1 15 ? 5.581   -9.444  11.626  1.00 44.52 ? 16 LYS A CA   1 
ATOM 224  C C    . LYS A 1 15 ? 5.331   -9.157  13.111  1.00 44.90 ? 16 LYS A C    1 
ATOM 225  O O    . LYS A 1 15 ? 5.964   -9.746  13.970  1.00 47.26 ? 16 LYS A O    1 
ATOM 226  C CB   . LYS A 1 15 ? 7.068   -9.295  11.326  1.00 44.44 ? 16 LYS A CB   1 
ATOM 227  C CG   . LYS A 1 15 ? 7.335   -9.646  9.861   1.00 50.18 ? 16 LYS A CG   1 
ATOM 228  C CD   . LYS A 1 15 ? 8.828   -9.496  9.563   1.00 55.49 ? 16 LYS A CD   1 
ATOM 229  C CE   . LYS A 1 15 ? 9.094   -9.847  8.097   1.00 58.32 ? 16 LYS A CE   1 
ATOM 230  N NZ   . LYS A 1 15 ? 10.347  -9.120  7.750   1.00 58.05 ? 16 LYS A NZ   1 
ATOM 231  H H    . LYS A 1 15 ? 5.438   -7.652  10.438  1.00 0.00  ? 16 LYS A H    1 
ATOM 232  H HA   . LYS A 1 15 ? 5.262   -10.440 11.367  1.00 0.00  ? 16 LYS A HA   1 
ATOM 233  H HB2  . LYS A 1 15 ? 7.363   -8.273  11.514  1.00 0.00  ? 16 LYS A HB2  1 
ATOM 234  H HB3  . LYS A 1 15 ? 7.634   -9.958  11.964  1.00 0.00  ? 16 LYS A HB3  1 
ATOM 235  H HG2  . LYS A 1 15 ? 7.031   -10.667 9.675   1.00 0.00  ? 16 LYS A HG2  1 
ATOM 236  H HG3  . LYS A 1 15 ? 6.774   -8.981  9.223   1.00 0.00  ? 16 LYS A HG3  1 
ATOM 237  H HD2  . LYS A 1 15 ? 9.131   -8.476  9.751   1.00 0.00  ? 16 LYS A HD2  1 
ATOM 238  H HD3  . LYS A 1 15 ? 9.391   -10.162 10.199  1.00 0.00  ? 16 LYS A HD3  1 
ATOM 239  H HE2  . LYS A 1 15 ? 9.233   -10.915 7.988   1.00 0.00  ? 16 LYS A HE2  1 
ATOM 240  H HE3  . LYS A 1 15 ? 8.284   -9.505  7.475   1.00 0.00  ? 16 LYS A HE3  1 
ATOM 241  H HZ1  . LYS A 1 15 ? 10.210  -8.101  7.900   1.00 0.00  ? 16 LYS A HZ1  1 
ATOM 242  H HZ2  . LYS A 1 15 ? 10.583  -9.296  6.752   1.00 0.00  ? 16 LYS A HZ2  1 
ATOM 243  H HZ3  . LYS A 1 15 ? 11.123  -9.456  8.354   1.00 0.00  ? 16 LYS A HZ3  1 
ATOM 244  N N    . LYS A 1 16 ? 4.424   -8.268  13.428  1.00 45.47 ? 17 LYS A N    1 
ATOM 245  C CA   . LYS A 1 16 ? 4.151   -7.961  14.866  1.00 46.01 ? 17 LYS A CA   1 
ATOM 246  C C    . LYS A 1 16 ? 2.819   -8.582  15.300  1.00 45.12 ? 17 LYS A C    1 
ATOM 247  O O    . LYS A 1 16 ? 2.622   -8.903  16.458  1.00 45.18 ? 17 LYS A O    1 
ATOM 248  C CB   . LYS A 1 16 ? 4.116   -6.427  14.956  1.00 46.56 ? 17 LYS A CB   1 
ATOM 249  C CG   . LYS A 1 16 ? 2.922   -5.857  14.173  1.00 51.81 ? 17 LYS A CG   1 
ATOM 250  C CD   . LYS A 1 16 ? 3.334   -4.553  13.469  1.00 53.42 ? 17 LYS A CD   1 
ATOM 251  C CE   . LYS A 1 16 ? 2.504   -3.383  14.009  1.00 57.18 ? 17 LYS A CE   1 
ATOM 252  N NZ   . LYS A 1 16 ? 3.347   -2.178  13.781  1.00 60.77 ? 17 LYS A NZ   1 
ATOM 253  H H    . LYS A 1 16 ? 3.918   -7.811  12.730  1.00 0.00  ? 17 LYS A H    1 
ATOM 254  H HA   . LYS A 1 16 ? 4.952   -8.341  15.482  1.00 0.00  ? 17 LYS A HA   1 
ATOM 255  H HB2  . LYS A 1 16 ? 4.033   -6.134  15.993  1.00 0.00  ? 17 LYS A HB2  1 
ATOM 256  H HB3  . LYS A 1 16 ? 5.031   -6.029  14.546  1.00 0.00  ? 17 LYS A HB3  1 
ATOM 257  H HG2  . LYS A 1 16 ? 2.598   -6.574  13.435  1.00 0.00  ? 17 LYS A HG2  1 
ATOM 258  H HG3  . LYS A 1 16 ? 2.111   -5.657  14.855  1.00 0.00  ? 17 LYS A HG3  1 
ATOM 259  H HD2  . LYS A 1 16 ? 4.382   -4.360  13.646  1.00 0.00  ? 17 LYS A HD2  1 
ATOM 260  H HD3  . LYS A 1 16 ? 3.162   -4.651  12.408  1.00 0.00  ? 17 LYS A HD3  1 
ATOM 261  H HE2  . LYS A 1 16 ? 1.572   -3.303  13.465  1.00 0.00  ? 17 LYS A HE2  1 
ATOM 262  H HE3  . LYS A 1 16 ? 2.317   -3.509  15.063  1.00 0.00  ? 17 LYS A HE3  1 
ATOM 263  H HZ1  . LYS A 1 16 ? 3.419   -1.992  12.761  1.00 0.00  ? 17 LYS A HZ1  1 
ATOM 264  H HZ2  . LYS A 1 16 ? 4.299   -2.341  14.172  1.00 0.00  ? 17 LYS A HZ2  1 
ATOM 265  H HZ3  . LYS A 1 16 ? 2.915   -1.357  14.251  1.00 0.00  ? 17 LYS A HZ3  1 
ATOM 266  N N    . GLY A 1 17 ? 1.907   -8.752  14.378  1.00 44.15 ? 18 GLY A N    1 
ATOM 267  C CA   . GLY A 1 17 ? 0.585   -9.349  14.725  1.00 42.14 ? 18 GLY A CA   1 
ATOM 268  C C    . GLY A 1 17 ? -0.349  -8.253  15.238  1.00 41.69 ? 18 GLY A C    1 
ATOM 269  O O    . GLY A 1 17 ? -1.159  -8.476  16.118  1.00 40.67 ? 18 GLY A O    1 
ATOM 270  H H    . GLY A 1 17 ? 2.093   -8.481  13.456  1.00 0.00  ? 18 GLY A H    1 
ATOM 271  H HA2  . GLY A 1 17 ? 0.157   -9.809  13.845  1.00 0.00  ? 18 GLY A HA2  1 
ATOM 272  H HA3  . GLY A 1 17 ? 0.716   -10.095 15.494  1.00 0.00  ? 18 GLY A HA3  1 
ATOM 273  N N    . GLN A 1 18 ? -0.240  -7.070  14.689  1.00 39.26 ? 19 GLN A N    1 
ATOM 274  C CA   . GLN A 1 18 ? -1.118  -5.947  15.133  1.00 38.62 ? 19 GLN A CA   1 
ATOM 275  C C    . GLN A 1 18 ? -2.064  -5.512  14.003  1.00 34.55 ? 19 GLN A C    1 
ATOM 276  O O    . GLN A 1 18 ? -2.934  -4.686  14.207  1.00 34.98 ? 19 GLN A O    1 
ATOM 277  C CB   . GLN A 1 18 ? -0.154  -4.816  15.490  1.00 40.98 ? 19 GLN A CB   1 
ATOM 278  C CG   . GLN A 1 18 ? -0.906  -3.723  16.251  1.00 47.26 ? 19 GLN A CG   1 
ATOM 279  C CD   . GLN A 1 18 ? -1.267  -4.229  17.649  1.00 55.29 ? 19 GLN A CD   1 
ATOM 280  O OE1  . GLN A 1 18 ? -0.408  -4.671  18.387  1.00 58.21 ? 19 GLN A OE1  1 
ATOM 281  N NE2  . GLN A 1 18 ? -2.508  -4.183  18.046  1.00 56.68 ? 19 GLN A NE2  1 
ATOM 282  H H    . GLN A 1 18 ? 0.419   -6.921  13.980  1.00 0.00  ? 19 GLN A H    1 
ATOM 283  H HA   . GLN A 1 18 ? -1.681  -6.235  16.006  1.00 0.00  ? 19 GLN A HA   1 
ATOM 284  H HB2  . GLN A 1 18 ? 0.641   -5.204  16.111  1.00 0.00  ? 19 GLN A HB2  1 
ATOM 285  H HB3  . GLN A 1 18 ? 0.265   -4.400  14.586  1.00 0.00  ? 19 GLN A HB3  1 
ATOM 286  H HG2  . GLN A 1 18 ? -0.277  -2.849  16.334  1.00 0.00  ? 19 GLN A HG2  1 
ATOM 287  H HG3  . GLN A 1 18 ? -1.809  -3.469  15.718  1.00 0.00  ? 19 GLN A HG3  1 
ATOM 288  H HE21 . GLN A 1 18 ? -3.201  -3.826  17.451  1.00 0.00  ? 19 GLN A HE21 1 
ATOM 289  H HE22 . GLN A 1 18 ? -2.749  -4.504  18.940  1.00 0.00  ? 19 GLN A HE22 1 
ATOM 290  N N    . GLY A 1 19 ? -1.908  -6.058  12.816  1.00 31.00 ? 20 GLY A N    1 
ATOM 291  C CA   . GLY A 1 19 ? -2.806  -5.670  11.689  1.00 26.09 ? 20 GLY A CA   1 
ATOM 292  C C    . GLY A 1 19 ? -2.411  -4.288  11.165  1.00 25.72 ? 20 GLY A C    1 
ATOM 293  O O    . GLY A 1 19 ? -3.257  -3.490  10.805  1.00 25.93 ? 20 GLY A O    1 
ATOM 294  H H    . GLY A 1 19 ? -1.208  -6.724  12.664  1.00 0.00  ? 20 GLY A H    1 
ATOM 295  H HA2  . GLY A 1 19 ? -2.715  -6.397  10.893  1.00 0.00  ? 20 GLY A HA2  1 
ATOM 296  H HA3  . GLY A 1 19 ? -3.828  -5.641  12.035  1.00 0.00  ? 20 GLY A HA3  1 
ATOM 297  N N    . ALA A 1 20 ? -1.134  -3.997  11.119  1.00 25.15 ? 21 ALA A N    1 
ATOM 298  C CA   . ALA A 1 20 ? -0.688  -2.663  10.616  1.00 26.96 ? 21 ALA A CA   1 
ATOM 299  C C    . ALA A 1 20 ? 0.822   -2.658  10.358  1.00 28.57 ? 21 ALA A C    1 
ATOM 300  O O    . ALA A 1 20 ? 1.618   -2.837  11.261  1.00 30.08 ? 21 ALA A O    1 
ATOM 301  C CB   . ALA A 1 20 ? -1.044  -1.679  11.731  1.00 26.78 ? 21 ALA A CB   1 
ATOM 302  H H    . ALA A 1 20 ? -0.471  -4.657  11.414  1.00 0.00  ? 21 ALA A H    1 
ATOM 303  H HA   . ALA A 1 20 ? -1.216  -2.403  9.714   1.00 0.00  ? 21 ALA A HA   1 
ATOM 304  H HB1  . ALA A 1 20 ? -0.418  -1.867  12.590  1.00 0.00  ? 21 ALA A HB1  1 
ATOM 305  H HB2  . ALA A 1 20 ? -2.081  -1.807  12.005  1.00 0.00  ? 21 ALA A HB2  1 
ATOM 306  H HB3  . ALA A 1 20 ? -0.885  -0.669  11.384  1.00 0.00  ? 21 ALA A HB3  1 
ATOM 307  N N    . ILE A 1 21 ? 1.214   -2.443  9.127   1.00 28.46 ? 22 ILE A N    1 
ATOM 308  C CA   . ILE A 1 21 ? 2.672   -2.413  8.793   1.00 27.46 ? 22 ILE A CA   1 
ATOM 309  C C    . ILE A 1 21 ? 3.180   -0.968  8.854   1.00 27.56 ? 22 ILE A C    1 
ATOM 310  O O    . ILE A 1 21 ? 2.433   -0.035  8.631   1.00 26.87 ? 22 ILE A O    1 
ATOM 311  C CB   . ILE A 1 21 ? 2.795   -2.982  7.367   1.00 28.02 ? 22 ILE A CB   1 
ATOM 312  C CG1  . ILE A 1 21 ? 2.094   -2.062  6.356   1.00 25.93 ? 22 ILE A CG1  1 
ATOM 313  C CG2  . ILE A 1 21 ? 2.161   -4.375  7.306   1.00 29.23 ? 22 ILE A CG2  1 
ATOM 314  C CD1  . ILE A 1 21 ? 2.393   -2.545  4.935   1.00 32.93 ? 22 ILE A CD1  1 
ATOM 315  H H    . ILE A 1 21 ? 0.545   -2.297  8.428   1.00 0.00  ? 22 ILE A H    1 
ATOM 316  H HA   . ILE A 1 21 ? 3.225   -3.031  9.484   1.00 0.00  ? 22 ILE A HA   1 
ATOM 317  H HB   . ILE A 1 21 ? 3.843   -3.062  7.110   1.00 0.00  ? 22 ILE A HB   1 
ATOM 318  H HG12 . ILE A 1 21 ? 1.027   -2.083  6.527   1.00 0.00  ? 22 ILE A HG12 1 
ATOM 319  H HG13 . ILE A 1 21 ? 2.461   -1.051  6.474   1.00 0.00  ? 22 ILE A HG13 1 
ATOM 320  H HG21 . ILE A 1 21 ? 2.546   -4.981  8.114   1.00 0.00  ? 22 ILE A HG21 1 
ATOM 321  H HG22 . ILE A 1 21 ? 2.401   -4.840  6.362   1.00 0.00  ? 22 ILE A HG22 1 
ATOM 322  H HG23 . ILE A 1 21 ? 1.089   -4.286  7.402   1.00 0.00  ? 22 ILE A HG23 1 
ATOM 323  H HD11 . ILE A 1 21 ? 3.459   -2.675  4.817   1.00 0.00  ? 22 ILE A HD11 1 
ATOM 324  H HD12 . ILE A 1 21 ? 2.038   -1.812  4.225   1.00 0.00  ? 22 ILE A HD12 1 
ATOM 325  H HD13 . ILE A 1 21 ? 1.893   -3.486  4.763   1.00 0.00  ? 22 ILE A HD13 1 
ATOM 326  N N    . ALA A 1 22 ? 4.441   -0.779  9.145   1.00 27.35 ? 23 ALA A N    1 
ATOM 327  C CA   . ALA A 1 22 ? 4.989   0.611   9.213   1.00 29.55 ? 23 ALA A CA   1 
ATOM 328  C C    . ALA A 1 22 ? 4.872   1.286   7.843   1.00 29.77 ? 23 ALA A C    1 
ATOM 329  O O    . ALA A 1 22 ? 4.663   0.635   6.836   1.00 27.65 ? 23 ALA A O    1 
ATOM 330  C CB   . ALA A 1 22 ? 6.456   0.454   9.619   1.00 29.49 ? 23 ALA A CB   1 
ATOM 331  H H    . ALA A 1 22 ? 5.024   -1.549  9.313   1.00 0.00  ? 23 ALA A H    1 
ATOM 332  H HA   . ALA A 1 22 ? 4.456   1.186   9.952   1.00 0.00  ? 23 ALA A HA   1 
ATOM 333  H HB1  . ALA A 1 22 ? 6.936   -0.259  8.964   1.00 0.00  ? 23 ALA A HB1  1 
ATOM 334  H HB2  . ALA A 1 22 ? 6.512   0.102   10.638  1.00 0.00  ? 23 ALA A HB2  1 
ATOM 335  H HB3  . ALA A 1 22 ? 6.955   1.408   9.539   1.00 0.00  ? 23 ALA A HB3  1 
ATOM 336  N N    . LYS A 1 23 ? 5.008   2.584   7.803   1.00 32.05 ? 24 LYS A N    1 
ATOM 337  C CA   . LYS A 1 23 ? 4.911   3.319   6.503   1.00 34.79 ? 24 LYS A CA   1 
ATOM 338  C C    . LYS A 1 23 ? 6.188   3.134   5.670   1.00 36.23 ? 24 LYS A C    1 
ATOM 339  O O    . LYS A 1 23 ? 6.261   3.579   4.540   1.00 35.59 ? 24 LYS A O    1 
ATOM 340  C CB   . LYS A 1 23 ? 4.735   4.795   6.882   1.00 35.85 ? 24 LYS A CB   1 
ATOM 341  C CG   . LYS A 1 23 ? 3.309   5.257   6.557   1.00 39.80 ? 24 LYS A CG   1 
ATOM 342  C CD   . LYS A 1 23 ? 3.339   6.666   5.947   1.00 47.00 ? 24 LYS A CD   1 
ATOM 343  C CE   . LYS A 1 23 ? 3.968   7.655   6.937   1.00 49.63 ? 24 LYS A CE   1 
ATOM 344  N NZ   . LYS A 1 23 ? 3.102   8.865   6.878   1.00 57.73 ? 24 LYS A NZ   1 
ATOM 345  H H    . LYS A 1 23 ? 5.185   3.078   8.629   1.00 0.00  ? 24 LYS A H    1 
ATOM 346  H HA   . LYS A 1 23 ? 4.058   2.978   5.942   1.00 0.00  ? 24 LYS A HA   1 
ATOM 347  H HB2  . LYS A 1 23 ? 4.919   4.919   7.940   1.00 0.00  ? 24 LYS A HB2  1 
ATOM 348  H HB3  . LYS A 1 23 ? 5.440   5.395   6.326   1.00 0.00  ? 24 LYS A HB3  1 
ATOM 349  H HG2  . LYS A 1 23 ? 2.860   4.571   5.852   1.00 0.00  ? 24 LYS A HG2  1 
ATOM 350  H HG3  . LYS A 1 23 ? 2.723   5.272   7.462   1.00 0.00  ? 24 LYS A HG3  1 
ATOM 351  H HD2  . LYS A 1 23 ? 3.921   6.650   5.037   1.00 0.00  ? 24 LYS A HD2  1 
ATOM 352  H HD3  . LYS A 1 23 ? 2.330   6.979   5.722   1.00 0.00  ? 24 LYS A HD3  1 
ATOM 353  H HE2  . LYS A 1 23 ? 3.970   7.238   7.934   1.00 0.00  ? 24 LYS A HE2  1 
ATOM 354  H HE3  . LYS A 1 23 ? 4.972   7.905   6.631   1.00 0.00  ? 24 LYS A HE3  1 
ATOM 355  H HZ1  . LYS A 1 23 ? 3.144   9.276   5.925   1.00 0.00  ? 24 LYS A HZ1  1 
ATOM 356  H HZ2  . LYS A 1 23 ? 3.437   9.564   7.573   1.00 0.00  ? 24 LYS A HZ2  1 
ATOM 357  H HZ3  . LYS A 1 23 ? 2.121   8.601   7.096   1.00 0.00  ? 24 LYS A HZ3  1 
ATOM 358  N N    . ASP A 1 24 ? 7.189   2.483   6.209   1.00 35.67 ? 25 ASP A N    1 
ATOM 359  C CA   . ASP A 1 24 ? 8.451   2.275   5.436   1.00 37.10 ? 25 ASP A CA   1 
ATOM 360  C C    . ASP A 1 24 ? 8.339   1.039   4.529   1.00 35.36 ? 25 ASP A C    1 
ATOM 361  O O    . ASP A 1 24 ? 9.269   0.699   3.824   1.00 34.84 ? 25 ASP A O    1 
ATOM 362  C CB   . ASP A 1 24 ? 9.531   2.059   6.498   1.00 39.14 ? 25 ASP A CB   1 
ATOM 363  C CG   . ASP A 1 24 ? 9.793   3.373   7.241   1.00 45.04 ? 25 ASP A CG   1 
ATOM 364  O OD1  . ASP A 1 24 ? 9.663   4.417   6.624   1.00 48.47 ? 25 ASP A OD1  1 
ATOM 365  O OD2  . ASP A 1 24 ? 10.121  3.310   8.414   1.00 54.29 ? 25 ASP A OD2  1 
ATOM 366  H H    . ASP A 1 24 ? 7.112   2.127   7.116   1.00 0.00  ? 25 ASP A H    1 
ATOM 367  H HA   . ASP A 1 24 ? 8.683   3.152   4.854   1.00 0.00  ? 25 ASP A HA   1 
ATOM 368  H HB2  . ASP A 1 24 ? 9.198   1.308   7.201   1.00 0.00  ? 25 ASP A HB2  1 
ATOM 369  H HB3  . ASP A 1 24 ? 10.442  1.728   6.023   1.00 0.00  ? 25 ASP A HB3  1 
ATOM 370  N N    . SER A 1 25 ? 7.214   0.360   4.551   1.00 31.56 ? 26 SER A N    1 
ATOM 371  C CA   . SER A 1 25 ? 7.054   -0.857  3.702   1.00 30.45 ? 26 SER A CA   1 
ATOM 372  C C    . SER A 1 25 ? 6.050   -0.621  2.562   1.00 27.54 ? 26 SER A C    1 
ATOM 373  O O    . SER A 1 25 ? 5.738   -1.529  1.819   1.00 28.55 ? 26 SER A O    1 
ATOM 374  C CB   . SER A 1 25 ? 6.524   -1.916  4.666   1.00 31.53 ? 26 SER A CB   1 
ATOM 375  O OG   . SER A 1 25 ? 7.614   -2.672  5.178   1.00 34.04 ? 26 SER A OG   1 
ATOM 376  H H    . SER A 1 25 ? 6.482   0.641   5.134   1.00 0.00  ? 26 SER A H    1 
ATOM 377  H HA   . SER A 1 25 ? 8.010   -1.166  3.313   1.00 0.00  ? 26 SER A HA   1 
ATOM 378  H HB2  . SER A 1 25 ? 6.012   -1.433  5.485   1.00 0.00  ? 26 SER A HB2  1 
ATOM 379  H HB3  . SER A 1 25 ? 5.833   -2.564  4.144   1.00 0.00  ? 26 SER A HB3  1 
ATOM 380  H HG   . SER A 1 25 ? 8.110   -2.110  5.777   1.00 0.00  ? 26 SER A HG   1 
ATOM 381  N N    . LEU A 1 26 ? 5.518   0.574   2.432   1.00 26.02 ? 27 LEU A N    1 
ATOM 382  C CA   . LEU A 1 26 ? 4.508   0.846   1.350   1.00 24.02 ? 27 LEU A CA   1 
ATOM 383  C C    . LEU A 1 26 ? 5.024   0.417   -0.028  1.00 23.59 ? 27 LEU A C    1 
ATOM 384  O O    . LEU A 1 26 ? 4.440   -0.429  -0.675  1.00 24.02 ? 27 LEU A O    1 
ATOM 385  C CB   . LEU A 1 26 ? 4.301   2.359   1.376   1.00 23.09 ? 27 LEU A CB   1 
ATOM 386  C CG   . LEU A 1 26 ? 3.017   2.696   2.138   1.00 22.11 ? 27 LEU A CG   1 
ATOM 387  C CD1  . LEU A 1 26 ? 3.247   2.515   3.638   1.00 20.32 ? 27 LEU A CD1  1 
ATOM 388  C CD2  . LEU A 1 26 ? 2.627   4.149   1.856   1.00 24.61 ? 27 LEU A CD2  1 
ATOM 389  H H    . LEU A 1 26 ? 5.756   1.288   3.057   1.00 0.00  ? 27 LEU A H    1 
ATOM 390  H HA   . LEU A 1 26 ? 3.582   0.347   1.584   1.00 0.00  ? 27 LEU A HA   1 
ATOM 391  H HB2  . LEU A 1 26 ? 5.144   2.818   1.863   1.00 0.00  ? 27 LEU A HB2  1 
ATOM 392  H HB3  . LEU A 1 26 ? 4.225   2.730   0.366   1.00 0.00  ? 27 LEU A HB3  1 
ATOM 393  H HG   . LEU A 1 26 ? 2.224   2.039   1.813   1.00 0.00  ? 27 LEU A HG   1 
ATOM 394  H HD11 . LEU A 1 26 ? 2.319   2.236   4.112   1.00 0.00  ? 27 LEU A HD11 1 
ATOM 395  H HD12 . LEU A 1 26 ? 3.603   3.442   4.061   1.00 0.00  ? 27 LEU A HD12 1 
ATOM 396  H HD13 . LEU A 1 26 ? 3.980   1.740   3.799   1.00 0.00  ? 27 LEU A HD13 1 
ATOM 397  H HD21 . LEU A 1 26 ? 1.628   4.331   2.223   1.00 0.00  ? 27 LEU A HD21 1 
ATOM 398  H HD22 . LEU A 1 26 ? 2.656   4.329   0.791   1.00 0.00  ? 27 LEU A HD22 1 
ATOM 399  H HD23 . LEU A 1 26 ? 3.320   4.811   2.352   1.00 0.00  ? 27 LEU A HD23 1 
ATOM 400  N N    . GLY A 1 27 ? 6.110   0.998   -0.483  1.00 24.01 ? 28 GLY A N    1 
ATOM 401  C CA   . GLY A 1 27 ? 6.660   0.628   -1.824  1.00 22.33 ? 28 GLY A CA   1 
ATOM 402  C C    . GLY A 1 27 ? 7.012   -0.858  -1.832  1.00 22.79 ? 28 GLY A C    1 
ATOM 403  O O    . GLY A 1 27 ? 6.707   -1.576  -2.765  1.00 21.86 ? 28 GLY A O    1 
ATOM 404  H H    . GLY A 1 27 ? 6.565   1.679   0.054   1.00 0.00  ? 28 GLY A H    1 
ATOM 405  H HA2  . GLY A 1 27 ? 5.919   0.829   -2.586  1.00 0.00  ? 28 GLY A HA2  1 
ATOM 406  H HA3  . GLY A 1 27 ? 7.548   1.206   -2.023  1.00 0.00  ? 28 GLY A HA3  1 
ATOM 407  N N    . ASP A 1 28 ? 7.648   -1.320  -0.789  1.00 21.95 ? 29 ASP A N    1 
ATOM 408  C CA   . ASP A 1 28 ? 8.023   -2.764  -0.709  1.00 22.69 ? 29 ASP A CA   1 
ATOM 409  C C    . ASP A 1 28 ? 6.773   -3.650  -0.792  1.00 21.48 ? 29 ASP A C    1 
ATOM 410  O O    . ASP A 1 28 ? 6.862   -4.829  -1.077  1.00 21.82 ? 29 ASP A O    1 
ATOM 411  C CB   . ASP A 1 28 ? 8.691   -2.926  0.660   1.00 24.56 ? 29 ASP A CB   1 
ATOM 412  C CG   . ASP A 1 28 ? 9.712   -4.065  0.601   1.00 31.96 ? 29 ASP A CG   1 
ATOM 413  O OD1  . ASP A 1 28 ? 9.470   -5.016  -0.126  1.00 37.61 ? 29 ASP A OD1  1 
ATOM 414  O OD2  . ASP A 1 28 ? 10.718  -3.968  1.285   1.00 35.05 ? 29 ASP A OD2  1 
ATOM 415  H H    . ASP A 1 28 ? 7.878   -0.713  -0.053  1.00 0.00  ? 29 ASP A H    1 
ATOM 416  H HA   . ASP A 1 28 ? 8.727   -3.014  -1.486  1.00 0.00  ? 29 ASP A HA   1 
ATOM 417  H HB2  . ASP A 1 28 ? 9.192   -2.007  0.926   1.00 0.00  ? 29 ASP A HB2  1 
ATOM 418  H HB3  . ASP A 1 28 ? 7.942   -3.155  1.401   1.00 0.00  ? 29 ASP A HB3  1 
ATOM 419  N N    . TYR A 1 29 ? 5.609   -3.095  -0.530  1.00 21.75 ? 30 TYR A N    1 
ATOM 420  C CA   . TYR A 1 29 ? 4.362   -3.906  -0.578  1.00 19.70 ? 30 TYR A CA   1 
ATOM 421  C C    . TYR A 1 29 ? 3.724   -3.829  -1.977  1.00 20.68 ? 30 TYR A C    1 
ATOM 422  O O    . TYR A 1 29 ? 3.117   -4.776  -2.440  1.00 19.84 ? 30 TYR A O    1 
ATOM 423  C CB   . TYR A 1 29 ? 3.468   -3.263  0.496   1.00 21.61 ? 30 TYR A CB   1 
ATOM 424  C CG   . TYR A 1 29 ? 2.047   -3.764  0.378   1.00 17.67 ? 30 TYR A CG   1 
ATOM 425  C CD1  . TYR A 1 29 ? 1.172   -3.127  -0.501  1.00 18.49 ? 30 TYR A CD1  1 
ATOM 426  C CD2  . TYR A 1 29 ? 1.614   -4.856  1.137   1.00 17.75 ? 30 TYR A CD2  1 
ATOM 427  C CE1  . TYR A 1 29 ? -0.146  -3.580  -0.628  1.00 15.88 ? 30 TYR A CE1  1 
ATOM 428  C CE2  . TYR A 1 29 ? 0.296   -5.311  1.012   1.00 17.35 ? 30 TYR A CE2  1 
ATOM 429  C CZ   . TYR A 1 29 ? -0.584  -4.672  0.130   1.00 19.10 ? 30 TYR A CZ   1 
ATOM 430  O OH   . TYR A 1 29 ? -1.882  -5.120  0.007   1.00 20.49 ? 30 TYR A OH   1 
ATOM 431  H H    . TYR A 1 29 ? 5.553   -2.142  -0.291  1.00 0.00  ? 30 TYR A H    1 
ATOM 432  H HA   . TYR A 1 29 ? 4.570   -4.929  -0.308  1.00 0.00  ? 30 TYR A HA   1 
ATOM 433  H HB2  . TYR A 1 29 ? 3.851   -3.511  1.474   1.00 0.00  ? 30 TYR A HB2  1 
ATOM 434  H HB3  . TYR A 1 29 ? 3.478   -2.189  0.371   1.00 0.00  ? 30 TYR A HB3  1 
ATOM 435  H HD1  . TYR A 1 29 ? 1.516   -2.286  -1.083  1.00 0.00  ? 30 TYR A HD1  1 
ATOM 436  H HD2  . TYR A 1 29 ? 2.294   -5.346  1.818   1.00 0.00  ? 30 TYR A HD2  1 
ATOM 437  H HE1  . TYR A 1 29 ? -0.824  -3.087  -1.309  1.00 0.00  ? 30 TYR A HE1  1 
ATOM 438  H HE2  . TYR A 1 29 ? -0.041  -6.153  1.596   1.00 0.00  ? 30 TYR A HE2  1 
ATOM 439  H HH   . TYR A 1 29 ? -2.401  -4.725  0.712   1.00 0.00  ? 30 TYR A HH   1 
ATOM 440  N N    . LEU A 1 30 ? 3.840   -2.703  -2.637  1.00 20.97 ? 31 LEU A N    1 
ATOM 441  C CA   . LEU A 1 30 ? 3.220   -2.558  -3.991  1.00 22.71 ? 31 LEU A CA   1 
ATOM 442  C C    . LEU A 1 30 ? 3.920   -3.476  -4.998  1.00 25.08 ? 31 LEU A C    1 
ATOM 443  O O    . LEU A 1 30 ? 3.306   -4.003  -5.905  1.00 26.02 ? 31 LEU A O    1 
ATOM 444  C CB   . LEU A 1 30 ? 3.416   -1.090  -4.371  1.00 22.08 ? 31 LEU A CB   1 
ATOM 445  C CG   . LEU A 1 30 ? 2.596   -0.204  -3.433  1.00 22.03 ? 31 LEU A CG   1 
ATOM 446  C CD1  . LEU A 1 30 ? 2.962   1.263   -3.664  1.00 20.97 ? 31 LEU A CD1  1 
ATOM 447  C CD2  . LEU A 1 30 ? 1.106   -0.408  -3.713  1.00 21.05 ? 31 LEU A CD2  1 
ATOM 448  H H    . LEU A 1 30 ? 4.320   -1.949  -2.235  1.00 0.00  ? 31 LEU A H    1 
ATOM 449  H HA   . LEU A 1 30 ? 2.170   -2.782  -3.923  1.00 0.00  ? 31 LEU A HA   1 
ATOM 450  H HB2  . LEU A 1 30 ? 4.461   -0.834  -4.288  1.00 0.00  ? 31 LEU A HB2  1 
ATOM 451  H HB3  . LEU A 1 30 ? 3.088   -0.933  -5.388  1.00 0.00  ? 31 LEU A HB3  1 
ATOM 452  H HG   . LEU A 1 30 ? 2.811   -0.471  -2.408  1.00 0.00  ? 31 LEU A HG   1 
ATOM 453  H HD11 . LEU A 1 30 ? 2.414   1.640   -4.515  1.00 0.00  ? 31 LEU A HD11 1 
ATOM 454  H HD12 . LEU A 1 30 ? 4.022   1.344   -3.853  1.00 0.00  ? 31 LEU A HD12 1 
ATOM 455  H HD13 . LEU A 1 30 ? 2.707   1.840   -2.787  1.00 0.00  ? 31 LEU A HD13 1 
ATOM 456  H HD21 . LEU A 1 30 ? 0.568   0.499   -3.479  1.00 0.00  ? 31 LEU A HD21 1 
ATOM 457  H HD22 . LEU A 1 30 ? 0.731   -1.216  -3.102  1.00 0.00  ? 31 LEU A HD22 1 
ATOM 458  H HD23 . LEU A 1 30 ? 0.966   -0.651  -4.756  1.00 0.00  ? 31 LEU A HD23 1 
ATOM 459  N N    . ARG A 1 31 ? 5.202   -3.665  -4.832  1.00 27.00 ? 32 ARG A N    1 
ATOM 460  C CA   . ARG A 1 31 ? 5.965   -4.547  -5.768  1.00 28.95 ? 32 ARG A CA   1 
ATOM 461  C C    . ARG A 1 31 ? 5.565   -6.009  -5.560  1.00 27.88 ? 32 ARG A C    1 
ATOM 462  O O    . ARG A 1 31 ? 5.432   -6.766  -6.503  1.00 28.59 ? 32 ARG A O    1 
ATOM 463  C CB   . ARG A 1 31 ? 7.435   -4.335  -5.404  1.00 29.10 ? 32 ARG A CB   1 
ATOM 464  C CG   . ARG A 1 31 ? 7.862   -2.929  -5.827  1.00 33.36 ? 32 ARG A CG   1 
ATOM 465  C CD   . ARG A 1 31 ? 9.377   -2.782  -5.660  1.00 40.39 ? 32 ARG A CD   1 
ATOM 466  N NE   . ARG A 1 31 ? 9.654   -1.341  -5.915  1.00 44.09 ? 32 ARG A NE   1 
ATOM 467  C CZ   . ARG A 1 31 ? 10.412  -0.667  -5.094  1.00 48.28 ? 32 ARG A CZ   1 
ATOM 468  N NH1  . ARG A 1 31 ? 10.143  -0.654  -3.817  1.00 50.55 ? 32 ARG A NH1  1 
ATOM 469  N NH2  . ARG A 1 31 ? 11.440  -0.005  -5.551  1.00 48.35 ? 32 ARG A NH2  1 
ATOM 470  H H    . ARG A 1 31 ? 5.655   -3.226  -4.082  1.00 0.00  ? 32 ARG A H    1 
ATOM 471  H HA   . ARG A 1 31 ? 5.795   -4.253  -6.790  1.00 0.00  ? 32 ARG A HA   1 
ATOM 472  H HB2  . ARG A 1 31 ? 7.562   -4.447  -4.337  1.00 0.00  ? 32 ARG A HB2  1 
ATOM 473  H HB3  . ARG A 1 31 ? 8.042   -5.065  -5.919  1.00 0.00  ? 32 ARG A HB3  1 
ATOM 474  H HG2  . ARG A 1 31 ? 7.594   -2.769  -6.861  1.00 0.00  ? 32 ARG A HG2  1 
ATOM 475  H HG3  . ARG A 1 31 ? 7.361   -2.200  -5.208  1.00 0.00  ? 32 ARG A HG3  1 
ATOM 476  H HD2  . ARG A 1 31 ? 9.670   -3.052  -4.654  1.00 0.00  ? 32 ARG A HD2  1 
ATOM 477  H HD3  . ARG A 1 31 ? 9.897   -3.392  -6.382  1.00 0.00  ? 32 ARG A HD3  1 
ATOM 478  H HE   . ARG A 1 31 ? 9.267   -0.900  -6.700  1.00 0.00  ? 32 ARG A HE   1 
ATOM 479  H HH11 . ARG A 1 31 ? 9.355   -1.162  -3.468  1.00 0.00  ? 32 ARG A HH11 1 
ATOM 480  H HH12 . ARG A 1 31 ? 10.723  -0.138  -3.189  1.00 0.00  ? 32 ARG A HH12 1 
ATOM 481  H HH21 . ARG A 1 31 ? 11.647  -0.014  -6.530  1.00 0.00  ? 32 ARG A HH21 1 
ATOM 482  H HH22 . ARG A 1 31 ? 12.021  0.511   -4.922  1.00 0.00  ? 32 ARG A HH22 1 
ATOM 483  N N    . ALA A 1 32 ? 5.379   -6.407  -4.330  1.00 26.31 ? 33 ALA A N    1 
ATOM 484  C CA   . ALA A 1 32 ? 4.991   -7.822  -4.043  1.00 26.59 ? 33 ALA A CA   1 
ATOM 485  C C    . ALA A 1 32 ? 3.562   -8.111  -4.523  1.00 26.59 ? 33 ALA A C    1 
ATOM 486  O O    . ALA A 1 32 ? 3.171   -9.257  -4.651  1.00 28.31 ? 33 ALA A O    1 
ATOM 487  C CB   . ALA A 1 32 ? 5.079   -7.960  -2.522  1.00 27.27 ? 33 ALA A CB   1 
ATOM 488  H H    . ALA A 1 32 ? 5.502   -5.772  -3.593  1.00 0.00  ? 33 ALA A H    1 
ATOM 489  H HA   . ALA A 1 32 ? 5.687   -8.502  -4.510  1.00 0.00  ? 33 ALA A HA   1 
ATOM 490  H HB1  . ALA A 1 32 ? 4.121   -7.725  -2.084  1.00 0.00  ? 33 ALA A HB1  1 
ATOM 491  H HB2  . ALA A 1 32 ? 5.826   -7.280  -2.142  1.00 0.00  ? 33 ALA A HB2  1 
ATOM 492  H HB3  . ALA A 1 32 ? 5.351   -8.974  -2.268  1.00 0.00  ? 33 ALA A HB3  1 
ATOM 493  N N    . ILE A 1 33 ? 2.776   -7.089  -4.781  1.00 25.51 ? 34 ILE A N    1 
ATOM 494  C CA   . ILE A 1 33 ? 1.373   -7.328  -5.240  1.00 26.96 ? 34 ILE A CA   1 
ATOM 495  C C    . ILE A 1 33 ? 1.224   -7.096  -6.750  1.00 27.32 ? 34 ILE A C    1 
ATOM 496  O O    . ILE A 1 33 ? 0.252   -7.531  -7.341  1.00 28.29 ? 34 ILE A O    1 
ATOM 497  C CB   . ILE A 1 33 ? 0.496   -6.357  -4.441  1.00 26.92 ? 34 ILE A CB   1 
ATOM 498  C CG1  . ILE A 1 33 ? 0.891   -4.909  -4.731  1.00 26.75 ? 34 ILE A CG1  1 
ATOM 499  C CG2  . ILE A 1 33 ? 0.661   -6.632  -2.945  1.00 22.89 ? 34 ILE A CG2  1 
ATOM 500  C CD1  . ILE A 1 33 ? -0.157  -3.979  -4.115  1.00 26.10 ? 34 ILE A CD1  1 
ATOM 501  H H    . ILE A 1 33 ? 3.104   -6.175  -4.666  1.00 0.00  ? 34 ILE A H    1 
ATOM 502  H HA   . ILE A 1 33 ? 1.070   -8.338  -5.007  1.00 0.00  ? 34 ILE A HA   1 
ATOM 503  H HB   . ILE A 1 33 ? -0.539  -6.507  -4.716  1.00 0.00  ? 34 ILE A HB   1 
ATOM 504  H HG12 . ILE A 1 33 ? 1.858   -4.703  -4.297  1.00 0.00  ? 34 ILE A HG12 1 
ATOM 505  H HG13 . ILE A 1 33 ? 0.930   -4.750  -5.798  1.00 0.00  ? 34 ILE A HG13 1 
ATOM 506  H HG21 . ILE A 1 33 ? 0.357   -7.646  -2.730  1.00 0.00  ? 34 ILE A HG21 1 
ATOM 507  H HG22 . ILE A 1 33 ? 0.044   -5.945  -2.383  1.00 0.00  ? 34 ILE A HG22 1 
ATOM 508  H HG23 . ILE A 1 33 ? 1.695   -6.498  -2.666  1.00 0.00  ? 34 ILE A HG23 1 
ATOM 509  H HD11 . ILE A 1 33 ? -0.378  -4.302  -3.109  1.00 0.00  ? 34 ILE A HD11 1 
ATOM 510  H HD12 . ILE A 1 33 ? -1.059  -4.011  -4.708  1.00 0.00  ? 34 ILE A HD12 1 
ATOM 511  H HD13 . ILE A 1 33 ? 0.222   -2.969  -4.093  1.00 0.00  ? 34 ILE A HD13 1 
ATOM 512  N N    . GLY A 1 34 ? 2.173   -6.448  -7.395  1.00 28.08 ? 35 GLY A N    1 
ATOM 513  C CA   . GLY A 1 34 ? 2.049   -6.244  -8.869  1.00 30.76 ? 35 GLY A CA   1 
ATOM 514  C C    . GLY A 1 34 ? 2.312   -4.787  -9.252  1.00 31.42 ? 35 GLY A C    1 
ATOM 515  O O    . GLY A 1 34 ? 2.477   -4.480  -10.419 1.00 33.59 ? 35 GLY A O    1 
ATOM 516  H H    . GLY A 1 34 ? 2.966   -6.113  -6.924  1.00 0.00  ? 35 GLY A H    1 
ATOM 517  H HA2  . GLY A 1 34 ? 2.763   -6.878  -9.374  1.00 0.00  ? 35 GLY A HA2  1 
ATOM 518  H HA3  . GLY A 1 34 ? 1.051   -6.516  -9.181  1.00 0.00  ? 35 GLY A HA3  1 
ATOM 519  N N    . TYR A 1 35 ? 2.344   -3.882  -8.302  1.00 30.43 ? 36 TYR A N    1 
ATOM 520  C CA   . TYR A 1 35 ? 2.586   -2.454  -8.658  1.00 30.64 ? 36 TYR A CA   1 
ATOM 521  C C    . TYR A 1 35 ? 4.066   -2.091  -8.535  1.00 32.70 ? 36 TYR A C    1 
ATOM 522  O O    . TYR A 1 35 ? 4.749   -2.453  -7.598  1.00 32.50 ? 36 TYR A O    1 
ATOM 523  C CB   . TYR A 1 35 ? 1.736   -1.632  -7.692  1.00 28.28 ? 36 TYR A CB   1 
ATOM 524  C CG   . TYR A 1 35 ? 0.272   -1.884  -7.962  1.00 24.96 ? 36 TYR A CG   1 
ATOM 525  C CD1  . TYR A 1 35 ? -0.234  -1.800  -9.266  1.00 29.12 ? 36 TYR A CD1  1 
ATOM 526  C CD2  . TYR A 1 35 ? -0.576  -2.204  -6.902  1.00 23.30 ? 36 TYR A CD2  1 
ATOM 527  C CE1  . TYR A 1 35 ? -1.593  -2.038  -9.505  1.00 25.56 ? 36 TYR A CE1  1 
ATOM 528  C CE2  . TYR A 1 35 ? -1.933  -2.444  -7.138  1.00 27.64 ? 36 TYR A CE2  1 
ATOM 529  C CZ   . TYR A 1 35 ? -2.442  -2.361  -8.440  1.00 28.57 ? 36 TYR A CZ   1 
ATOM 530  O OH   . TYR A 1 35 ? -3.782  -2.599  -8.673  1.00 31.74 ? 36 TYR A OH   1 
ATOM 531  H H    . TYR A 1 35 ? 2.199   -4.135  -7.366  1.00 0.00  ? 36 TYR A H    1 
ATOM 532  H HA   . TYR A 1 35 ? 2.270   -2.276  -9.673  1.00 0.00  ? 36 TYR A HA   1 
ATOM 533  H HB2  . TYR A 1 35 ? 1.966   -1.919  -6.678  1.00 0.00  ? 36 TYR A HB2  1 
ATOM 534  H HB3  . TYR A 1 35 ? 1.949   -0.583  -7.827  1.00 0.00  ? 36 TYR A HB3  1 
ATOM 535  H HD1  . TYR A 1 35 ? 0.427   -1.550  -10.087 1.00 0.00  ? 36 TYR A HD1  1 
ATOM 536  H HD2  . TYR A 1 35 ? -0.182  -2.264  -5.900  1.00 0.00  ? 36 TYR A HD2  1 
ATOM 537  H HE1  . TYR A 1 35 ? -1.984  -1.974  -10.509 1.00 0.00  ? 36 TYR A HE1  1 
ATOM 538  H HE2  . TYR A 1 35 ? -2.585  -2.693  -6.318  1.00 0.00  ? 36 TYR A HE2  1 
ATOM 539  H HH   . TYR A 1 35 ? -4.247  -1.760  -8.611  1.00 0.00  ? 36 TYR A HH   1 
ATOM 540  N N    . ASN A 1 36 ? 4.540   -1.361  -9.501  0.50 33.72 ? 37 ASN A N    1 
ATOM 541  C CA   . ASN A 1 36 ? 5.967   -0.923  -9.519  0.50 35.22 ? 37 ASN A CA   1 
ATOM 542  C C    . ASN A 1 36 ? 6.047   0.604   -9.713  0.50 36.03 ? 37 ASN A C    1 
ATOM 543  O O    . ASN A 1 36 ? 6.709   1.073   -10.619 0.50 36.19 ? 37 ASN A O    1 
ATOM 544  C CB   . ASN A 1 36 ? 6.581   -1.649  -10.718 0.50 35.58 ? 37 ASN A CB   1 
ATOM 545  C CG   . ASN A 1 36 ? 7.047   -3.041  -10.287 0.50 36.37 ? 37 ASN A CG   1 
ATOM 546  O OD1  . ASN A 1 36 ? 6.353   -4.017  -10.491 0.50 36.10 ? 37 ASN A OD1  1 
ATOM 547  N ND2  . ASN A 1 36 ? 8.203   -3.174  -9.698  0.50 35.96 ? 37 ASN A ND2  1 
ATOM 548  H H    . ASN A 1 36 ? 3.932   -1.099  -10.221 1.00 0.00  ? 37 ASN A H    1 
ATOM 549  H HA   . ASN A 1 36 ? 6.474   -1.218  -8.615  1.00 0.00  ? 37 ASN A HA   1 
ATOM 550  H HB2  . ASN A 1 36 ? 5.841   -1.742  -11.500 1.00 0.00  ? 37 ASN A HB2  1 
ATOM 551  H HB3  . ASN A 1 36 ? 7.426   -1.085  -11.086 1.00 0.00  ? 37 ASN A HB3  1 
ATOM 552  H HD21 . ASN A 1 36 ? 8.764   -2.388  -9.534  1.00 0.00  ? 37 ASN A HD21 1 
ATOM 553  H HD22 . ASN A 1 36 ? 8.511   -4.061  -9.419  1.00 0.00  ? 37 ASN A HD22 1 
ATOM 554  N N    . PRO A 1 37 ? 5.367   1.340   -8.857  1.00 36.97 ? 38 PRO A N    1 
ATOM 555  C CA   . PRO A 1 37 ? 5.378   2.821   -8.964  1.00 38.58 ? 38 PRO A CA   1 
ATOM 556  C C    . PRO A 1 37 ? 6.720   3.389   -8.490  1.00 38.88 ? 38 PRO A C    1 
ATOM 557  O O    . PRO A 1 37 ? 7.688   2.670   -8.337  1.00 39.05 ? 38 PRO A O    1 
ATOM 558  C CB   . PRO A 1 37 ? 4.248   3.259   -8.036  1.00 39.61 ? 38 PRO A CB   1 
ATOM 559  C CG   . PRO A 1 37 ? 4.104   2.149   -7.045  1.00 39.31 ? 38 PRO A CG   1 
ATOM 560  C CD   . PRO A 1 37 ? 4.538   0.879   -7.731  1.00 38.13 ? 38 PRO A CD   1 
ATOM 561  H HA   . PRO A 1 37 ? 5.167   3.133   -9.974  1.00 0.00  ? 38 PRO A HA   1 
ATOM 562  H HB2  . PRO A 1 37 ? 4.511   4.182   -7.536  1.00 0.00  ? 38 PRO A HB2  1 
ATOM 563  H HB3  . PRO A 1 37 ? 3.331   3.378   -8.591  1.00 0.00  ? 38 PRO A HB3  1 
ATOM 564  H HG2  . PRO A 1 37 ? 4.735   2.339   -6.187  1.00 0.00  ? 38 PRO A HG2  1 
ATOM 565  H HG3  . PRO A 1 37 ? 3.075   2.060   -6.736  1.00 0.00  ? 38 PRO A HG3  1 
ATOM 566  H HD2  . PRO A 1 37 ? 5.117   0.264   -7.056  1.00 0.00  ? 38 PRO A HD2  1 
ATOM 567  H HD3  . PRO A 1 37 ? 3.682   0.337   -8.100  1.00 0.00  ? 38 PRO A HD3  1 
ATOM 568  N N    . THR A 1 38 ? 6.777   4.677   -8.257  1.00 39.96 ? 39 THR A N    1 
ATOM 569  C CA   . THR A 1 38 ? 8.048   5.307   -7.789  1.00 42.11 ? 39 THR A CA   1 
ATOM 570  C C    . THR A 1 38 ? 7.778   6.173   -6.558  1.00 43.37 ? 39 THR A C    1 
ATOM 571  O O    . THR A 1 38 ? 6.644   6.333   -6.144  1.00 42.15 ? 39 THR A O    1 
ATOM 572  C CB   . THR A 1 38 ? 8.515   6.171   -8.960  1.00 41.28 ? 39 THR A CB   1 
ATOM 573  O OG1  . THR A 1 38 ? 7.431   6.966   -9.422  1.00 44.14 ? 39 THR A OG1  1 
ATOM 574  C CG2  . THR A 1 38 ? 9.013   5.275   -10.094 1.00 43.99 ? 39 THR A CG2  1 
ATOM 575  H H    . THR A 1 38 ? 5.978   5.232   -8.388  1.00 0.00  ? 39 THR A H    1 
ATOM 576  H HA   . THR A 1 38 ? 8.786   4.552   -7.568  1.00 0.00  ? 39 THR A HA   1 
ATOM 577  H HB   . THR A 1 38 ? 9.318   6.814   -8.635  1.00 0.00  ? 39 THR A HB   1 
ATOM 578  H HG1  . THR A 1 38 ? 7.790   7.788   -9.763  1.00 0.00  ? 39 THR A HG1  1 
ATOM 579  H HG21 . THR A 1 38 ? 9.778   4.612   -9.720  1.00 0.00  ? 39 THR A HG21 1 
ATOM 580  H HG22 . THR A 1 38 ? 9.422   5.888   -10.884 1.00 0.00  ? 39 THR A HG22 1 
ATOM 581  H HG23 . THR A 1 38 ? 8.190   4.692   -10.481 1.00 0.00  ? 39 THR A HG23 1 
ATOM 582  N N    . ASN A 1 39 ? 8.806   6.734   -5.967  1.00 45.19 ? 40 ASN A N    1 
ATOM 583  C CA   . ASN A 1 39 ? 8.602   7.591   -4.754  1.00 45.97 ? 40 ASN A CA   1 
ATOM 584  C C    . ASN A 1 39 ? 7.673   8.763   -5.084  1.00 45.01 ? 40 ASN A C    1 
ATOM 585  O O    . ASN A 1 39 ? 6.821   9.127   -4.296  1.00 45.43 ? 40 ASN A O    1 
ATOM 586  C CB   . ASN A 1 39 ? 9.998   8.102   -4.384  1.00 47.41 ? 40 ASN A CB   1 
ATOM 587  C CG   . ASN A 1 39 ? 9.919   8.927   -3.099  1.00 51.39 ? 40 ASN A CG   1 
ATOM 588  O OD1  . ASN A 1 39 ? 9.779   10.133  -3.145  1.00 56.17 ? 40 ASN A OD1  1 
ATOM 589  N ND2  . ASN A 1 39 ? 10.002  8.324   -1.945  1.00 57.45 ? 40 ASN A ND2  1 
ATOM 590  H H    . ASN A 1 39 ? 9.714   6.591   -6.310  1.00 0.00  ? 40 ASN A H    1 
ATOM 591  H HA   . ASN A 1 39 ? 8.198   7.006   -3.943  1.00 0.00  ? 40 ASN A HA   1 
ATOM 592  H HB2  . ASN A 1 39 ? 10.660  7.261   -4.232  1.00 0.00  ? 40 ASN A HB2  1 
ATOM 593  H HB3  . ASN A 1 39 ? 10.378  8.721   -5.183  1.00 0.00  ? 40 ASN A HB3  1 
ATOM 594  H HD21 . ASN A 1 39 ? 10.115  7.351   -1.908  1.00 0.00  ? 40 ASN A HD21 1 
ATOM 595  H HD22 . ASN A 1 39 ? 9.952   8.843   -1.115  1.00 0.00  ? 40 ASN A HD22 1 
ATOM 596  N N    . GLN A 1 40 ? 7.825   9.349   -6.247  1.00 44.69 ? 41 GLN A N    1 
ATOM 597  C CA   . GLN A 1 40 ? 6.942   10.493  -6.634  1.00 45.27 ? 41 GLN A CA   1 
ATOM 598  C C    . GLN A 1 40 ? 5.481   10.035  -6.650  1.00 43.56 ? 41 GLN A C    1 
ATOM 599  O O    . GLN A 1 40 ? 4.596   10.756  -6.236  1.00 44.68 ? 41 GLN A O    1 
ATOM 600  C CB   . GLN A 1 40 ? 7.404   10.915  -8.033  1.00 46.91 ? 41 GLN A CB   1 
ATOM 601  C CG   . GLN A 1 40 ? 6.563   12.102  -8.517  1.00 53.54 ? 41 GLN A CG   1 
ATOM 602  C CD   . GLN A 1 40 ? 7.042   12.552  -9.902  1.00 60.11 ? 41 GLN A CD   1 
ATOM 603  O OE1  . GLN A 1 40 ? 8.071   12.114  -10.380 1.00 62.18 ? 41 GLN A OE1  1 
ATOM 604  N NE2  . GLN A 1 40 ? 6.333   13.419  -10.573 1.00 63.25 ? 41 GLN A NE2  1 
ATOM 605  H H    . GLN A 1 40 ? 8.516   9.030   -6.866  1.00 0.00  ? 41 GLN A H    1 
ATOM 606  H HA   . GLN A 1 40 ? 7.058   11.308  -5.940  1.00 0.00  ? 41 GLN A HA   1 
ATOM 607  H HB2  . GLN A 1 40 ? 8.444   11.203  -7.996  1.00 0.00  ? 41 GLN A HB2  1 
ATOM 608  H HB3  . GLN A 1 40 ? 7.282   10.089  -8.716  1.00 0.00  ? 41 GLN A HB3  1 
ATOM 609  H HG2  . GLN A 1 40 ? 5.525   11.805  -8.575  1.00 0.00  ? 41 GLN A HG2  1 
ATOM 610  H HG3  . GLN A 1 40 ? 6.662   12.921  -7.822  1.00 0.00  ? 41 GLN A HG3  1 
ATOM 611  H HE21 . GLN A 1 40 ? 5.503   13.773  -10.190 1.00 0.00  ? 41 GLN A HE21 1 
ATOM 612  H HE22 . GLN A 1 40 ? 6.629   13.714  -11.459 1.00 0.00  ? 41 GLN A HE22 1 
ATOM 613  N N    . LEU A 1 41 ? 5.230   8.837   -7.107  1.00 40.69 ? 42 LEU A N    1 
ATOM 614  C CA   . LEU A 1 41 ? 3.829   8.321   -7.125  1.00 40.08 ? 42 LEU A CA   1 
ATOM 615  C C    . LEU A 1 41 ? 3.421   7.938   -5.699  1.00 39.40 ? 42 LEU A C    1 
ATOM 616  O O    . LEU A 1 41 ? 2.318   8.198   -5.259  1.00 40.22 ? 42 LEU A O    1 
ATOM 617  C CB   . LEU A 1 41 ? 3.865   7.086   -8.027  1.00 39.04 ? 42 LEU A CB   1 
ATOM 618  C CG   . LEU A 1 41 ? 2.446   6.739   -8.477  1.00 40.42 ? 42 LEU A CG   1 
ATOM 619  C CD1  . LEU A 1 41 ? 2.506   5.883   -9.744  1.00 36.55 ? 42 LEU A CD1  1 
ATOM 620  C CD2  . LEU A 1 41 ? 1.736   5.957   -7.368  1.00 37.40 ? 42 LEU A CD2  1 
ATOM 621  H H    . LEU A 1 41 ? 5.966   8.269   -7.420  1.00 0.00  ? 42 LEU A H    1 
ATOM 622  H HA   . LEU A 1 41 ? 3.155   9.058   -7.530  1.00 0.00  ? 42 LEU A HA   1 
ATOM 623  H HB2  . LEU A 1 41 ? 4.478   7.291   -8.893  1.00 0.00  ? 42 LEU A HB2  1 
ATOM 624  H HB3  . LEU A 1 41 ? 4.281   6.253   -7.480  1.00 0.00  ? 42 LEU A HB3  1 
ATOM 625  H HG   . LEU A 1 41 ? 1.901   7.649   -8.683  1.00 0.00  ? 42 LEU A HG   1 
ATOM 626  H HD11 . LEU A 1 41 ? 1.567   5.368   -9.876  1.00 0.00  ? 42 LEU A HD11 1 
ATOM 627  H HD12 . LEU A 1 41 ? 3.303   5.160   -9.652  1.00 0.00  ? 42 LEU A HD12 1 
ATOM 628  H HD13 . LEU A 1 41 ? 2.692   6.518   -10.597 1.00 0.00  ? 42 LEU A HD13 1 
ATOM 629  H HD21 . LEU A 1 41 ? 1.060   5.241   -7.809  1.00 0.00  ? 42 LEU A HD21 1 
ATOM 630  H HD22 . LEU A 1 41 ? 1.180   6.641   -6.745  1.00 0.00  ? 42 LEU A HD22 1 
ATOM 631  H HD23 . LEU A 1 41 ? 2.470   5.438   -6.769  1.00 0.00  ? 42 LEU A HD23 1 
ATOM 632  N N    . VAL A 1 42 ? 4.319   7.314   -4.986  1.00 38.57 ? 43 VAL A N    1 
ATOM 633  C CA   . VAL A 1 42 ? 4.026   6.887   -3.580  1.00 39.26 ? 43 VAL A CA   1 
ATOM 634  C C    . VAL A 1 42 ? 3.833   8.110   -2.669  1.00 40.32 ? 43 VAL A C    1 
ATOM 635  O O    . VAL A 1 42 ? 2.892   8.181   -1.904  1.00 37.93 ? 43 VAL A O    1 
ATOM 636  C CB   . VAL A 1 42 ? 5.262   6.087   -3.143  1.00 39.77 ? 43 VAL A CB   1 
ATOM 637  C CG1  . VAL A 1 42 ? 5.081   5.593   -1.704  1.00 38.63 ? 43 VAL A CG1  1 
ATOM 638  C CG2  . VAL A 1 42 ? 5.448   4.877   -4.067  1.00 35.50 ? 43 VAL A CG2  1 
ATOM 639  H H    . VAL A 1 42 ? 5.192   7.116   -5.389  1.00 0.00  ? 43 VAL A H    1 
ATOM 640  H HA   . VAL A 1 42 ? 3.156   6.251   -3.545  1.00 0.00  ? 43 VAL A HA   1 
ATOM 641  H HB   . VAL A 1 42 ? 6.137   6.720   -3.198  1.00 0.00  ? 43 VAL A HB   1 
ATOM 642  H HG11 . VAL A 1 42 ? 4.092   5.176   -1.589  1.00 0.00  ? 43 VAL A HG11 1 
ATOM 643  H HG12 . VAL A 1 42 ? 5.205   6.421   -1.022  1.00 0.00  ? 43 VAL A HG12 1 
ATOM 644  H HG13 . VAL A 1 42 ? 5.820   4.836   -1.488  1.00 0.00  ? 43 VAL A HG13 1 
ATOM 645  H HG21 . VAL A 1 42 ? 5.071   5.111   -5.051  1.00 0.00  ? 43 VAL A HG21 1 
ATOM 646  H HG22 . VAL A 1 42 ? 4.908   4.033   -3.666  1.00 0.00  ? 43 VAL A HG22 1 
ATOM 647  H HG23 . VAL A 1 42 ? 6.498   4.634   -4.133  1.00 0.00  ? 43 VAL A HG23 1 
ATOM 648  N N    . GLN A 1 43 ? 4.723   9.064   -2.749  1.00 42.88 ? 44 GLN A N    1 
ATOM 649  C CA   . GLN A 1 43 ? 4.611   10.283  -1.888  1.00 45.83 ? 44 GLN A CA   1 
ATOM 650  C C    . GLN A 1 43 ? 3.397   11.122  -2.294  1.00 45.94 ? 44 GLN A C    1 
ATOM 651  O O    . GLN A 1 43 ? 2.700   11.661  -1.458  1.00 45.89 ? 44 GLN A O    1 
ATOM 652  C CB   . GLN A 1 43 ? 5.903   11.063  -2.133  1.00 46.87 ? 44 GLN A CB   1 
ATOM 653  C CG   . GLN A 1 43 ? 7.087   10.268  -1.580  1.00 52.54 ? 44 GLN A CG   1 
ATOM 654  C CD   . GLN A 1 43 ? 7.034   10.269  -0.052  1.00 62.38 ? 44 GLN A CD   1 
ATOM 655  O OE1  . GLN A 1 43 ? 6.828   11.298  0.561   1.00 66.61 ? 44 GLN A OE1  1 
ATOM 656  N NE2  . GLN A 1 43 ? 7.212   9.149   0.595   1.00 65.82 ? 44 GLN A NE2  1 
ATOM 657  H H    . GLN A 1 43 ? 5.463   8.973   -3.380  1.00 0.00  ? 44 GLN A H    1 
ATOM 658  H HA   . GLN A 1 43 ? 4.544   10.003  -0.850  1.00 0.00  ? 44 GLN A HA   1 
ATOM 659  H HB2  . GLN A 1 43 ? 6.035   11.217  -3.194  1.00 0.00  ? 44 GLN A HB2  1 
ATOM 660  H HB3  . GLN A 1 43 ? 5.847   12.018  -1.633  1.00 0.00  ? 44 GLN A HB3  1 
ATOM 661  H HG2  . GLN A 1 43 ? 7.038   9.251   -1.943  1.00 0.00  ? 44 GLN A HG2  1 
ATOM 662  H HG3  . GLN A 1 43 ? 8.008   10.724  -1.907  1.00 0.00  ? 44 GLN A HG3  1 
ATOM 663  H HE21 . GLN A 1 43 ? 7.378   8.320   0.102   1.00 0.00  ? 44 GLN A HE21 1 
ATOM 664  H HE22 . GLN A 1 43 ? 7.180   9.139   1.575   1.00 0.00  ? 44 GLN A HE22 1 
ATOM 665  N N    . ASP A 1 44 ? 3.145   11.242  -3.570  1.00 45.83 ? 45 ASP A N    1 
ATOM 666  C CA   . ASP A 1 44 ? 1.980   12.055  -4.031  1.00 47.34 ? 45 ASP A CA   1 
ATOM 667  C C    . ASP A 1 44 ? 0.663   11.468  -3.512  1.00 46.53 ? 45 ASP A C    1 
ATOM 668  O O    . ASP A 1 44 ? -0.233  12.207  -3.165  1.00 47.49 ? 45 ASP A O    1 
ATOM 669  C CB   . ASP A 1 44 ? 2.029   12.031  -5.561  1.00 48.14 ? 45 ASP A CB   1 
ATOM 670  C CG   . ASP A 1 44 ? 3.062   13.046  -6.065  1.00 52.23 ? 45 ASP A CG   1 
ATOM 671  O OD1  . ASP A 1 44 ? 3.306   14.017  -5.367  1.00 54.49 ? 45 ASP A OD1  1 
ATOM 672  O OD2  . ASP A 1 44 ? 3.588   12.836  -7.146  1.00 53.88 ? 45 ASP A OD2  1 
ATOM 673  H H    . ASP A 1 44 ? 3.728   10.803  -4.221  1.00 0.00  ? 45 ASP A H    1 
ATOM 674  H HA   . ASP A 1 44 ? 2.058   13.068  -3.671  1.00 0.00  ? 45 ASP A HA   1 
ATOM 675  H HB2  . ASP A 1 44 ? 2.306   11.041  -5.894  1.00 0.00  ? 45 ASP A HB2  1 
ATOM 676  H HB3  . ASP A 1 44 ? 1.057   12.284  -5.956  1.00 0.00  ? 45 ASP A HB3  1 
ATOM 677  N N    . ILE A 1 45 ? 0.521   10.167  -3.460  1.00 44.36 ? 46 ILE A N    1 
ATOM 678  C CA   . ILE A 1 45 ? -0.772  9.587   -2.960  1.00 43.50 ? 46 ILE A CA   1 
ATOM 679  C C    . ILE A 1 45 ? -0.803  9.560   -1.418  1.00 43.86 ? 46 ILE A C    1 
ATOM 680  O O    . ILE A 1 45 ? -1.861  9.523   -0.819  1.00 43.74 ? 46 ILE A O    1 
ATOM 681  C CB   . ILE A 1 45 ? -0.865  8.172   -3.557  1.00 43.60 ? 46 ILE A CB   1 
ATOM 682  C CG1  . ILE A 1 45 ? 0.264   7.288   -3.019  1.00 39.78 ? 46 ILE A CG1  1 
ATOM 683  C CG2  . ILE A 1 45 ? -0.768  8.248   -5.083  1.00 44.75 ? 46 ILE A CG2  1 
ATOM 684  C CD1  . ILE A 1 45 ? 0.064   5.850   -3.501  1.00 44.08 ? 46 ILE A CD1  1 
ATOM 685  H H    . ILE A 1 45 ? 1.246   9.579   -3.755  1.00 0.00  ? 46 ILE A H    1 
ATOM 686  H HA   . ILE A 1 45 ? -1.593  10.185  -3.324  1.00 0.00  ? 46 ILE A HA   1 
ATOM 687  H HB   . ILE A 1 45 ? -1.819  7.739   -3.287  1.00 0.00  ? 46 ILE A HB   1 
ATOM 688  H HG12 . ILE A 1 45 ? 1.215   7.657   -3.371  1.00 0.00  ? 46 ILE A HG12 1 
ATOM 689  H HG13 . ILE A 1 45 ? 0.246   7.306   -1.944  1.00 0.00  ? 46 ILE A HG13 1 
ATOM 690  H HG21 . ILE A 1 45 ? -0.638  7.254   -5.486  1.00 0.00  ? 46 ILE A HG21 1 
ATOM 691  H HG22 . ILE A 1 45 ? 0.078   8.861   -5.360  1.00 0.00  ? 46 ILE A HG22 1 
ATOM 692  H HG23 . ILE A 1 45 ? -1.673  8.682   -5.482  1.00 0.00  ? 46 ILE A HG23 1 
ATOM 693  H HD11 . ILE A 1 45 ? -0.753  5.398   -2.957  1.00 0.00  ? 46 ILE A HD11 1 
ATOM 694  H HD12 . ILE A 1 45 ? 0.967   5.283   -3.330  1.00 0.00  ? 46 ILE A HD12 1 
ATOM 695  H HD13 . ILE A 1 45 ? -0.165  5.852   -4.557  1.00 0.00  ? 46 ILE A HD13 1 
ATOM 696  N N    . ILE A 1 46 ? 0.341   9.583   -0.775  1.00 44.93 ? 47 ILE A N    1 
ATOM 697  C CA   . ILE A 1 46 ? 0.378   9.562   0.725   1.00 46.97 ? 47 ILE A CA   1 
ATOM 698  C C    . ILE A 1 46 ? 0.217   10.975  1.295   1.00 48.35 ? 47 ILE A C    1 
ATOM 699  O O    . ILE A 1 46 ? -0.770  11.284  1.937   1.00 47.90 ? 47 ILE A O    1 
ATOM 700  C CB   . ILE A 1 46 ? 1.758   8.988   1.064   1.00 46.78 ? 47 ILE A CB   1 
ATOM 701  C CG1  . ILE A 1 46 ? 1.793   7.551   0.579   1.00 46.92 ? 47 ILE A CG1  1 
ATOM 702  C CG2  . ILE A 1 46 ? 1.999   9.019   2.578   1.00 47.63 ? 47 ILE A CG2  1 
ATOM 703  C CD1  . ILE A 1 46 ? 3.236   7.043   0.555   1.00 50.04 ? 47 ILE A CD1  1 
ATOM 704  H H    . ILE A 1 46 ? 1.181   9.610   -1.277  1.00 0.00  ? 47 ILE A H    1 
ATOM 705  H HA   . ILE A 1 46 ? -0.390  8.913   1.114   1.00 0.00  ? 47 ILE A HA   1 
ATOM 706  H HB   . ILE A 1 46 ? 2.527   9.559   0.556   1.00 0.00  ? 47 ILE A HB   1 
ATOM 707  H HG12 . ILE A 1 46 ? 1.201   6.940   1.236   1.00 0.00  ? 47 ILE A HG12 1 
ATOM 708  H HG13 . ILE A 1 46 ? 1.379   7.513   -0.410  1.00 0.00  ? 47 ILE A HG13 1 
ATOM 709  H HG21 . ILE A 1 46 ? 2.780   8.318   2.832   1.00 0.00  ? 47 ILE A HG21 1 
ATOM 710  H HG22 . ILE A 1 46 ? 1.089   8.746   3.093   1.00 0.00  ? 47 ILE A HG22 1 
ATOM 711  H HG23 . ILE A 1 46 ? 2.296   10.013  2.875   1.00 0.00  ? 47 ILE A HG23 1 
ATOM 712  H HD11 . ILE A 1 46 ? 3.876   7.797   0.122   1.00 0.00  ? 47 ILE A HD11 1 
ATOM 713  H HD12 . ILE A 1 46 ? 3.290   6.141   -0.034  1.00 0.00  ? 47 ILE A HD12 1 
ATOM 714  H HD13 . ILE A 1 46 ? 3.559   6.834   1.565   1.00 0.00  ? 47 ILE A HD13 1 
ATOM 715  N N    . ASN A 1 47 ? 1.179   11.833  1.065   1.00 51.14 ? 48 ASN A N    1 
ATOM 716  C CA   . ASN A 1 47 ? 1.092   13.231  1.594   1.00 53.38 ? 48 ASN A CA   1 
ATOM 717  C C    . ASN A 1 47 ? -0.217  13.886  1.145   1.00 54.13 ? 48 ASN A C    1 
ATOM 718  O O    . ASN A 1 47 ? -0.744  14.758  1.810   1.00 54.75 ? 48 ASN A O    1 
ATOM 719  C CB   . ASN A 1 47 ? 2.292   13.969  1.000   1.00 53.99 ? 48 ASN A CB   1 
ATOM 720  C CG   . ASN A 1 47 ? 3.583   13.332  1.513   1.00 55.71 ? 48 ASN A CG   1 
ATOM 721  O OD1  . ASN A 1 47 ? 4.066   13.676  2.573   1.00 58.87 ? 48 ASN A OD1  1 
ATOM 722  N ND2  . ASN A 1 47 ? 4.166   12.410  0.799   1.00 59.73 ? 48 ASN A ND2  1 
ATOM 723  H H    . ASN A 1 47 ? 1.958   11.553  0.543   1.00 0.00  ? 48 ASN A H    1 
ATOM 724  H HA   . ASN A 1 47 ? 1.153   13.231  2.670   1.00 0.00  ? 48 ASN A HA   1 
ATOM 725  H HB2  . ASN A 1 47 ? 2.259   13.902  -0.078  1.00 0.00  ? 48 ASN A HB2  1 
ATOM 726  H HB3  . ASN A 1 47 ? 2.262   15.006  1.299   1.00 0.00  ? 48 ASN A HB3  1 
ATOM 727  H HD21 . ASN A 1 47 ? 3.776   12.134  -0.055  1.00 0.00  ? 48 ASN A HD21 1 
ATOM 728  H HD22 . ASN A 1 47 ? 4.992   11.994  1.117   1.00 0.00  ? 48 ASN A HD22 1 
ATOM 729  N N    . ALA A 1 48 ? -0.747  13.462  0.024   1.00 55.36 ? 49 ALA A N    1 
ATOM 730  C CA   . ALA A 1 48 ? -2.027  14.053  -0.464  1.00 55.62 ? 49 ALA A CA   1 
ATOM 731  C C    . ALA A 1 48 ? -3.200  13.598  0.413   1.00 56.35 ? 49 ALA A C    1 
ATOM 732  O O    . ALA A 1 48 ? -4.290  14.131  0.315   1.00 55.99 ? 49 ALA A O    1 
ATOM 733  C CB   . ALA A 1 48 ? -2.207  13.525  -1.886  1.00 56.05 ? 49 ALA A CB   1 
ATOM 734  H H    . ALA A 1 48 ? -0.304  12.755  -0.492  1.00 0.00  ? 49 ALA A H    1 
ATOM 735  H HA   . ALA A 1 48 ? -1.945  15.128  -0.487  1.00 0.00  ? 49 ALA A HA   1 
ATOM 736  H HB1  . ALA A 1 48 ? -1.472  13.978  -2.534  1.00 0.00  ? 49 ALA A HB1  1 
ATOM 737  H HB2  . ALA A 1 48 ? -3.198  13.769  -2.238  1.00 0.00  ? 49 ALA A HB2  1 
ATOM 738  H HB3  . ALA A 1 48 ? -2.077  12.452  -1.890  1.00 0.00  ? 49 ALA A HB3  1 
ATOM 739  N N    . ASP A 1 49 ? -2.993  12.620  1.276   1.00 56.40 ? 50 ASP A N    1 
ATOM 740  C CA   . ASP A 1 49 ? -4.116  12.159  2.150   1.00 57.12 ? 50 ASP A CA   1 
ATOM 741  C C    . ASP A 1 49 ? -3.870  12.603  3.594   1.00 58.14 ? 50 ASP A C    1 
ATOM 742  O O    . ASP A 1 49 ? -2.935  12.172  4.234   1.00 57.89 ? 50 ASP A O    1 
ATOM 743  C CB   . ASP A 1 49 ? -4.117  10.634  2.036   1.00 56.69 ? 50 ASP A CB   1 
ATOM 744  C CG   . ASP A 1 49 ? -5.355  10.062  2.733   1.00 55.14 ? 50 ASP A CG   1 
ATOM 745  O OD1  . ASP A 1 49 ? -5.812  10.670  3.688   1.00 53.56 ? 50 ASP A OD1  1 
ATOM 746  O OD2  . ASP A 1 49 ? -5.825  9.022   2.301   1.00 53.75 ? 50 ASP A OD2  1 
ATOM 747  H H    . ASP A 1 49 ? -2.099  12.203  1.357   1.00 0.00  ? 50 ASP A H    1 
ATOM 748  H HA   . ASP A 1 49 ? -5.049  12.563  1.793   1.00 0.00  ? 50 ASP A HA   1 
ATOM 749  H HB2  . ASP A 1 49 ? -4.130  10.352  0.992   1.00 0.00  ? 50 ASP A HB2  1 
ATOM 750  H HB3  . ASP A 1 49 ? -3.229  10.240  2.503   1.00 0.00  ? 50 ASP A HB3  1 
ATOM 751  N N    . SER A 1 50 ? -4.702  13.476  4.099   1.00 59.70 ? 51 SER A N    1 
ATOM 752  C CA   . SER A 1 50 ? -4.525  13.979  5.500   1.00 61.38 ? 51 SER A CA   1 
ATOM 753  C C    . SER A 1 50 ? -4.478  12.824  6.509   1.00 61.15 ? 51 SER A C    1 
ATOM 754  O O    . SER A 1 50 ? -3.964  12.976  7.602   1.00 61.33 ? 51 SER A O    1 
ATOM 755  C CB   . SER A 1 50 ? -5.744  14.863  5.764   1.00 62.25 ? 51 SER A CB   1 
ATOM 756  O OG   . SER A 1 50 ? -5.622  15.461  7.048   1.00 66.34 ? 51 SER A OG   1 
ATOM 757  H H    . SER A 1 50 ? -5.440  13.814  3.549   1.00 0.00  ? 51 SER A H    1 
ATOM 758  H HA   . SER A 1 50 ? -3.627  14.571  5.572   1.00 0.00  ? 51 SER A HA   1 
ATOM 759  H HB2  . SER A 1 50 ? -5.799  15.636  5.016   1.00 0.00  ? 51 SER A HB2  1 
ATOM 760  H HB3  . SER A 1 50 ? -6.641  14.259  5.721   1.00 0.00  ? 51 SER A HB3  1 
ATOM 761  H HG   . SER A 1 50 ? -5.323  16.365  6.926   1.00 0.00  ? 51 SER A HG   1 
ATOM 762  N N    . SER A 1 51 ? -5.014  11.679  6.162   1.00 60.89 ? 52 SER A N    1 
ATOM 763  C CA   . SER A 1 51 ? -4.999  10.527  7.118   1.00 61.16 ? 52 SER A CA   1 
ATOM 764  C C    . SER A 1 51 ? -3.746  9.669   6.919   1.00 60.90 ? 52 SER A C    1 
ATOM 765  O O    . SER A 1 51 ? -3.165  9.188   7.875   1.00 61.50 ? 52 SER A O    1 
ATOM 766  C CB   . SER A 1 51 ? -6.264  9.729   6.809   1.00 61.22 ? 52 SER A CB   1 
ATOM 767  O OG   . SER A 1 51 ? -6.569  8.887   7.914   1.00 63.87 ? 52 SER A OG   1 
ATOM 768  H H    . SER A 1 51 ? -5.426  11.579  5.279   1.00 0.00  ? 52 SER A H    1 
ATOM 769  H HA   . SER A 1 51 ? -5.027  10.890  8.133   1.00 0.00  ? 52 SER A HA   1 
ATOM 770  H HB2  . SER A 1 51 ? -7.087  10.403  6.639   1.00 0.00  ? 52 SER A HB2  1 
ATOM 771  H HB3  . SER A 1 51 ? -6.102  9.131   5.921   1.00 0.00  ? 52 SER A HB3  1 
ATOM 772  H HG   . SER A 1 51 ? -6.630  9.438   8.697   1.00 0.00  ? 52 SER A HG   1 
ATOM 773  N N    . LEU A 1 52 ? -3.317  9.474   5.697   1.00 60.22 ? 53 LEU A N    1 
ATOM 774  C CA   . LEU A 1 52 ? -2.091  8.646   5.457   1.00 59.28 ? 53 LEU A CA   1 
ATOM 775  C C    . LEU A 1 52 ? -0.842  9.535   5.391   1.00 59.10 ? 53 LEU A C    1 
ATOM 776  O O    . LEU A 1 52 ? 0.274   9.055   5.452   1.00 57.93 ? 53 LEU A O    1 
ATOM 777  C CB   . LEU A 1 52 ? -2.307  7.950   4.112   1.00 58.74 ? 53 LEU A CB   1 
ATOM 778  C CG   . LEU A 1 52 ? -3.634  7.176   4.115   1.00 59.62 ? 53 LEU A CG   1 
ATOM 779  C CD1  . LEU A 1 52 ? -3.878  6.588   2.723   1.00 59.73 ? 53 LEU A CD1  1 
ATOM 780  C CD2  . LEU A 1 52 ? -3.578  6.042   5.150   1.00 59.20 ? 53 LEU A CD2  1 
ATOM 781  H H    . LEU A 1 52 ? -3.795  9.873   4.939   1.00 0.00  ? 53 LEU A H    1 
ATOM 782  H HA   . LEU A 1 52 ? -1.980  7.912   6.237   1.00 0.00  ? 53 LEU A HA   1 
ATOM 783  H HB2  . LEU A 1 52 ? -2.325  8.690   3.327   1.00 0.00  ? 53 LEU A HB2  1 
ATOM 784  H HB3  . LEU A 1 52 ? -1.494  7.267   3.941   1.00 0.00  ? 53 LEU A HB3  1 
ATOM 785  H HG   . LEU A 1 52 ? -4.440  7.852   4.362   1.00 0.00  ? 53 LEU A HG   1 
ATOM 786  H HD11 . LEU A 1 52 ? -3.237  5.732   2.575   1.00 0.00  ? 53 LEU A HD11 1 
ATOM 787  H HD12 . LEU A 1 52 ? -3.660  7.335   1.972   1.00 0.00  ? 53 LEU A HD12 1 
ATOM 788  H HD13 . LEU A 1 52 ? -4.911  6.284   2.637   1.00 0.00  ? 53 LEU A HD13 1 
ATOM 789  H HD21 . LEU A 1 52 ? -4.462  6.080   5.768   1.00 0.00  ? 53 LEU A HD21 1 
ATOM 790  H HD22 . LEU A 1 52 ? -2.703  6.156   5.770   1.00 0.00  ? 53 LEU A HD22 1 
ATOM 791  H HD23 . LEU A 1 52 ? -3.536  5.087   4.644   1.00 0.00  ? 53 LEU A HD23 1 
ATOM 792  N N    . ARG A 1 53 ? -1.021  10.828  5.275   1.00 59.58 ? 54 ARG A N    1 
ATOM 793  C CA   . ARG A 1 53 ? 0.134   11.768  5.214   1.00 59.58 ? 54 ARG A CA   1 
ATOM 794  C C    . ARG A 1 53 ? 1.077   11.528  6.401   1.00 57.87 ? 54 ARG A C    1 
ATOM 795  O O    . ARG A 1 53 ? 2.285   11.524  6.252   1.00 57.50 ? 54 ARG A O    1 
ATOM 796  C CB   . ARG A 1 53 ? -0.519  13.165  5.293   1.00 60.75 ? 54 ARG A CB   1 
ATOM 797  C CG   . ARG A 1 53 ? 0.547   14.238  5.513   1.00 64.22 ? 54 ARG A CG   1 
ATOM 798  C CD   . ARG A 1 53 ? 0.417   15.344  4.459   1.00 71.52 ? 54 ARG A CD   1 
ATOM 799  N NE   . ARG A 1 53 ? 1.301   16.440  4.941   1.00 76.95 ? 54 ARG A NE   1 
ATOM 800  C CZ   . ARG A 1 53 ? 2.548   16.488  4.561   1.00 80.75 ? 54 ARG A CZ   1 
ATOM 801  N NH1  . ARG A 1 53 ? 3.435   15.724  5.137   1.00 83.23 ? 54 ARG A NH1  1 
ATOM 802  N NH2  . ARG A 1 53 ? 2.910   17.300  3.605   1.00 82.04 ? 54 ARG A NH2  1 
ATOM 803  H H    . ARG A 1 53 ? -1.923  11.188  5.235   1.00 0.00  ? 54 ARG A H    1 
ATOM 804  H HA   . ARG A 1 53 ? 0.680   11.673  4.288   1.00 0.00  ? 54 ARG A HA   1 
ATOM 805  H HB2  . ARG A 1 53 ? -1.047  13.363  4.372   1.00 0.00  ? 54 ARG A HB2  1 
ATOM 806  H HB3  . ARG A 1 53 ? -1.220  13.184  6.116   1.00 0.00  ? 54 ARG A HB3  1 
ATOM 807  H HG2  . ARG A 1 53 ? 0.428   14.665  6.498   1.00 0.00  ? 54 ARG A HG2  1 
ATOM 808  H HG3  . ARG A 1 53 ? 1.513   13.779  5.437   1.00 0.00  ? 54 ARG A HG3  1 
ATOM 809  H HD2  . ARG A 1 53 ? 0.751   14.984  3.495   1.00 0.00  ? 54 ARG A HD2  1 
ATOM 810  H HD3  . ARG A 1 53 ? -0.603  15.690  4.400   1.00 0.00  ? 54 ARG A HD3  1 
ATOM 811  H HE   . ARG A 1 53 ? 0.945   17.127  5.543   1.00 0.00  ? 54 ARG A HE   1 
ATOM 812  H HH11 . ARG A 1 53 ? 3.159   15.101  5.870   1.00 0.00  ? 54 ARG A HH11 1 
ATOM 813  H HH12 . ARG A 1 53 ? 4.391   15.760  4.847   1.00 0.00  ? 54 ARG A HH12 1 
ATOM 814  H HH21 . ARG A 1 53 ? 2.230   17.886  3.164   1.00 0.00  ? 54 ARG A HH21 1 
ATOM 815  H HH22 . ARG A 1 53 ? 3.865   17.337  3.314   1.00 0.00  ? 54 ARG A HH22 1 
ATOM 816  N N    . ASP A 1 54 ? 0.531   11.344  7.568   1.00 55.76 ? 55 ASP A N    1 
ATOM 817  C CA   . ASP A 1 54 ? 1.389   11.120  8.765   1.00 54.28 ? 55 ASP A CA   1 
ATOM 818  C C    . ASP A 1 54 ? 0.999   9.831   9.498   1.00 52.62 ? 55 ASP A C    1 
ATOM 819  O O    . ASP A 1 54 ? 1.303   9.667   10.666  1.00 52.17 ? 55 ASP A O    1 
ATOM 820  C CB   . ASP A 1 54 ? 1.144   12.338  9.655   1.00 55.60 ? 55 ASP A CB   1 
ATOM 821  C CG   . ASP A 1 54 ? 2.277   13.350  9.471   1.00 58.81 ? 55 ASP A CG   1 
ATOM 822  O OD1  . ASP A 1 54 ? 3.415   12.987  9.716   1.00 60.70 ? 55 ASP A OD1  1 
ATOM 823  O OD2  . ASP A 1 54 ? 1.986   14.471  9.088   1.00 58.80 ? 55 ASP A OD2  1 
ATOM 824  H H    . ASP A 1 54 ? -0.440  11.364  7.657   1.00 0.00  ? 55 ASP A H    1 
ATOM 825  H HA   . ASP A 1 54 ? 2.422   11.082  8.469   1.00 0.00  ? 55 ASP A HA   1 
ATOM 826  H HB2  . ASP A 1 54 ? 0.204   12.796  9.383   1.00 0.00  ? 55 ASP A HB2  1 
ATOM 827  H HB3  . ASP A 1 54 ? 1.105   12.027  10.686  1.00 0.00  ? 55 ASP A HB3  1 
ATOM 828  N N    . ALA A 1 55 ? 0.340   8.915   8.831   1.00 49.53 ? 56 ALA A N    1 
ATOM 829  C CA   . ALA A 1 55 ? -0.051  7.639   9.510   1.00 46.86 ? 56 ALA A CA   1 
ATOM 830  C C    . ALA A 1 55 ? 1.206   6.834   9.853   1.00 45.92 ? 56 ALA A C    1 
ATOM 831  O O    . ALA A 1 55 ? 2.109   6.713   9.049   1.00 45.39 ? 56 ALA A O    1 
ATOM 832  C CB   . ALA A 1 55 ? -0.919  6.887   8.499   1.00 46.21 ? 56 ALA A CB   1 
ATOM 833  H H    . ALA A 1 55 ? 0.109   9.063   7.890   1.00 0.00  ? 56 ALA A H    1 
ATOM 834  H HA   . ALA A 1 55 ? -0.615  7.851   10.404  1.00 0.00  ? 56 ALA A HA   1 
ATOM 835  H HB1  . ALA A 1 55 ? -1.927  7.275   8.530   1.00 0.00  ? 56 ALA A HB1  1 
ATOM 836  H HB2  . ALA A 1 55 ? -0.929  5.836   8.746   1.00 0.00  ? 56 ALA A HB2  1 
ATOM 837  H HB3  . ALA A 1 55 ? -0.514  7.020   7.506   1.00 0.00  ? 56 ALA A HB3  1 
ATOM 838  N N    . SER A 1 56 ? 1.274   6.297   11.045  1.00 44.11 ? 57 SER A N    1 
ATOM 839  C CA   . SER A 1 56 ? 2.482   5.508   11.449  1.00 42.29 ? 57 SER A CA   1 
ATOM 840  C C    . SER A 1 56 ? 2.531   4.172   10.699  1.00 40.80 ? 57 SER A C    1 
ATOM 841  O O    . SER A 1 56 ? 3.554   3.796   10.157  1.00 39.38 ? 57 SER A O    1 
ATOM 842  C CB   . SER A 1 56 ? 2.322   5.272   12.950  1.00 43.37 ? 57 SER A CB   1 
ATOM 843  O OG   . SER A 1 56 ? 1.229   4.391   13.174  1.00 45.41 ? 57 SER A OG   1 
ATOM 844  H H    . SER A 1 56 ? 0.534   6.418   11.676  1.00 0.00  ? 57 SER A H    1 
ATOM 845  H HA   . SER A 1 56 ? 3.378   6.076   11.262  1.00 0.00  ? 57 SER A HA   1 
ATOM 846  H HB2  . SER A 1 56 ? 3.222   4.828   13.345  1.00 0.00  ? 57 SER A HB2  1 
ATOM 847  H HB3  . SER A 1 56 ? 2.145   6.218   13.446  1.00 0.00  ? 57 SER A HB3  1 
ATOM 848  H HG   . SER A 1 56 ? 1.065   4.355   14.120  1.00 0.00  ? 57 SER A HG   1 
ATOM 849  N N    . SER A 1 57 ? 1.438   3.455   10.671  1.00 37.35 ? 58 SER A N    1 
ATOM 850  C CA   . SER A 1 57 ? 1.414   2.144   9.968   1.00 34.86 ? 58 SER A CA   1 
ATOM 851  C C    . SER A 1 57 ? 0.032   1.902   9.387   1.00 32.20 ? 58 SER A C    1 
ATOM 852  O O    . SER A 1 57 ? -0.964  1.903   10.085  1.00 33.80 ? 58 SER A O    1 
ATOM 853  C CB   . SER A 1 57 ? 1.749   1.092   11.026  1.00 35.08 ? 58 SER A CB   1 
ATOM 854  O OG   . SER A 1 57 ? 1.216   1.487   12.285  1.00 38.46 ? 58 SER A OG   1 
ATOM 855  H H    . SER A 1 57 ? 0.629   3.778   11.118  1.00 0.00  ? 58 SER A H    1 
ATOM 856  H HA   . SER A 1 57 ? 2.142   2.115   9.172   1.00 0.00  ? 58 SER A HA   1 
ATOM 857  H HB2  . SER A 1 57 ? 1.317   0.146   10.742  1.00 0.00  ? 58 SER A HB2  1 
ATOM 858  H HB3  . SER A 1 57 ? 2.821   0.987   11.090  1.00 0.00  ? 58 SER A HB3  1 
ATOM 859  H HG   . SER A 1 57 ? 1.878   1.305   12.957  1.00 0.00  ? 58 SER A HG   1 
ATOM 860  N N    . LEU A 1 58 ? -0.022  1.704   8.103   1.00 28.31 ? 59 LEU A N    1 
ATOM 861  C CA   . LEU A 1 58 ? -1.331  1.467   7.436   1.00 25.56 ? 59 LEU A CA   1 
ATOM 862  C C    . LEU A 1 58 ? -1.882  0.100   7.829   1.00 22.80 ? 59 LEU A C    1 
ATOM 863  O O    . LEU A 1 58 ? -1.171  -0.888  7.839   1.00 21.30 ? 59 LEU A O    1 
ATOM 864  C CB   . LEU A 1 58 ? -1.039  1.516   5.933   1.00 25.17 ? 59 LEU A CB   1 
ATOM 865  C CG   . LEU A 1 58 ? -0.470  2.886   5.559   1.00 29.72 ? 59 LEU A CG   1 
ATOM 866  C CD1  . LEU A 1 58 ? -0.083  2.892   4.079   1.00 30.66 ? 59 LEU A CD1  1 
ATOM 867  C CD2  . LEU A 1 58 ? -1.527  3.963   5.810   1.00 29.65 ? 59 LEU A CD2  1 
ATOM 868  H H    . LEU A 1 58 ? 0.808   1.717   7.581   1.00 0.00  ? 59 LEU A H    1 
ATOM 869  H HA   . LEU A 1 58 ? -2.028  2.245   7.702   1.00 0.00  ? 59 LEU A HA   1 
ATOM 870  H HB2  . LEU A 1 58 ? -0.321  0.748   5.682   1.00 0.00  ? 59 LEU A HB2  1 
ATOM 871  H HB3  . LEU A 1 58 ? -1.952  1.346   5.384   1.00 0.00  ? 59 LEU A HB3  1 
ATOM 872  H HG   . LEU A 1 58 ? 0.404   3.089   6.160   1.00 0.00  ? 59 LEU A HG   1 
ATOM 873  H HD11 . LEU A 1 58 ? 0.637   3.676   3.898   1.00 0.00  ? 59 LEU A HD11 1 
ATOM 874  H HD12 . LEU A 1 58 ? -0.963  3.066   3.477   1.00 0.00  ? 59 LEU A HD12 1 
ATOM 875  H HD13 . LEU A 1 58 ? 0.350   1.938   3.817   1.00 0.00  ? 59 LEU A HD13 1 
ATOM 876  H HD21 . LEU A 1 58 ? -1.561  4.196   6.863   1.00 0.00  ? 59 LEU A HD21 1 
ATOM 877  H HD22 . LEU A 1 58 ? -2.492  3.601   5.490   1.00 0.00  ? 59 LEU A HD22 1 
ATOM 878  H HD23 . LEU A 1 58 ? -1.273  4.853   5.252   1.00 0.00  ? 59 LEU A HD23 1 
ATOM 879  N N    . THR A 1 59 ? -3.150  0.038   8.123   1.00 19.95 ? 60 THR A N    1 
ATOM 880  C CA   . THR A 1 59 ? -3.778  -1.271  8.484   1.00 18.40 ? 60 THR A CA   1 
ATOM 881  C C    . THR A 1 59 ? -4.136  -2.020  7.196   1.00 18.27 ? 60 THR A C    1 
ATOM 882  O O    . THR A 1 59 ? -4.087  -1.459  6.117   1.00 16.45 ? 60 THR A O    1 
ATOM 883  C CB   . THR A 1 59 ? -5.044  -0.919  9.273   1.00 20.40 ? 60 THR A CB   1 
ATOM 884  O OG1  . THR A 1 59 ? -5.929  -0.183  8.443   1.00 19.92 ? 60 THR A OG1  1 
ATOM 885  C CG2  . THR A 1 59 ? -4.677  -0.084  10.501  1.00 18.95 ? 60 THR A CG2  1 
ATOM 886  H H    . THR A 1 59 ? -3.700  0.846   8.074   1.00 0.00  ? 60 THR A H    1 
ATOM 887  H HA   . THR A 1 59 ? -3.115  -1.864  9.095   1.00 0.00  ? 60 THR A HA   1 
ATOM 888  H HB   . THR A 1 59 ? -5.528  -1.828  9.595   1.00 0.00  ? 60 THR A HB   1 
ATOM 889  H HG1  . THR A 1 59 ? -6.737  -0.026  8.938   1.00 0.00  ? 60 THR A HG1  1 
ATOM 890  H HG21 . THR A 1 59 ? -4.030  -0.659  11.147  1.00 0.00  ? 60 THR A HG21 1 
ATOM 891  H HG22 . THR A 1 59 ? -5.576  0.181   11.038  1.00 0.00  ? 60 THR A HG22 1 
ATOM 892  H HG23 . THR A 1 59 ? -4.166  0.814   10.187  1.00 0.00  ? 60 THR A HG23 1 
ATOM 893  N N    . LEU A 1 60 ? -4.482  -3.278  7.293   1.00 18.10 ? 61 LEU A N    1 
ATOM 894  C CA   . LEU A 1 60 ? -4.827  -4.062  6.068   1.00 20.11 ? 61 LEU A CA   1 
ATOM 895  C C    . LEU A 1 60 ? -6.028  -3.414  5.347   1.00 19.44 ? 61 LEU A C    1 
ATOM 896  O O    . LEU A 1 60 ? -6.078  -3.371  4.132   1.00 19.28 ? 61 LEU A O    1 
ATOM 897  C CB   . LEU A 1 60 ? -5.128  -5.487  6.605   1.00 17.58 ? 61 LEU A CB   1 
ATOM 898  C CG   . LEU A 1 60 ? -6.214  -6.195  5.786   1.00 23.94 ? 61 LEU A CG   1 
ATOM 899  C CD1  . LEU A 1 60 ? -5.756  -6.342  4.333   1.00 22.84 ? 61 LEU A CD1  1 
ATOM 900  C CD2  . LEU A 1 60 ? -6.482  -7.580  6.380   1.00 26.91 ? 61 LEU A CD2  1 
ATOM 901  H H    . LEU A 1 60 ? -4.504  -3.718  8.168   1.00 0.00  ? 61 LEU A H    1 
ATOM 902  H HA   . LEU A 1 60 ? -3.974  -4.095  5.409   1.00 0.00  ? 61 LEU A HA   1 
ATOM 903  H HB2  . LEU A 1 60 ? -4.223  -6.075  6.566   1.00 0.00  ? 61 LEU A HB2  1 
ATOM 904  H HB3  . LEU A 1 60 ? -5.453  -5.413  7.633   1.00 0.00  ? 61 LEU A HB3  1 
ATOM 905  H HG   . LEU A 1 60 ? -7.115  -5.605  5.823   1.00 0.00  ? 61 LEU A HG   1 
ATOM 906  H HD11 . LEU A 1 60 ? -5.312  -7.317  4.191   1.00 0.00  ? 61 LEU A HD11 1 
ATOM 907  H HD12 . LEU A 1 60 ? -5.028  -5.579  4.105   1.00 0.00  ? 61 LEU A HD12 1 
ATOM 908  H HD13 . LEU A 1 60 ? -6.606  -6.236  3.675   1.00 0.00  ? 61 LEU A HD13 1 
ATOM 909  H HD21 . LEU A 1 60 ? -5.760  -8.284  5.994   1.00 0.00  ? 61 LEU A HD21 1 
ATOM 910  H HD22 . LEU A 1 60 ? -7.477  -7.901  6.110   1.00 0.00  ? 61 LEU A HD22 1 
ATOM 911  H HD23 . LEU A 1 60 ? -6.399  -7.533  7.456   1.00 0.00  ? 61 LEU A HD23 1 
ATOM 912  N N    . ASP A 1 61 ? -6.991  -2.923  6.087   1.00 20.16 ? 62 ASP A N    1 
ATOM 913  C CA   . ASP A 1 61 ? -8.187  -2.293  5.444   1.00 21.74 ? 62 ASP A CA   1 
ATOM 914  C C    . ASP A 1 61 ? -7.819  -0.960  4.782   1.00 19.29 ? 62 ASP A C    1 
ATOM 915  O O    . ASP A 1 61 ? -8.457  -0.538  3.835   1.00 22.21 ? 62 ASP A O    1 
ATOM 916  C CB   . ASP A 1 61 ? -9.182  -2.065  6.585   1.00 24.80 ? 62 ASP A CB   1 
ATOM 917  C CG   . ASP A 1 61 ? -9.727  -3.410  7.074   1.00 32.19 ? 62 ASP A CG   1 
ATOM 918  O OD1  . ASP A 1 61 ? -9.827  -4.319  6.264   1.00 34.01 ? 62 ASP A OD1  1 
ATOM 919  O OD2  . ASP A 1 61 ? -10.036 -3.509  8.250   1.00 41.71 ? 62 ASP A OD2  1 
ATOM 920  H H    . ASP A 1 61 ? -6.933  -2.976  7.064   1.00 0.00  ? 62 ASP A H    1 
ATOM 921  H HA   . ASP A 1 61 ? -8.617  -2.965  4.718   1.00 0.00  ? 62 ASP A HA   1 
ATOM 922  H HB2  . ASP A 1 61 ? -8.683  -1.561  7.401   1.00 0.00  ? 62 ASP A HB2  1 
ATOM 923  H HB3  . ASP A 1 61 ? -10.001 -1.455  6.233   1.00 0.00  ? 62 ASP A HB3  1 
ATOM 924  N N    . GLN A 1 62 ? -6.807  -0.290  5.274   1.00 19.11 ? 63 GLN A N    1 
ATOM 925  C CA   . GLN A 1 62 ? -6.411  1.023   4.671   1.00 19.99 ? 63 GLN A CA   1 
ATOM 926  C C    . GLN A 1 62 ? -5.797  0.825   3.281   1.00 19.66 ? 63 GLN A C    1 
ATOM 927  O O    . GLN A 1 62 ? -6.054  1.593   2.373   1.00 19.58 ? 63 GLN A O    1 
ATOM 928  C CB   . GLN A 1 62 ? -5.377  1.610   5.631   1.00 19.60 ? 63 GLN A CB   1 
ATOM 929  C CG   . GLN A 1 62 ? -6.077  2.065   6.911   1.00 25.31 ? 63 GLN A CG   1 
ATOM 930  C CD   . GLN A 1 62 ? -6.557  3.508   6.749   1.00 30.08 ? 63 GLN A CD   1 
ATOM 931  O OE1  . GLN A 1 62 ? -5.793  4.375   6.372   1.00 23.66 ? 63 GLN A OE1  1 
ATOM 932  N NE2  . GLN A 1 62 ? -7.799  3.805   7.019   1.00 41.08 ? 63 GLN A NE2  1 
ATOM 933  H H    . GLN A 1 62 ? -6.310  -0.646  6.041   1.00 0.00  ? 63 GLN A H    1 
ATOM 934  H HA   . GLN A 1 62 ? -7.265  1.678   4.612   1.00 0.00  ? 63 GLN A HA   1 
ATOM 935  H HB2  . GLN A 1 62 ? -4.639  0.858   5.870   1.00 0.00  ? 63 GLN A HB2  1 
ATOM 936  H HB3  . GLN A 1 62 ? -4.894  2.456   5.167   1.00 0.00  ? 63 GLN A HB3  1 
ATOM 937  H HG2  . GLN A 1 62 ? -6.925  1.423   7.104   1.00 0.00  ? 63 GLN A HG2  1 
ATOM 938  H HG3  . GLN A 1 62 ? -5.388  2.006   7.738   1.00 0.00  ? 63 GLN A HG3  1 
ATOM 939  H HE21 . GLN A 1 62 ? -8.414  3.105   7.322   1.00 0.00  ? 63 GLN A HE21 1 
ATOM 940  H HE22 . GLN A 1 62 ? -8.116  4.726   6.918   1.00 0.00  ? 63 GLN A HE22 1 
ATOM 941  N N    . ILE A 1 63 ? -4.982  -0.186  3.109   1.00 18.76 ? 64 ILE A N    1 
ATOM 942  C CA   . ILE A 1 63 ? -4.343  -0.417  1.773   1.00 19.64 ? 64 ILE A CA   1 
ATOM 943  C C    . ILE A 1 63 ? -5.416  -0.645  0.700   1.00 19.73 ? 64 ILE A C    1 
ATOM 944  O O    . ILE A 1 63 ? -5.300  -0.173  -0.413  1.00 21.42 ? 64 ILE A O    1 
ATOM 945  C CB   . ILE A 1 63 ? -3.470  -1.672  1.944   1.00 19.35 ? 64 ILE A CB   1 
ATOM 946  C CG1  . ILE A 1 63 ? -2.405  -1.430  3.033   1.00 24.27 ? 64 ILE A CG1  1 
ATOM 947  C CG2  . ILE A 1 63 ? -2.772  -2.004  0.618   1.00 16.88 ? 64 ILE A CG2  1 
ATOM 948  C CD1  . ILE A 1 63 ? -1.521  -0.235  2.657   1.00 24.51 ? 64 ILE A CD1  1 
ATOM 949  H H    . ILE A 1 63 ? -4.778  -0.788  3.853   1.00 0.00  ? 64 ILE A H    1 
ATOM 950  H HA   . ILE A 1 63 ? -3.718  0.424   1.512   1.00 0.00  ? 64 ILE A HA   1 
ATOM 951  H HB   . ILE A 1 63 ? -4.096  -2.504  2.234   1.00 0.00  ? 64 ILE A HB   1 
ATOM 952  H HG12 . ILE A 1 63 ? -2.890  -1.234  3.976   1.00 0.00  ? 64 ILE A HG12 1 
ATOM 953  H HG13 . ILE A 1 63 ? -1.788  -2.311  3.127   1.00 0.00  ? 64 ILE A HG13 1 
ATOM 954  H HG21 . ILE A 1 63 ? -2.723  -1.116  0.005   1.00 0.00  ? 64 ILE A HG21 1 
ATOM 955  H HG22 . ILE A 1 63 ? -3.331  -2.768  0.099   1.00 0.00  ? 64 ILE A HG22 1 
ATOM 956  H HG23 . ILE A 1 63 ? -1.771  -2.361  0.814   1.00 0.00  ? 64 ILE A HG23 1 
ATOM 957  H HD11 . ILE A 1 63 ? -2.099  0.675   2.720   1.00 0.00  ? 64 ILE A HD11 1 
ATOM 958  H HD12 . ILE A 1 63 ? -1.155  -0.359  1.649   1.00 0.00  ? 64 ILE A HD12 1 
ATOM 959  H HD13 . ILE A 1 63 ? -0.685  -0.177  3.338   1.00 0.00  ? 64 ILE A HD13 1 
ATOM 960  N N    . THR A 1 64 ? -6.457  -1.373  1.029   1.00 20.01 ? 65 THR A N    1 
ATOM 961  C CA   . THR A 1 64 ? -7.543  -1.645  0.029   1.00 21.71 ? 65 THR A CA   1 
ATOM 962  C C    . THR A 1 64 ? -8.086  -0.335  -0.554  1.00 22.34 ? 65 THR A C    1 
ATOM 963  O O    . THR A 1 64 ? -8.420  -0.260  -1.723  1.00 22.83 ? 65 THR A O    1 
ATOM 964  C CB   . THR A 1 64 ? -8.636  -2.379  0.810   1.00 21.10 ? 65 THR A CB   1 
ATOM 965  O OG1  . THR A 1 64 ? -8.075  -3.516  1.451   1.00 24.09 ? 65 THR A OG1  1 
ATOM 966  C CG2  . THR A 1 64 ? -9.740  -2.825  -0.150  1.00 24.48 ? 65 THR A CG2  1 
ATOM 967  H H    . THR A 1 64 ? -6.521  -1.747  1.933   1.00 0.00  ? 65 THR A H    1 
ATOM 968  H HA   . THR A 1 64 ? -7.172  -2.277  -0.763  1.00 0.00  ? 65 THR A HA   1 
ATOM 969  H HB   . THR A 1 64 ? -9.056  -1.717  1.551   1.00 0.00  ? 65 THR A HB   1 
ATOM 970  H HG1  . THR A 1 64 ? -8.725  -3.860  2.067   1.00 0.00  ? 65 THR A HG1  1 
ATOM 971  H HG21 . THR A 1 64 ? -10.212 -1.956  -0.586  1.00 0.00  ? 65 THR A HG21 1 
ATOM 972  H HG22 . THR A 1 64 ? -10.476 -3.401  0.391   1.00 0.00  ? 65 THR A HG22 1 
ATOM 973  H HG23 . THR A 1 64 ? -9.312  -3.432  -0.933  1.00 0.00  ? 65 THR A HG23 1 
ATOM 974  N N    . GLY A 1 65 ? -8.167  0.696   0.246   1.00 21.12 ? 66 GLY A N    1 
ATOM 975  C CA   . GLY A 1 65 ? -8.678  2.005   -0.261  1.00 23.14 ? 66 GLY A CA   1 
ATOM 976  C C    . GLY A 1 65 ? -7.602  2.703   -1.111  1.00 23.00 ? 66 GLY A C    1 
ATOM 977  O O    . GLY A 1 65 ? -7.860  3.718   -1.730  1.00 24.42 ? 66 GLY A O    1 
ATOM 978  H H    . GLY A 1 65 ? -7.884  0.611   1.181   1.00 0.00  ? 66 GLY A H    1 
ATOM 979  H HA2  . GLY A 1 65 ? -9.558  1.835   -0.866  1.00 0.00  ? 66 GLY A HA2  1 
ATOM 980  H HA3  . GLY A 1 65 ? -8.935  2.637   0.575   1.00 0.00  ? 66 GLY A HA3  1 
ATOM 981  N N    . LEU A 1 66 ? -6.401  2.172   -1.148  1.00 24.67 ? 67 LEU A N    1 
ATOM 982  C CA   . LEU A 1 66 ? -5.317  2.803   -1.953  1.00 25.06 ? 67 LEU A CA   1 
ATOM 983  C C    . LEU A 1 66 ? -4.973  1.930   -3.169  1.00 24.86 ? 67 LEU A C    1 
ATOM 984  O O    . LEU A 1 66 ? -4.284  2.368   -4.071  1.00 26.20 ? 67 LEU A O    1 
ATOM 985  C CB   . LEU A 1 66 ? -4.126  2.891   -0.999  1.00 25.43 ? 67 LEU A CB   1 
ATOM 986  C CG   . LEU A 1 66 ? -3.097  3.879   -1.553  1.00 30.66 ? 67 LEU A CG   1 
ATOM 987  C CD1  . LEU A 1 66 ? -2.396  4.586   -0.391  1.00 30.09 ? 67 LEU A CD1  1 
ATOM 988  C CD2  . LEU A 1 66 ? -2.061  3.122   -2.393  1.00 35.38 ? 67 LEU A CD2  1 
ATOM 989  H H    . LEU A 1 66 ? -6.212  1.357   -0.651  1.00 0.00  ? 67 LEU A H    1 
ATOM 990  H HA   . LEU A 1 66 ? -5.609  3.791   -2.269  1.00 0.00  ? 67 LEU A HA   1 
ATOM 991  H HB2  . LEU A 1 66 ? -4.465  3.229   -0.031  1.00 0.00  ? 67 LEU A HB2  1 
ATOM 992  H HB3  . LEU A 1 66 ? -3.670  1.917   -0.902  1.00 0.00  ? 67 LEU A HB3  1 
ATOM 993  H HG   . LEU A 1 66 ? -3.599  4.611   -2.169  1.00 0.00  ? 67 LEU A HG   1 
ATOM 994  H HD11 . LEU A 1 66 ? -3.118  5.166   0.166   1.00 0.00  ? 67 LEU A HD11 1 
ATOM 995  H HD12 . LEU A 1 66 ? -1.630  5.242   -0.777  1.00 0.00  ? 67 LEU A HD12 1 
ATOM 996  H HD13 . LEU A 1 66 ? -1.946  3.851   0.259   1.00 0.00  ? 67 LEU A HD13 1 
ATOM 997  H HD21 . LEU A 1 66 ? -2.310  3.216   -3.439  1.00 0.00  ? 67 LEU A HD21 1 
ATOM 998  H HD22 . LEU A 1 66 ? -2.064  2.079   -2.115  1.00 0.00  ? 67 LEU A HD22 1 
ATOM 999  H HD23 . LEU A 1 66 ? -1.081  3.538   -2.218  1.00 0.00  ? 67 LEU A HD23 1 
ATOM 1000 N N    . ILE A 1 67 ? -5.455  0.709   -3.209  1.00 24.93 ? 68 ILE A N    1 
ATOM 1001 C CA   . ILE A 1 67 ? -5.163  -0.174  -4.373  1.00 24.13 ? 68 ILE A CA   1 
ATOM 1002 C C    . ILE A 1 67 ? -6.379  -0.166  -5.297  1.00 24.54 ? 68 ILE A C    1 
ATOM 1003 O O    . ILE A 1 67 ? -6.291  0.153   -6.465  1.00 22.99 ? 68 ILE A O    1 
ATOM 1004 C CB   . ILE A 1 67 ? -4.934  -1.567  -3.776  1.00 22.39 ? 68 ILE A CB   1 
ATOM 1005 C CG1  . ILE A 1 67 ? -3.721  -1.531  -2.829  1.00 25.12 ? 68 ILE A CG1  1 
ATOM 1006 C CG2  . ILE A 1 67 ? -4.686  -2.585  -4.898  1.00 21.49 ? 68 ILE A CG2  1 
ATOM 1007 C CD1  . ILE A 1 67 ? -2.458  -1.113  -3.594  1.00 22.19 ? 68 ILE A CD1  1 
ATOM 1008 H H    . ILE A 1 67 ? -6.019  0.376   -2.485  1.00 0.00  ? 68 ILE A H    1 
ATOM 1009 H HA   . ILE A 1 67 ? -4.270  0.173   -4.870  1.00 0.00  ? 68 ILE A HA   1 
ATOM 1010 H HB   . ILE A 1 67 ? -5.811  -1.862  -3.220  1.00 0.00  ? 68 ILE A HB   1 
ATOM 1011 H HG12 . ILE A 1 67 ? -3.908  -0.822  -2.037  1.00 0.00  ? 68 ILE A HG12 1 
ATOM 1012 H HG13 . ILE A 1 67 ? -3.571  -2.511  -2.402  1.00 0.00  ? 68 ILE A HG13 1 
ATOM 1013 H HG21 . ILE A 1 67 ? -3.892  -3.258  -4.608  1.00 0.00  ? 68 ILE A HG21 1 
ATOM 1014 H HG22 . ILE A 1 67 ? -4.404  -2.064  -5.802  1.00 0.00  ? 68 ILE A HG22 1 
ATOM 1015 H HG23 . ILE A 1 67 ? -5.588  -3.150  -5.076  1.00 0.00  ? 68 ILE A HG23 1 
ATOM 1016 H HD11 . ILE A 1 67 ? -1.590  -1.278  -2.974  1.00 0.00  ? 68 ILE A HD11 1 
ATOM 1017 H HD12 . ILE A 1 67 ? -2.523  -0.067  -3.852  1.00 0.00  ? 68 ILE A HD12 1 
ATOM 1018 H HD13 . ILE A 1 67 ? -2.373  -1.702  -4.496  1.00 0.00  ? 68 ILE A HD13 1 
ATOM 1019 N N    . GLU A 1 68 ? -7.524  -0.501  -4.752  1.00 26.89 ? 69 GLU A N    1 
ATOM 1020 C CA   . GLU A 1 68 ? -8.780  -0.500  -5.558  1.00 27.43 ? 69 GLU A CA   1 
ATOM 1021 C C    . GLU A 1 68 ? -9.052  0.916   -6.065  1.00 26.68 ? 69 GLU A C    1 
ATOM 1022 O O    . GLU A 1 68 ? -9.300  1.131   -7.236  1.00 27.90 ? 69 GLU A O    1 
ATOM 1023 C CB   . GLU A 1 68 ? -9.878  -0.935  -4.585  1.00 28.31 ? 69 GLU A CB   1 
ATOM 1024 C CG   . GLU A 1 68 ? -11.055 -1.514  -5.374  1.00 35.28 ? 69 GLU A CG   1 
ATOM 1025 C CD   . GLU A 1 68 ? -12.167 -1.956  -4.413  1.00 48.15 ? 69 GLU A CD   1 
ATOM 1026 O OE1  . GLU A 1 68 ? -11.873 -2.189  -3.251  1.00 47.39 ? 69 GLU A OE1  1 
ATOM 1027 O OE2  . GLU A 1 68 ? -13.298 -2.059  -4.860  1.00 54.09 ? 69 GLU A OE2  1 
ATOM 1028 H H    . GLU A 1 68 ? -7.554  -0.739  -3.802  1.00 0.00  ? 69 GLU A H    1 
ATOM 1029 H HA   . GLU A 1 68 ? -8.718  -1.199  -6.377  1.00 0.00  ? 69 GLU A HA   1 
ATOM 1030 H HB2  . GLU A 1 68 ? -9.488  -1.686  -3.913  1.00 0.00  ? 69 GLU A HB2  1 
ATOM 1031 H HB3  . GLU A 1 68 ? -10.214 -0.082  -4.016  1.00 0.00  ? 69 GLU A HB3  1 
ATOM 1032 H HG2  . GLU A 1 68 ? -11.440 -0.763  -6.047  1.00 0.00  ? 69 GLU A HG2  1 
ATOM 1033 H HG3  . GLU A 1 68 ? -10.716 -2.366  -5.942  1.00 0.00  ? 69 GLU A HG3  1 
ATOM 1034 N N    . VAL A 1 69 ? -9.000  1.886   -5.182  1.00 26.42 ? 70 VAL A N    1 
ATOM 1035 C CA   . VAL A 1 69 ? -9.249  3.300   -5.599  1.00 27.41 ? 70 VAL A CA   1 
ATOM 1036 C C    . VAL A 1 69 ? -8.226  3.715   -6.658  1.00 27.32 ? 70 VAL A C    1 
ATOM 1037 O O    . VAL A 1 69 ? -8.563  4.379   -7.621  1.00 27.65 ? 70 VAL A O    1 
ATOM 1038 C CB   . VAL A 1 69 ? -9.086  4.137   -4.324  1.00 27.03 ? 70 VAL A CB   1 
ATOM 1039 C CG1  . VAL A 1 69 ? -9.315  5.617   -4.644  1.00 29.62 ? 70 VAL A CG1  1 
ATOM 1040 C CG2  . VAL A 1 69 ? -10.113 3.682   -3.284  1.00 27.44 ? 70 VAL A CG2  1 
ATOM 1041 H H    . VAL A 1 69 ? -8.801  1.683   -4.242  1.00 0.00  ? 70 VAL A H    1 
ATOM 1042 H HA   . VAL A 1 69 ? -10.250 3.412   -5.985  1.00 0.00  ? 70 VAL A HA   1 
ATOM 1043 H HB   . VAL A 1 69 ? -8.089  4.003   -3.933  1.00 0.00  ? 70 VAL A HB   1 
ATOM 1044 H HG11 . VAL A 1 69 ? -9.438  6.169   -3.724  1.00 0.00  ? 70 VAL A HG11 1 
ATOM 1045 H HG12 . VAL A 1 69 ? -10.203 5.722   -5.249  1.00 0.00  ? 70 VAL A HG12 1 
ATOM 1046 H HG13 . VAL A 1 69 ? -8.464  6.004   -5.184  1.00 0.00  ? 70 VAL A HG13 1 
ATOM 1047 H HG21 . VAL A 1 69 ? -11.049 3.459   -3.775  1.00 0.00  ? 70 VAL A HG21 1 
ATOM 1048 H HG22 . VAL A 1 69 ? -10.265 4.469   -2.560  1.00 0.00  ? 70 VAL A HG22 1 
ATOM 1049 H HG23 . VAL A 1 69 ? -9.749  2.797   -2.782  1.00 0.00  ? 70 VAL A HG23 1 
ATOM 1050 N N    . ASN A 1 70 ? -6.982  3.317   -6.504  1.00 26.18 ? 71 ASN A N    1 
ATOM 1051 C CA   . ASN A 1 70 ? -5.957  3.685   -7.533  1.00 25.74 ? 71 ASN A CA   1 
ATOM 1052 C C    . ASN A 1 70 ? -5.666  2.474   -8.433  1.00 25.45 ? 71 ASN A C    1 
ATOM 1053 O O    . ASN A 1 70 ? -4.588  2.328   -8.964  1.00 25.09 ? 71 ASN A O    1 
ATOM 1054 C CB   . ASN A 1 70 ? -4.714  4.088   -6.740  1.00 25.00 ? 71 ASN A CB   1 
ATOM 1055 C CG   . ASN A 1 70 ? -5.038  5.298   -5.861  1.00 27.68 ? 71 ASN A CG   1 
ATOM 1056 O OD1  . ASN A 1 70 ? -5.871  6.112   -6.212  1.00 29.01 ? 71 ASN A OD1  1 
ATOM 1057 N ND2  . ASN A 1 70 ? -4.414  5.452   -4.727  1.00 19.77 ? 71 ASN A ND2  1 
ATOM 1058 H H    . ASN A 1 70 ? -6.723  2.765   -5.724  1.00 0.00  ? 71 ASN A H    1 
ATOM 1059 H HA   . ASN A 1 70 ? -6.313  4.515   -8.122  1.00 0.00  ? 71 ASN A HA   1 
ATOM 1060 H HB2  . ASN A 1 70 ? -4.400  3.263   -6.118  1.00 0.00  ? 71 ASN A HB2  1 
ATOM 1061 H HB3  . ASN A 1 70 ? -3.919  4.345   -7.424  1.00 0.00  ? 71 ASN A HB3  1 
ATOM 1062 H HD21 . ASN A 1 70 ? -3.744  4.795   -4.444  1.00 0.00  ? 71 ASN A HD21 1 
ATOM 1063 H HD22 . ASN A 1 70 ? -4.615  6.223   -4.157  1.00 0.00  ? 71 ASN A HD22 1 
ATOM 1064 N N    . GLU A 1 71 ? -6.623  1.597   -8.573  1.00 24.40 ? 72 GLU A N    1 
ATOM 1065 C CA   . GLU A 1 71 ? -6.429  0.368   -9.404  1.00 28.90 ? 72 GLU A CA   1 
ATOM 1066 C C    . GLU A 1 71 ? -6.038  0.710   -10.853 1.00 30.66 ? 72 GLU A C    1 
ATOM 1067 O O    . GLU A 1 71 ? -5.159  0.093   -11.422 1.00 29.62 ? 72 GLU A O    1 
ATOM 1068 C CB   . GLU A 1 71 ? -7.792  -0.330  -9.375  1.00 30.47 ? 72 GLU A CB   1 
ATOM 1069 C CG   . GLU A 1 71 ? -7.713  -1.641  -10.156 1.00 36.79 ? 72 GLU A CG   1 
ATOM 1070 C CD   . GLU A 1 71 ? -9.070  -2.358  -10.131 1.00 43.79 ? 72 GLU A CD   1 
ATOM 1071 O OE1  . GLU A 1 71 ? -9.865  -2.063  -9.251  1.00 48.57 ? 72 GLU A OE1  1 
ATOM 1072 O OE2  . GLU A 1 71 ? -9.290  -3.189  -10.996 1.00 43.88 ? 72 GLU A OE2  1 
ATOM 1073 H H    . GLU A 1 71 ? -7.466  1.737   -8.096  1.00 0.00  ? 72 GLU A H    1 
ATOM 1074 H HA   . GLU A 1 71 ? -5.689  -0.275  -8.958  1.00 0.00  ? 72 GLU A HA   1 
ATOM 1075 H HB2  . GLU A 1 71 ? -8.069  -0.536  -8.351  1.00 0.00  ? 72 GLU A HB2  1 
ATOM 1076 H HB3  . GLU A 1 71 ? -8.535  0.310   -9.826  1.00 0.00  ? 72 GLU A HB3  1 
ATOM 1077 H HG2  . GLU A 1 71 ? -7.436  -1.428  -11.179 1.00 0.00  ? 72 GLU A HG2  1 
ATOM 1078 H HG3  . GLU A 1 71 ? -6.965  -2.274  -9.706  1.00 0.00  ? 72 GLU A HG3  1 
ATOM 1079 N N    . LYS A 1 72 ? -6.708  1.651   -11.462 1.00 31.63 ? 73 LYS A N    1 
ATOM 1080 C CA   . LYS A 1 72 ? -6.404  2.000   -12.892 1.00 33.35 ? 73 LYS A CA   1 
ATOM 1081 C C    . LYS A 1 72 ? -4.993  2.588   -13.070 1.00 33.51 ? 73 LYS A C    1 
ATOM 1082 O O    . LYS A 1 72 ? -4.241  2.164   -13.925 1.00 35.37 ? 73 LYS A O    1 
ATOM 1083 C CB   . LYS A 1 72 ? -7.451  3.048   -13.273 1.00 34.43 ? 73 LYS A CB   1 
ATOM 1084 C CG   . LYS A 1 72 ? -8.829  2.390   -13.366 1.00 36.89 ? 73 LYS A CG   1 
ATOM 1085 C CD   . LYS A 1 72 ? -9.871  3.443   -13.747 1.00 44.38 ? 73 LYS A CD   1 
ATOM 1086 C CE   . LYS A 1 72 ? -11.251 2.787   -13.842 1.00 45.72 ? 73 LYS A CE   1 
ATOM 1087 N NZ   . LYS A 1 72 ? -12.151 3.861   -14.348 1.00 50.17 ? 73 LYS A NZ   1 
ATOM 1088 H H    . LYS A 1 72 ? -7.435  2.108   -10.990 1.00 0.00  ? 73 LYS A H    1 
ATOM 1089 H HA   . LYS A 1 72 ? -6.534  1.129   -13.513 1.00 0.00  ? 73 LYS A HA   1 
ATOM 1090 H HB2  . LYS A 1 72 ? -7.473  3.824   -12.521 1.00 0.00  ? 73 LYS A HB2  1 
ATOM 1091 H HB3  . LYS A 1 72 ? -7.196  3.481   -14.229 1.00 0.00  ? 73 LYS A HB3  1 
ATOM 1092 H HG2  . LYS A 1 72 ? -8.806  1.614   -14.118 1.00 0.00  ? 73 LYS A HG2  1 
ATOM 1093 H HG3  . LYS A 1 72 ? -9.088  1.960   -12.410 1.00 0.00  ? 73 LYS A HG3  1 
ATOM 1094 H HD2  . LYS A 1 72 ? -9.890  4.219   -12.995 1.00 0.00  ? 73 LYS A HD2  1 
ATOM 1095 H HD3  . LYS A 1 72 ? -9.614  3.874   -14.703 1.00 0.00  ? 73 LYS A HD3  1 
ATOM 1096 H HE2  . LYS A 1 72 ? -11.224 1.957   -14.533 1.00 0.00  ? 73 LYS A HE2  1 
ATOM 1097 H HE3  . LYS A 1 72 ? -11.579 2.459   -12.867 1.00 0.00  ? 73 LYS A HE3  1 
ATOM 1098 H HZ1  . LYS A 1 72 ? -12.240 4.607   -13.631 1.00 0.00  ? 73 LYS A HZ1  1 
ATOM 1099 H HZ2  . LYS A 1 72 ? -13.090 3.459   -14.549 1.00 0.00  ? 73 LYS A HZ2  1 
ATOM 1100 H HZ3  . LYS A 1 72 ? -11.753 4.265   -15.218 1.00 0.00  ? 73 LYS A HZ3  1 
ATOM 1101 N N    . GLU A 1 73 ? -4.656  3.590   -12.301 0.50 33.79 ? 74 GLU A N    1 
ATOM 1102 C CA   . GLU A 1 73 ? -3.321  4.255   -12.443 0.50 34.39 ? 74 GLU A CA   1 
ATOM 1103 C C    . GLU A 1 73 ? -2.172  3.353   -11.974 0.50 33.18 ? 74 GLU A C    1 
ATOM 1104 O O    . GLU A 1 73 ? -1.144  3.275   -12.623 0.50 32.91 ? 74 GLU A O    1 
ATOM 1105 C CB   . GLU A 1 73 ? -3.408  5.528   -11.587 0.50 34.07 ? 74 GLU A CB   1 
ATOM 1106 C CG   . GLU A 1 73 ? -3.583  5.171   -10.106 0.50 41.39 ? 74 GLU A CG   1 
ATOM 1107 C CD   . GLU A 1 73 ? -3.866  6.443   -9.305  0.50 47.36 ? 74 GLU A CD   1 
ATOM 1108 O OE1  . GLU A 1 73 ? -3.300  7.469   -9.642  0.50 52.12 ? 74 GLU A OE1  1 
ATOM 1109 O OE2  . GLU A 1 73 ? -4.644  6.368   -8.367  0.50 51.48 ? 74 GLU A OE2  1 
ATOM 1110 H H    . GLU A 1 73 ? -5.296  3.926   -11.656 1.00 0.00  ? 74 GLU A H    1 
ATOM 1111 H HA   . GLU A 1 73 ? -3.164  4.533   -13.473 1.00 0.00  ? 74 GLU A HA   1 
ATOM 1112 H HB2  . GLU A 1 73 ? -2.505  6.100   -11.711 1.00 0.00  ? 74 GLU A HB2  1 
ATOM 1113 H HB3  . GLU A 1 73 ? -4.252  6.118   -11.913 1.00 0.00  ? 74 GLU A HB3  1 
ATOM 1114 H HG2  . GLU A 1 73 ? -4.407  4.482   -9.993  1.00 0.00  ? 74 GLU A HG2  1 
ATOM 1115 H HG3  . GLU A 1 73 ? -2.678  4.712   -9.737  1.00 0.00  ? 74 GLU A HG3  1 
ATOM 1116 N N    . LEU A 1 74 ? -2.326  2.676   -10.863 1.00 31.83 ? 75 LEU A N    1 
ATOM 1117 C CA   . LEU A 1 74 ? -1.223  1.791   -10.378 1.00 32.07 ? 75 LEU A CA   1 
ATOM 1118 C C    . LEU A 1 74 ? -1.045  0.648   -11.373 1.00 32.31 ? 75 LEU A C    1 
ATOM 1119 O O    . LEU A 1 74 ? 0.055   0.294   -11.742 1.00 31.17 ? 75 LEU A O    1 
ATOM 1120 C CB   . LEU A 1 74 ? -1.674  1.275   -9.011  1.00 30.82 ? 75 LEU A CB   1 
ATOM 1121 C CG   . LEU A 1 74 ? -1.653  2.422   -8.000  1.00 30.31 ? 75 LEU A CG   1 
ATOM 1122 C CD1  . LEU A 1 74 ? -2.329  1.974   -6.704  1.00 28.77 ? 75 LEU A CD1  1 
ATOM 1123 C CD2  . LEU A 1 74 ? -0.203  2.816   -7.707  1.00 29.10 ? 75 LEU A CD2  1 
ATOM 1124 H H    . LEU A 1 74 ? -3.157  2.748   -10.358 1.00 0.00  ? 75 LEU A H    1 
ATOM 1125 H HA   . LEU A 1 74 ? -0.316  2.368   -10.289 1.00 0.00  ? 75 LEU A HA   1 
ATOM 1126 H HB2  . LEU A 1 74 ? -2.676  0.879   -9.087  1.00 0.00  ? 75 LEU A HB2  1 
ATOM 1127 H HB3  . LEU A 1 74 ? -1.003  0.497   -8.681  1.00 0.00  ? 75 LEU A HB3  1 
ATOM 1128 H HG   . LEU A 1 74 ? -2.184  3.271   -8.408  1.00 0.00  ? 75 LEU A HG   1 
ATOM 1129 H HD11 . LEU A 1 74 ? -1.717  1.229   -6.217  1.00 0.00  ? 75 LEU A HD11 1 
ATOM 1130 H HD12 . LEU A 1 74 ? -3.297  1.552   -6.930  1.00 0.00  ? 75 LEU A HD12 1 
ATOM 1131 H HD13 . LEU A 1 74 ? -2.452  2.823   -6.049  1.00 0.00  ? 75 LEU A HD13 1 
ATOM 1132 H HD21 . LEU A 1 74 ? 0.184   3.404   -8.527  1.00 0.00  ? 75 LEU A HD21 1 
ATOM 1133 H HD22 . LEU A 1 74 ? 0.396   1.925   -7.589  1.00 0.00  ? 75 LEU A HD22 1 
ATOM 1134 H HD23 . LEU A 1 74 ? -0.165  3.399   -6.798  1.00 0.00  ? 75 LEU A HD23 1 
ATOM 1135 N N    . ASP A 1 75 ? -2.135  0.088   -11.823 1.00 33.76 ? 76 ASP A N    1 
ATOM 1136 C CA   . ASP A 1 75 ? -2.058  -1.018  -12.820 1.00 37.98 ? 76 ASP A CA   1 
ATOM 1137 C C    . ASP A 1 75 ? -1.425  -0.477  -14.105 1.00 38.76 ? 76 ASP A C    1 
ATOM 1138 O O    . ASP A 1 75 ? -0.723  -1.180  -14.808 1.00 41.48 ? 76 ASP A O    1 
ATOM 1139 C CB   . ASP A 1 75 ? -3.504  -1.455  -13.062 1.00 37.81 ? 76 ASP A CB   1 
ATOM 1140 C CG   . ASP A 1 75 ? -3.522  -2.707  -13.943 1.00 41.38 ? 76 ASP A CG   1 
ATOM 1141 O OD1  . ASP A 1 75 ? -2.678  -2.807  -14.817 1.00 42.45 ? 76 ASP A OD1  1 
ATOM 1142 O OD2  . ASP A 1 75 ? -4.382  -3.546  -13.728 1.00 46.96 ? 76 ASP A OD2  1 
ATOM 1143 H H    . ASP A 1 75 ? -3.001  0.416   -11.504 1.00 0.00  ? 76 ASP A H    1 
ATOM 1144 H HA   . ASP A 1 75 ? -1.476  -1.837  -12.429 1.00 0.00  ? 76 ASP A HA   1 
ATOM 1145 H HB2  . ASP A 1 75 ? -3.975  -1.675  -12.115 1.00 0.00  ? 76 ASP A HB2  1 
ATOM 1146 H HB3  . ASP A 1 75 ? -4.042  -0.662  -13.557 1.00 0.00  ? 76 ASP A HB3  1 
ATOM 1147 N N    . ALA A 1 76 ? -1.667  0.776   -14.407 1.00 38.92 ? 77 ALA A N    1 
ATOM 1148 C CA   . ALA A 1 76 ? -1.078  1.383   -15.643 1.00 40.76 ? 77 ALA A CA   1 
ATOM 1149 C C    . ALA A 1 76 ? 0.444   1.549   -15.507 1.00 41.02 ? 77 ALA A C    1 
ATOM 1150 O O    . ALA A 1 76 ? 1.131   1.747   -16.492 1.00 42.71 ? 77 ALA A O    1 
ATOM 1151 C CB   . ALA A 1 76 ? -1.760  2.745   -15.791 1.00 39.67 ? 77 ALA A CB   1 
ATOM 1152 H H    . ALA A 1 76 ? -2.242  1.322   -13.817 1.00 0.00  ? 77 ALA A H    1 
ATOM 1153 H HA   . ALA A 1 76 ? -1.277  0.774   -16.510 1.00 0.00  ? 77 ALA A HA   1 
ATOM 1154 H HB1  . ALA A 1 76 ? -1.149  3.387   -16.409 1.00 0.00  ? 77 ALA A HB1  1 
ATOM 1155 H HB2  . ALA A 1 76 ? -1.883  3.193   -14.817 1.00 0.00  ? 77 ALA A HB2  1 
ATOM 1156 H HB3  . ALA A 1 76 ? -2.727  2.615   -16.253 1.00 0.00  ? 77 ALA A HB3  1 
ATOM 1157 N N    . THR A 1 77 ? 0.986   1.465   -14.311 1.00 38.71 ? 78 THR A N    1 
ATOM 1158 C CA   . THR A 1 77 ? 2.475   1.613   -14.148 1.00 36.64 ? 78 THR A CA   1 
ATOM 1159 C C    . THR A 1 77 ? 3.217   0.619   -15.051 1.00 37.08 ? 78 THR A C    1 
ATOM 1160 O O    . THR A 1 77 ? 4.299   0.897   -15.535 1.00 35.90 ? 78 THR A O    1 
ATOM 1161 C CB   . THR A 1 77 ? 2.767   1.292   -12.678 1.00 35.99 ? 78 THR A CB   1 
ATOM 1162 O OG1  . THR A 1 77 ? 2.396   -0.051  -12.405 1.00 29.85 ? 78 THR A OG1  1 
ATOM 1163 C CG2  . THR A 1 77 ? 1.985   2.243   -11.766 1.00 35.18 ? 78 THR A CG2  1 
ATOM 1164 H H    . THR A 1 77 ? 0.426   1.306   -13.524 1.00 0.00  ? 78 THR A H    1 
ATOM 1165 H HA   . THR A 1 77 ? 2.795   2.620   -14.367 1.00 0.00  ? 78 THR A HA   1 
ATOM 1166 H HB   . THR A 1 77 ? 3.823   1.413   -12.491 1.00 0.00  ? 78 THR A HB   1 
ATOM 1167 H HG1  . THR A 1 77 ? 1.452   -0.136  -12.560 1.00 0.00  ? 78 THR A HG1  1 
ATOM 1168 H HG21 . THR A 1 77 ? 1.594   1.693   -10.924 1.00 0.00  ? 78 THR A HG21 1 
ATOM 1169 H HG22 . THR A 1 77 ? 1.170   2.687   -12.318 1.00 0.00  ? 78 THR A HG22 1 
ATOM 1170 H HG23 . THR A 1 77 ? 2.644   3.022   -11.412 1.00 0.00  ? 78 THR A HG23 1 
ATOM 1171 N N    . THR A 1 78 ? 2.642   -0.535  -15.277 1.00 38.63 ? 79 THR A N    1 
ATOM 1172 C CA   . THR A 1 78 ? 3.307   -1.551  -16.148 1.00 40.81 ? 79 THR A CA   1 
ATOM 1173 C CB   . THR A 1 78 ? 3.266   -2.860  -15.350 1.00 40.40 ? 79 THR A CB   1 
ATOM 1174 O OG1  . THR A 1 78 ? 3.849   -3.899  -16.122 1.00 43.55 ? 79 THR A OG1  1 
ATOM 1175 C CG2  . THR A 1 78 ? 1.817   -3.228  -15.011 1.00 42.48 ? 79 THR A CG2  1 
ATOM 1176 H H    . THR A 1 78 ? 1.770   -0.733  -14.875 1.00 0.00  ? 79 THR A H    1 
ATOM 1177 H HA   . THR A 1 78 ? 4.331   -1.269  -16.335 1.00 0.00  ? 79 THR A HA   1 
ATOM 1178 H HB   . THR A 1 78 ? 3.824   -2.738  -14.433 1.00 0.00  ? 79 THR A HB   1 
ATOM 1179 H HG1  . THR A 1 78 ? 3.317   -4.015  -16.913 1.00 0.00  ? 79 THR A HG1  1 
ATOM 1180 H HG21 . THR A 1 78 ? 1.146   -2.707  -15.677 1.00 0.00  ? 79 THR A HG21 1 
ATOM 1181 H HG22 . THR A 1 78 ? 1.603   -2.944  -13.991 1.00 0.00  ? 79 THR A HG22 1 
ATOM 1182 H HG23 . THR A 1 78 ? 1.681   -4.293  -15.122 1.00 0.00  ? 79 THR A HG23 1 
# 
